data_4P1X
#
_entry.id   4P1X
#
_cell.length_a   193.310
_cell.length_b   193.160
_cell.length_c   116.380
_cell.angle_alpha   90.00
_cell.angle_beta   118.94
_cell.angle_gamma   90.00
#
_symmetry.space_group_name_H-M   'C 1 2 1'
#
loop_
_entity.id
_entity.type
_entity.pdbx_description
1 polymer 'Gamma-hemolysin component C'
2 polymer 'Gamma-hemolysin component B'
3 non-polymer (4S)-2-METHYL-2,4-PENTANEDIOL
4 water water
#
loop_
_entity_poly.entity_id
_entity_poly.type
_entity_poly.pdbx_seq_one_letter_code
_entity_poly.pdbx_strand_id
1 'polypeptide(L)'
;MGHHHHHHAMANDTEDIGKGSDIEIIKRTEDKTSNKWGVTQNIQFDFVKDKKYNKDALILKMQGFISSRTTYYNYKKTNH
VKAMRWPFQYNIGLKTNDKYVSLINYLPKNKIESTNVSQTLGYNIGGNFQSAPSLGGNGSFNYSKSISYTQQNYVSEVEQ
QNSKSVLWGVKANSFATESGQKSAFDSDLFVGYKPHSKDPRDYFVPDSELPPLVQSGFNPSFIATVSHEKGSSDTSEFEI
TYGRNMDVTHAIKRSTHYGNSYLDGHRVHNAFVNRNYTVKYEVNWKTHEIKVKGQN
;
B,D,F,H
2 'polypeptide(L)'
;MGHHHHHHAMEGKITPVSVKKVDDKVTLYKTTATADSDKFKISQILTFNFIKDKSYDKDTLVLKATGNINSGFVKPNPND
YDFSKLYWGAKYNVSISSQSNDSVNVVDYAPKNQNEEFQVQNTLGYTFGGDISISNGLSGGLNGNTAFSETINYKQESYR
TTLSRNTNYKNVGWGVEAHKIMNNGWGPYGRDSFHPTYGNELFLAGRQSSAYAGQNFIAQHQMPLLSRSNFNPEFLSVLS
HRQDGAKKSKITVTYQREMDLYQIRWNGFYWAGANYKNFKTRTFKSTYEIDWENHKVKLLDTKETENNK
;
A,C,E,G
#
# COMPACT_ATOMS: atom_id res chain seq x y z
N ASP A 22 -20.30 -17.15 28.70
CA ASP A 22 -20.31 -15.80 28.17
C ASP A 22 -21.37 -15.65 27.04
N ILE A 23 -21.07 -16.23 25.87
CA ILE A 23 -21.99 -16.24 24.74
C ILE A 23 -22.24 -17.66 24.27
N GLU A 24 -23.50 -18.08 24.26
CA GLU A 24 -23.88 -19.37 23.67
C GLU A 24 -24.68 -19.10 22.39
N ILE A 25 -24.37 -19.80 21.31
CA ILE A 25 -25.17 -19.73 20.09
C ILE A 25 -25.89 -21.04 19.80
N ILE A 26 -27.18 -20.98 19.50
CA ILE A 26 -27.90 -22.15 19.02
C ILE A 26 -28.27 -21.95 17.55
N LYS A 27 -27.72 -22.81 16.69
CA LYS A 27 -27.84 -22.65 15.25
C LYS A 27 -28.98 -23.54 14.66
N ARG A 28 -29.76 -22.97 13.75
CA ARG A 28 -30.77 -23.70 13.00
C ARG A 28 -30.74 -23.24 11.54
N THR A 29 -31.17 -24.12 10.64
CA THR A 29 -31.20 -23.77 9.22
C THR A 29 -32.49 -24.24 8.60
N GLU A 30 -32.96 -23.49 7.61
CA GLU A 30 -34.05 -23.97 6.79
C GLU A 30 -33.75 -23.62 5.37
N ASP A 31 -34.14 -24.51 4.46
CA ASP A 31 -33.92 -24.30 3.03
C ASP A 31 -35.18 -24.63 2.23
N LYS A 32 -35.71 -23.64 1.56
CA LYS A 32 -36.99 -23.77 0.93
C LYS A 32 -36.89 -23.29 -0.48
N THR A 33 -37.37 -24.11 -1.42
CA THR A 33 -37.33 -23.76 -2.83
C THR A 33 -38.75 -23.64 -3.41
N SER A 34 -38.94 -22.70 -4.32
CA SER A 34 -40.20 -22.59 -5.05
C SER A 34 -39.91 -22.65 -6.51
N ASN A 35 -40.48 -23.66 -7.15
CA ASN A 35 -40.38 -23.80 -8.58
C ASN A 35 -41.17 -22.73 -9.27
N LYS A 36 -42.37 -22.44 -8.79
CA LYS A 36 -43.15 -21.38 -9.42
C LYS A 36 -42.33 -20.09 -9.48
N TRP A 37 -41.69 -19.75 -8.37
CA TRP A 37 -41.02 -18.47 -8.28
C TRP A 37 -39.56 -18.49 -8.71
N GLY A 38 -38.95 -19.67 -8.82
CA GLY A 38 -37.53 -19.76 -9.16
C GLY A 38 -36.71 -19.09 -8.06
N VAL A 39 -36.96 -19.49 -6.82
CA VAL A 39 -36.30 -18.91 -5.64
C VAL A 39 -35.98 -20.01 -4.66
N THR A 40 -34.77 -19.96 -4.10
CA THR A 40 -34.40 -20.78 -2.95
C THR A 40 -33.96 -19.85 -1.82
N GLN A 41 -34.55 -20.07 -0.65
CA GLN A 41 -34.22 -19.37 0.57
C GLN A 41 -33.34 -20.27 1.41
N ASN A 42 -32.13 -19.81 1.68
CA ASN A 42 -31.22 -20.50 2.58
C ASN A 42 -31.13 -19.66 3.85
N ILE A 43 -31.85 -20.07 4.89
CA ILE A 43 -32.01 -19.22 6.04
C ILE A 43 -31.27 -19.82 7.20
N GLN A 44 -30.51 -18.98 7.92
CA GLN A 44 -29.85 -19.43 9.13
C GLN A 44 -30.30 -18.62 10.32
N PHE A 45 -30.59 -19.33 11.41
CA PHE A 45 -31.16 -18.75 12.63
C PHE A 45 -30.18 -18.99 13.73
N ASP A 46 -29.57 -17.93 14.23
CA ASP A 46 -28.68 -18.06 15.36
C ASP A 46 -29.29 -17.42 16.61
N PHE A 47 -29.73 -18.25 17.54
CA PHE A 47 -30.25 -17.77 18.80
C PHE A 47 -29.07 -17.42 19.67
N VAL A 48 -29.07 -16.19 20.20
CA VAL A 48 -27.94 -15.69 20.97
C VAL A 48 -28.27 -15.64 22.46
N LYS A 49 -27.44 -16.30 23.25
CA LYS A 49 -27.61 -16.24 24.69
C LYS A 49 -26.37 -15.54 25.22
N ASP A 50 -26.49 -14.22 25.36
CA ASP A 50 -25.42 -13.36 25.88
C ASP A 50 -25.84 -13.06 27.31
N LYS A 51 -25.03 -13.44 28.29
CA LYS A 51 -25.37 -13.22 29.70
C LYS A 51 -25.43 -11.73 30.05
N LYS A 52 -24.74 -10.89 29.26
CA LYS A 52 -24.69 -9.46 29.51
C LYS A 52 -25.88 -8.72 28.88
N TYR A 53 -26.69 -9.42 28.11
CA TYR A 53 -27.87 -8.85 27.47
C TYR A 53 -29.16 -9.40 28.08
N ASN A 54 -30.12 -8.54 28.33
CA ASN A 54 -31.25 -8.91 29.18
C ASN A 54 -32.54 -9.27 28.42
N LYS A 55 -32.47 -9.36 27.09
CA LYS A 55 -33.58 -9.84 26.28
C LYS A 55 -33.14 -11.12 25.56
N ASP A 56 -34.05 -11.78 24.87
CA ASP A 56 -33.65 -12.87 23.98
C ASP A 56 -33.20 -12.22 22.68
N ALA A 57 -32.31 -12.89 21.97
CA ALA A 57 -31.85 -12.40 20.68
C ALA A 57 -31.78 -13.51 19.64
N LEU A 58 -32.02 -13.12 18.40
CA LEU A 58 -32.03 -14.03 17.27
C LEU A 58 -31.43 -13.28 16.09
N ILE A 59 -30.42 -13.87 15.44
CA ILE A 59 -29.83 -13.32 14.22
C ILE A 59 -30.30 -14.16 13.07
N LEU A 60 -30.80 -13.52 12.04
CA LEU A 60 -31.28 -14.19 10.86
C LEU A 60 -30.37 -13.85 9.72
N LYS A 61 -29.74 -14.88 9.16
CA LYS A 61 -28.90 -14.77 7.98
C LYS A 61 -29.70 -15.20 6.77
N MET A 62 -29.98 -14.23 5.93
CA MET A 62 -30.79 -14.45 4.77
C MET A 62 -29.94 -14.69 3.50
N GLN A 63 -29.82 -15.94 3.06
CA GLN A 63 -29.05 -16.21 1.84
C GLN A 63 -29.91 -17.01 0.91
N GLY A 64 -29.32 -17.52 -0.16
CA GLY A 64 -30.04 -18.36 -1.11
C GLY A 64 -29.82 -17.93 -2.51
N PHE A 65 -30.82 -18.11 -3.35
CA PHE A 65 -30.63 -17.84 -4.75
C PHE A 65 -31.96 -17.39 -5.36
N ILE A 66 -31.96 -16.26 -6.04
CA ILE A 66 -33.12 -15.85 -6.83
C ILE A 66 -32.68 -15.86 -8.30
N SER A 67 -33.28 -16.72 -9.12
CA SER A 67 -32.91 -16.78 -10.50
C SER A 67 -33.49 -15.56 -11.22
N SER A 68 -32.75 -15.08 -12.21
CA SER A 68 -33.11 -13.90 -12.93
C SER A 68 -34.44 -14.08 -13.67
N ARG A 69 -34.78 -15.33 -14.01
CA ARG A 69 -35.93 -15.66 -14.85
C ARG A 69 -35.94 -14.78 -16.11
N THR A 70 -34.76 -14.44 -16.57
CA THR A 70 -34.65 -13.71 -17.81
C THR A 70 -35.21 -14.55 -18.97
N THR A 71 -36.03 -13.95 -19.84
CA THR A 71 -36.61 -14.71 -20.96
C THR A 71 -36.79 -13.87 -22.22
N TYR A 72 -36.69 -14.51 -23.39
CA TYR A 72 -36.79 -13.82 -24.67
C TYR A 72 -37.99 -14.38 -25.44
N TYR A 73 -38.72 -13.53 -26.15
CA TYR A 73 -39.87 -14.00 -26.90
C TYR A 73 -40.25 -13.02 -28.01
N ASN A 74 -40.91 -13.58 -29.02
CA ASN A 74 -41.45 -12.79 -30.13
C ASN A 74 -42.65 -12.03 -29.66
N TYR A 75 -42.68 -10.74 -29.97
CA TYR A 75 -43.75 -9.86 -29.53
C TYR A 75 -45.02 -10.04 -30.36
N LYS A 76 -46.12 -10.39 -29.69
CA LYS A 76 -47.40 -10.63 -30.35
C LYS A 76 -47.24 -11.56 -31.55
N LYS A 77 -47.66 -11.10 -32.73
CA LYS A 77 -47.64 -11.91 -33.94
C LYS A 77 -46.70 -11.29 -34.96
N THR A 78 -46.02 -10.22 -34.55
CA THR A 78 -45.13 -9.47 -35.43
C THR A 78 -43.90 -10.30 -35.75
N ASN A 79 -43.07 -9.81 -36.67
CA ASN A 79 -41.86 -10.52 -37.04
C ASN A 79 -40.63 -9.64 -36.89
N HIS A 80 -40.83 -8.37 -36.57
CA HIS A 80 -39.73 -7.42 -36.54
C HIS A 80 -39.52 -6.86 -35.12
N VAL A 81 -40.33 -7.35 -34.18
CA VAL A 81 -40.32 -6.88 -32.78
C VAL A 81 -40.14 -8.05 -31.81
N LYS A 82 -39.01 -8.03 -31.10
CA LYS A 82 -38.76 -9.06 -30.10
C LYS A 82 -38.51 -8.48 -28.72
N ALA A 83 -38.68 -9.32 -27.70
CA ALA A 83 -38.71 -8.82 -26.35
C ALA A 83 -37.84 -9.66 -25.43
N MET A 84 -37.17 -8.95 -24.52
CA MET A 84 -36.41 -9.56 -23.43
C MET A 84 -36.98 -9.08 -22.09
N ARG A 85 -37.34 -10.04 -21.24
CA ARG A 85 -37.87 -9.72 -19.93
C ARG A 85 -36.79 -10.07 -18.95
N TRP A 86 -36.48 -9.13 -18.04
CA TRP A 86 -35.31 -9.25 -17.18
C TRP A 86 -35.46 -8.53 -15.82
N PRO A 87 -34.70 -8.99 -14.81
CA PRO A 87 -34.89 -8.48 -13.44
C PRO A 87 -34.18 -7.17 -13.19
N PHE A 88 -34.99 -6.12 -13.07
CA PHE A 88 -34.46 -4.79 -12.88
C PHE A 88 -34.11 -4.63 -11.40
N GLN A 89 -34.85 -5.34 -10.55
CA GLN A 89 -34.66 -5.19 -9.13
C GLN A 89 -34.93 -6.49 -8.40
N TYR A 90 -34.11 -6.81 -7.41
CA TYR A 90 -34.44 -7.94 -6.54
C TYR A 90 -34.98 -7.41 -5.24
N ASN A 91 -35.93 -8.16 -4.67
CA ASN A 91 -36.61 -7.78 -3.44
C ASN A 91 -36.25 -8.68 -2.28
N ILE A 92 -35.91 -8.08 -1.15
CA ILE A 92 -35.60 -8.91 0.02
C ILE A 92 -36.23 -8.25 1.23
N GLY A 93 -37.07 -8.98 1.98
CA GLY A 93 -37.84 -8.36 3.04
C GLY A 93 -38.07 -9.29 4.21
N LEU A 94 -38.13 -8.75 5.42
CA LEU A 94 -38.37 -9.55 6.61
C LEU A 94 -39.37 -8.81 7.47
N LYS A 95 -40.31 -9.55 8.04
CA LYS A 95 -41.26 -8.97 8.97
C LYS A 95 -41.76 -9.97 9.98
N THR A 96 -42.02 -9.46 11.17
CA THR A 96 -42.61 -10.28 12.23
C THR A 96 -43.98 -9.74 12.65
N ASN A 97 -44.80 -10.62 13.24
CA ASN A 97 -46.17 -10.30 13.71
C ASN A 97 -46.23 -10.12 15.24
N ASP A 98 -45.08 -10.30 15.89
CA ASP A 98 -45.04 -10.50 17.32
C ASP A 98 -44.65 -9.21 18.00
N LYS A 99 -45.58 -8.67 18.81
CA LYS A 99 -45.35 -7.38 19.45
C LYS A 99 -44.20 -7.44 20.45
N TYR A 100 -43.83 -8.66 20.84
CA TYR A 100 -42.71 -8.87 21.76
C TYR A 100 -41.35 -8.93 21.06
N VAL A 101 -41.33 -8.69 19.77
CA VAL A 101 -40.14 -8.81 19.01
C VAL A 101 -39.80 -7.49 18.40
N SER A 102 -38.52 -7.13 18.46
CA SER A 102 -38.10 -5.91 17.75
C SER A 102 -36.82 -6.09 16.97
N LEU A 103 -36.81 -5.49 15.78
CA LEU A 103 -35.62 -5.36 14.97
C LEU A 103 -34.65 -4.36 15.63
N ILE A 104 -33.44 -4.84 15.94
CA ILE A 104 -32.43 -4.05 16.62
C ILE A 104 -31.16 -3.87 15.79
N ASN A 105 -31.00 -4.68 14.75
CA ASN A 105 -29.91 -4.39 13.80
C ASN A 105 -30.15 -5.03 12.45
N TYR A 106 -29.50 -4.54 11.41
CA TYR A 106 -29.59 -5.14 10.08
C TYR A 106 -28.50 -4.63 9.14
N LEU A 107 -28.18 -5.43 8.13
CA LEU A 107 -27.22 -5.02 7.11
C LEU A 107 -27.61 -5.59 5.79
N PRO A 108 -27.33 -4.86 4.70
CA PRO A 108 -26.68 -3.54 4.60
C PRO A 108 -27.59 -2.35 4.92
N LYS A 109 -26.98 -1.19 5.16
CA LYS A 109 -27.70 0.01 5.56
C LYS A 109 -27.44 1.03 4.49
N ASN A 110 -28.34 2.02 4.36
CA ASN A 110 -28.12 3.10 3.40
C ASN A 110 -26.96 3.99 3.85
N LYS A 111 -26.15 4.39 2.87
CA LYS A 111 -24.98 5.24 3.09
C LYS A 111 -24.94 6.49 2.19
N ILE A 112 -24.37 7.56 2.71
CA ILE A 112 -24.15 8.80 1.97
C ILE A 112 -23.19 8.57 0.78
N GLU A 113 -23.54 9.04 -0.40
CA GLU A 113 -22.60 9.03 -1.54
C GLU A 113 -21.31 9.84 -1.24
N SER A 114 -20.16 9.19 -1.40
CA SER A 114 -18.86 9.86 -1.25
C SER A 114 -18.03 9.63 -2.51
N THR A 115 -17.36 10.68 -2.98
CA THR A 115 -16.59 10.64 -4.23
C THR A 115 -15.31 11.39 -4.04
N ASN A 116 -14.33 11.13 -4.90
CA ASN A 116 -13.05 11.83 -4.82
C ASN A 116 -12.98 12.91 -5.88
N VAL A 117 -12.61 14.12 -5.50
CA VAL A 117 -12.52 15.21 -6.46
C VAL A 117 -11.10 15.73 -6.61
N SER A 118 -10.68 15.96 -7.85
CA SER A 118 -9.42 16.62 -8.14
C SER A 118 -9.73 17.84 -9.01
N GLN A 119 -9.16 18.97 -8.67
CA GLN A 119 -9.49 20.21 -9.38
C GLN A 119 -8.21 21.00 -9.66
N THR A 120 -8.01 21.38 -10.92
CA THR A 120 -6.82 22.12 -11.31
C THR A 120 -7.15 23.39 -12.07
N LEU A 121 -6.32 24.40 -11.83
CA LEU A 121 -6.43 25.71 -12.44
C LEU A 121 -5.03 26.09 -12.89
N GLY A 122 -4.88 26.53 -14.13
CA GLY A 122 -3.56 26.75 -14.70
C GLY A 122 -3.48 28.00 -15.54
N TYR A 123 -2.29 28.60 -15.58
CA TYR A 123 -2.02 29.80 -16.38
C TYR A 123 -0.85 29.54 -17.29
N ASN A 124 -1.05 29.76 -18.58
CA ASN A 124 0.03 29.68 -19.55
C ASN A 124 0.34 31.04 -20.20
N ILE A 125 1.53 31.58 -19.92
CA ILE A 125 1.99 32.86 -20.47
C ILE A 125 2.81 32.65 -21.75
N SER A 140 -3.57 32.39 -21.72
CA SER A 140 -4.21 31.07 -21.68
C SER A 140 -4.42 30.60 -20.24
N PHE A 141 -5.66 30.33 -19.88
CA PHE A 141 -5.96 29.77 -18.58
C PHE A 141 -6.65 28.42 -18.82
N ASN A 142 -6.40 27.45 -17.95
CA ASN A 142 -7.08 26.15 -18.04
C ASN A 142 -7.72 25.77 -16.70
N TYR A 143 -8.85 25.09 -16.78
CA TYR A 143 -9.54 24.63 -15.60
C TYR A 143 -10.02 23.22 -15.86
N SER A 144 -9.73 22.33 -14.93
CA SER A 144 -10.17 20.94 -15.03
C SER A 144 -10.76 20.47 -13.72
N LYS A 145 -11.88 19.76 -13.79
CA LYS A 145 -12.41 19.11 -12.62
C LYS A 145 -12.66 17.64 -12.93
N SER A 146 -12.15 16.76 -12.08
CA SER A 146 -12.43 15.35 -12.26
C SER A 146 -12.92 14.71 -10.95
N ILE A 147 -13.95 13.86 -11.10
CA ILE A 147 -14.58 13.17 -9.99
C ILE A 147 -14.37 11.69 -10.23
N SER A 148 -14.09 10.94 -9.18
CA SER A 148 -13.94 9.51 -9.32
C SER A 148 -14.67 8.73 -8.23
N TYR A 149 -15.15 7.55 -8.62
CA TYR A 149 -15.99 6.73 -7.76
C TYR A 149 -16.10 5.32 -8.31
N THR A 150 -16.71 4.44 -7.52
CA THR A 150 -16.86 3.05 -7.87
C THR A 150 -18.33 2.75 -8.18
N GLN A 151 -18.58 2.04 -9.27
CA GLN A 151 -19.93 1.64 -9.63
C GLN A 151 -20.15 0.18 -9.37
N GLN A 152 -21.30 -0.15 -8.79
CA GLN A 152 -21.80 -1.52 -8.73
C GLN A 152 -22.84 -1.73 -9.82
N ASN A 153 -22.95 -2.94 -10.35
CA ASN A 153 -23.99 -3.26 -11.29
C ASN A 153 -25.38 -3.07 -10.71
N TYR A 154 -25.56 -3.54 -9.48
CA TYR A 154 -26.78 -3.39 -8.75
C TYR A 154 -26.49 -2.76 -7.40
N VAL A 155 -27.32 -1.80 -6.97
CA VAL A 155 -27.20 -1.18 -5.64
C VAL A 155 -28.27 -1.64 -4.68
N SER A 156 -27.87 -1.93 -3.44
CA SER A 156 -28.83 -2.29 -2.38
C SER A 156 -29.30 -1.09 -1.51
N GLU A 157 -30.61 -0.77 -1.57
CA GLU A 157 -31.19 0.32 -0.81
C GLU A 157 -32.18 -0.21 0.18
N VAL A 158 -32.18 0.39 1.38
CA VAL A 158 -33.20 0.09 2.38
C VAL A 158 -34.47 0.84 1.97
N GLU A 159 -35.53 0.11 1.64
CA GLU A 159 -36.78 0.69 1.16
C GLU A 159 -37.65 1.07 2.33
N GLN A 160 -37.69 0.23 3.34
CA GLN A 160 -38.52 0.56 4.51
C GLN A 160 -37.90 -0.12 5.69
N GLN A 161 -38.08 0.46 6.87
CA GLN A 161 -37.61 -0.19 8.07
C GLN A 161 -38.30 0.30 9.32
N ASN A 162 -38.72 -0.62 10.19
CA ASN A 162 -39.23 -0.27 11.48
C ASN A 162 -39.02 -1.40 12.47
N SER A 163 -39.57 -1.26 13.68
CA SER A 163 -39.23 -2.24 14.70
C SER A 163 -39.76 -3.62 14.32
N LYS A 164 -40.59 -3.72 13.29
CA LYS A 164 -41.22 -5.01 12.98
C LYS A 164 -40.80 -5.55 11.63
N SER A 165 -39.95 -4.80 10.94
CA SER A 165 -39.71 -5.23 9.55
C SER A 165 -38.69 -4.38 8.87
N VAL A 166 -38.08 -4.98 7.85
CA VAL A 166 -37.15 -4.26 6.96
C VAL A 166 -37.29 -4.80 5.56
N LEU A 167 -37.20 -3.92 4.60
CA LEU A 167 -37.30 -4.23 3.20
C LEU A 167 -36.19 -3.50 2.46
N TRP A 168 -35.43 -4.30 1.70
CA TRP A 168 -34.42 -3.82 0.74
C TRP A 168 -34.85 -4.08 -0.69
N GLY A 169 -34.45 -3.19 -1.58
CA GLY A 169 -34.44 -3.40 -3.02
C GLY A 169 -33.01 -3.34 -3.58
N VAL A 170 -32.66 -4.32 -4.40
CA VAL A 170 -31.35 -4.41 -5.09
C VAL A 170 -31.57 -4.07 -6.57
N LYS A 171 -31.15 -2.88 -6.97
CA LYS A 171 -31.60 -2.27 -8.21
C LYS A 171 -30.47 -2.18 -9.19
N ALA A 172 -30.77 -2.53 -10.45
CA ALA A 172 -29.85 -2.35 -11.57
C ALA A 172 -29.44 -0.92 -11.59
N ASN A 173 -28.15 -0.72 -11.85
CA ASN A 173 -27.54 0.60 -11.71
C ASN A 173 -26.69 1.00 -12.90
N SER A 174 -25.51 0.42 -13.03
CA SER A 174 -24.62 0.76 -14.14
C SER A 174 -23.82 -0.44 -14.57
N PHE A 175 -23.53 -0.49 -15.86
CA PHE A 175 -22.85 -1.64 -16.44
C PHE A 175 -21.71 -1.18 -17.32
N ALA A 176 -20.59 -1.88 -17.18
CA ALA A 176 -19.42 -1.59 -17.97
C ALA A 176 -19.58 -2.34 -19.28
N THR A 177 -19.57 -1.60 -20.38
CA THR A 177 -19.49 -2.21 -21.71
C THR A 177 -18.35 -1.60 -22.51
N GLU A 178 -18.07 -2.16 -23.69
CA GLU A 178 -17.25 -1.44 -24.66
C GLU A 178 -18.14 -0.27 -25.04
N SER A 179 -17.56 0.89 -25.29
CA SER A 179 -18.35 2.12 -25.57
C SER A 179 -18.94 2.77 -24.31
N GLY A 180 -18.24 2.60 -23.18
CA GLY A 180 -18.50 3.35 -21.98
C GLY A 180 -19.43 2.64 -21.02
N GLN A 181 -19.81 3.33 -19.95
CA GLN A 181 -20.69 2.75 -18.97
C GLN A 181 -22.10 3.06 -19.44
N LYS A 182 -22.96 2.06 -19.34
CA LYS A 182 -24.38 2.22 -19.70
C LYS A 182 -25.22 2.24 -18.44
N SER A 183 -26.16 3.17 -18.39
CA SER A 183 -27.12 3.23 -17.31
C SER A 183 -28.20 2.20 -17.46
N ALA A 184 -28.66 1.72 -16.31
CA ALA A 184 -29.70 0.72 -16.28
C ALA A 184 -31.01 1.29 -16.84
N PHE A 185 -31.09 2.61 -16.94
CA PHE A 185 -32.28 3.24 -17.50
C PHE A 185 -32.20 3.61 -18.99
N ASP A 186 -31.11 3.25 -19.68
CA ASP A 186 -31.04 3.42 -21.15
C ASP A 186 -31.92 2.44 -21.90
N SER A 187 -32.82 2.99 -22.72
CA SER A 187 -33.80 2.17 -23.42
C SER A 187 -33.11 1.20 -24.38
N ASP A 188 -31.85 1.47 -24.72
CA ASP A 188 -31.09 0.58 -25.61
C ASP A 188 -30.24 -0.47 -24.87
N LEU A 189 -30.33 -0.51 -23.54
CA LEU A 189 -29.56 -1.49 -22.77
C LEU A 189 -29.93 -2.95 -23.17
N PHE A 190 -28.90 -3.75 -23.45
CA PHE A 190 -29.03 -5.16 -23.84
C PHE A 190 -29.50 -5.36 -25.27
N VAL A 191 -29.70 -4.27 -26.01
CA VAL A 191 -30.15 -4.40 -27.38
C VAL A 191 -28.99 -4.90 -28.26
N GLY A 192 -29.29 -5.92 -29.06
CA GLY A 192 -28.27 -6.67 -29.78
C GLY A 192 -27.93 -6.29 -31.21
N TYR A 193 -27.42 -7.27 -31.97
CA TYR A 193 -26.68 -7.00 -33.21
C TYR A 193 -27.15 -7.83 -34.40
N LYS A 194 -28.06 -8.78 -34.18
CA LYS A 194 -28.42 -9.73 -35.23
C LYS A 194 -29.87 -9.60 -35.73
N PRO A 195 -30.21 -8.43 -36.30
CA PRO A 195 -31.45 -8.42 -37.09
C PRO A 195 -31.14 -8.98 -38.50
N HIS A 196 -31.94 -9.91 -39.00
CA HIS A 196 -33.01 -10.50 -38.25
C HIS A 196 -32.76 -11.98 -38.38
N SER A 197 -32.49 -12.58 -37.21
CA SER A 197 -32.26 -14.00 -37.06
C SER A 197 -33.58 -14.81 -37.06
N LYS A 198 -34.63 -14.19 -36.52
CA LYS A 198 -35.96 -14.82 -36.29
C LYS A 198 -36.05 -15.36 -34.86
N ASP A 199 -34.90 -15.69 -34.29
CA ASP A 199 -34.78 -16.15 -32.91
C ASP A 199 -34.66 -14.90 -32.07
N PRO A 200 -35.64 -14.64 -31.16
CA PRO A 200 -35.68 -13.39 -30.36
C PRO A 200 -34.42 -13.20 -29.50
N ARG A 201 -33.78 -14.32 -29.16
CA ARG A 201 -32.52 -14.31 -28.39
C ARG A 201 -31.45 -13.51 -29.09
N ASP A 202 -31.50 -13.52 -30.41
CA ASP A 202 -30.50 -12.78 -31.16
C ASP A 202 -30.84 -11.30 -31.27
N TYR A 203 -32.02 -10.88 -30.82
CA TYR A 203 -32.28 -9.45 -30.77
C TYR A 203 -31.56 -8.73 -29.62
N PHE A 204 -30.88 -9.49 -28.78
CA PHE A 204 -30.27 -8.94 -27.56
C PHE A 204 -28.81 -9.38 -27.38
N VAL A 205 -28.05 -8.63 -26.61
CA VAL A 205 -26.64 -8.94 -26.41
C VAL A 205 -26.45 -10.39 -25.94
N PRO A 206 -25.32 -11.00 -26.31
CA PRO A 206 -25.10 -12.39 -25.86
C PRO A 206 -24.75 -12.46 -24.38
N ASP A 207 -24.83 -13.65 -23.81
CA ASP A 207 -24.62 -13.86 -22.38
C ASP A 207 -23.33 -13.23 -21.85
N SER A 208 -22.26 -13.26 -22.64
CA SER A 208 -20.98 -12.72 -22.18
C SER A 208 -21.06 -11.22 -21.95
N GLU A 209 -22.11 -10.58 -22.46
CA GLU A 209 -22.27 -9.13 -22.31
C GLU A 209 -23.39 -8.79 -21.36
N LEU A 210 -23.88 -9.81 -20.65
CA LEU A 210 -24.86 -9.63 -19.59
C LEU A 210 -24.15 -9.77 -18.26
N PRO A 211 -24.52 -8.94 -17.30
CA PRO A 211 -24.05 -9.16 -15.93
C PRO A 211 -24.62 -10.46 -15.36
N PRO A 212 -23.86 -11.13 -14.48
CA PRO A 212 -24.31 -12.35 -13.82
C PRO A 212 -25.71 -12.22 -13.21
N LEU A 213 -26.05 -11.07 -12.64
CA LEU A 213 -27.37 -10.93 -12.01
C LEU A 213 -28.50 -10.98 -13.01
N VAL A 214 -28.19 -10.83 -14.29
CA VAL A 214 -29.19 -10.91 -15.34
C VAL A 214 -29.10 -12.27 -16.06
N GLN A 215 -27.90 -12.79 -16.25
CA GLN A 215 -27.79 -14.04 -16.98
C GLN A 215 -28.18 -15.22 -16.11
N SER A 216 -27.84 -15.16 -14.82
CA SER A 216 -28.06 -16.27 -13.88
C SER A 216 -29.03 -15.92 -12.76
N GLY A 217 -28.74 -14.83 -12.04
CA GLY A 217 -29.53 -14.46 -10.87
C GLY A 217 -28.71 -13.87 -9.74
N PHE A 218 -29.38 -13.64 -8.61
CA PHE A 218 -28.83 -13.00 -7.41
C PHE A 218 -28.68 -13.98 -6.21
N ASN A 219 -27.52 -13.94 -5.55
CA ASN A 219 -27.25 -14.67 -4.28
C ASN A 219 -27.30 -13.70 -3.12
N PRO A 220 -28.49 -13.47 -2.57
CA PRO A 220 -28.57 -12.47 -1.50
C PRO A 220 -27.73 -12.82 -0.31
N SER A 221 -27.36 -11.81 0.43
CA SER A 221 -26.68 -11.99 1.69
C SER A 221 -27.07 -10.79 2.56
N PHE A 222 -27.99 -11.03 3.49
CA PHE A 222 -28.59 -9.93 4.22
C PHE A 222 -28.65 -10.39 5.63
N ILE A 223 -28.60 -9.47 6.58
CA ILE A 223 -28.63 -9.96 7.94
C ILE A 223 -29.49 -9.09 8.81
N ALA A 224 -30.16 -9.72 9.79
CA ALA A 224 -31.05 -8.97 10.71
C ALA A 224 -31.01 -9.54 12.12
N THR A 225 -31.01 -8.67 13.11
CA THR A 225 -30.96 -9.10 14.48
C THR A 225 -32.20 -8.58 15.18
N VAL A 226 -32.90 -9.49 15.85
CA VAL A 226 -34.11 -9.14 16.56
C VAL A 226 -33.98 -9.54 18.01
N SER A 227 -34.66 -8.75 18.85
CA SER A 227 -34.77 -9.04 20.28
C SER A 227 -36.16 -9.53 20.54
N HIS A 228 -36.27 -10.30 21.63
CA HIS A 228 -37.54 -10.79 22.11
C HIS A 228 -37.65 -10.62 23.62
N GLU A 229 -38.76 -10.06 24.11
CA GLU A 229 -38.93 -9.85 25.57
C GLU A 229 -39.10 -11.17 26.27
N LYS A 230 -38.18 -11.53 27.16
CA LYS A 230 -38.27 -12.85 27.82
C LYS A 230 -38.90 -12.72 29.17
N GLY A 231 -39.90 -13.52 29.53
CA GLY A 231 -40.46 -14.62 28.78
C GLY A 231 -41.92 -14.24 28.54
N SER A 232 -42.16 -13.72 27.36
CA SER A 232 -43.49 -13.35 26.94
C SER A 232 -44.04 -14.46 26.05
N SER A 233 -44.16 -14.20 24.75
CA SER A 233 -44.66 -15.21 23.79
C SER A 233 -43.70 -16.38 23.73
N ASP A 234 -44.24 -17.59 23.65
CA ASP A 234 -43.42 -18.78 23.53
C ASP A 234 -42.83 -18.89 22.13
N THR A 235 -43.55 -18.34 21.16
CA THR A 235 -43.17 -18.47 19.76
C THR A 235 -43.33 -17.14 19.04
N SER A 236 -42.64 -17.00 17.91
CA SER A 236 -42.83 -15.83 17.04
C SER A 236 -42.81 -16.20 15.57
N GLU A 237 -43.55 -15.44 14.76
CA GLU A 237 -43.55 -15.66 13.33
C GLU A 237 -42.73 -14.61 12.59
N PHE A 238 -42.02 -15.08 11.56
CA PHE A 238 -41.20 -14.24 10.71
C PHE A 238 -41.57 -14.58 9.32
N GLU A 239 -41.82 -13.57 8.52
CA GLU A 239 -42.19 -13.79 7.15
C GLU A 239 -41.06 -13.22 6.32
N ILE A 240 -40.45 -14.08 5.50
CA ILE A 240 -39.30 -13.71 4.68
C ILE A 240 -39.65 -13.82 3.22
N THR A 241 -39.29 -12.77 2.48
CA THR A 241 -39.76 -12.50 1.14
C THR A 241 -38.56 -12.31 0.20
N TYR A 242 -38.54 -13.04 -0.92
CA TYR A 242 -37.49 -12.92 -1.93
C TYR A 242 -38.15 -12.89 -3.27
N GLY A 243 -37.79 -11.96 -4.12
CA GLY A 243 -38.40 -11.95 -5.43
C GLY A 243 -37.73 -10.95 -6.32
N ARG A 244 -38.44 -10.58 -7.40
CA ARG A 244 -37.95 -9.79 -8.52
C ARG A 244 -39.00 -8.76 -8.96
N ASN A 245 -38.53 -7.66 -9.54
CA ASN A 245 -39.36 -6.76 -10.36
C ASN A 245 -38.74 -6.86 -11.75
N MET A 246 -39.58 -7.06 -12.77
CA MET A 246 -39.10 -7.31 -14.13
C MET A 246 -39.33 -6.10 -15.02
N ASP A 247 -38.30 -5.78 -15.79
CA ASP A 247 -38.49 -4.89 -16.92
C ASP A 247 -38.65 -5.70 -18.17
N VAL A 248 -39.21 -5.04 -19.18
CA VAL A 248 -39.22 -5.61 -20.53
C VAL A 248 -38.55 -4.63 -21.48
N THR A 249 -37.60 -5.15 -22.26
CA THR A 249 -36.97 -4.40 -23.34
C THR A 249 -37.42 -4.98 -24.69
N HIS A 250 -38.10 -4.14 -25.47
CA HIS A 250 -38.49 -4.47 -26.83
C HIS A 250 -37.40 -4.01 -27.77
N ALA A 251 -36.99 -4.91 -28.65
CA ALA A 251 -36.10 -4.59 -29.73
C ALA A 251 -36.89 -4.58 -31.05
N ILE A 252 -36.84 -3.46 -31.76
CA ILE A 252 -37.56 -3.28 -33.02
C ILE A 252 -36.56 -3.21 -34.15
N LYS A 253 -36.80 -3.98 -35.21
CA LYS A 253 -36.02 -3.86 -36.46
C LYS A 253 -36.43 -2.58 -37.23
N ARG A 254 -35.44 -1.81 -37.68
CA ARG A 254 -35.67 -0.47 -38.24
C ARG A 254 -34.86 -0.23 -39.51
N SER A 255 -35.44 0.57 -40.44
CA SER A 255 -34.78 1.02 -41.67
C SER A 255 -34.20 -0.16 -42.47
N ASN A 260 -28.92 -1.71 -44.54
CA ASN A 260 -29.13 -0.57 -43.66
C ASN A 260 -30.25 -0.75 -42.61
N SER A 261 -30.37 -1.95 -42.03
CA SER A 261 -31.35 -2.20 -40.95
C SER A 261 -30.66 -2.44 -39.60
N TYR A 262 -31.16 -1.81 -38.56
CA TYR A 262 -30.57 -1.86 -37.21
C TYR A 262 -31.66 -2.14 -36.16
N LEU A 263 -31.23 -2.34 -34.91
CA LEU A 263 -32.17 -2.62 -33.83
C LEU A 263 -32.31 -1.45 -32.88
N ASP A 264 -33.56 -1.12 -32.56
CA ASP A 264 -33.89 0.02 -31.72
C ASP A 264 -34.61 -0.45 -30.47
N GLY A 265 -34.26 0.12 -29.33
CA GLY A 265 -34.75 -0.36 -28.05
C GLY A 265 -35.84 0.49 -27.45
N HIS A 266 -36.86 -0.17 -26.93
CA HIS A 266 -37.92 0.51 -26.21
C HIS A 266 -38.14 -0.20 -24.88
N ARG A 267 -38.28 0.55 -23.80
CA ARG A 267 -38.38 -0.04 -22.46
C ARG A 267 -39.75 0.10 -21.81
N VAL A 268 -40.21 -0.99 -21.23
CA VAL A 268 -41.33 -0.99 -20.27
C VAL A 268 -40.73 -1.24 -18.88
N HIS A 269 -40.66 -0.18 -18.10
CA HIS A 269 -40.10 -0.24 -16.77
C HIS A 269 -41.20 -0.72 -15.80
N ASN A 270 -40.80 -1.46 -14.77
CA ASN A 270 -41.75 -2.02 -13.80
C ASN A 270 -42.90 -2.72 -14.51
N ALA A 271 -42.54 -3.50 -15.52
CA ALA A 271 -43.51 -4.28 -16.28
C ALA A 271 -44.20 -5.31 -15.37
N PHE A 272 -43.43 -5.86 -14.42
CA PHE A 272 -43.93 -6.86 -13.45
C PHE A 272 -43.29 -6.66 -12.08
N VAL A 273 -44.13 -6.41 -11.08
CA VAL A 273 -43.65 -5.93 -9.79
C VAL A 273 -43.97 -6.92 -8.69
N ASN A 274 -43.06 -7.03 -7.75
CA ASN A 274 -43.23 -7.90 -6.60
C ASN A 274 -43.57 -9.35 -6.95
N ARG A 275 -42.91 -9.87 -7.97
CA ARG A 275 -42.95 -11.29 -8.26
C ARG A 275 -42.12 -11.97 -7.19
N ASN A 276 -42.76 -12.22 -6.05
CA ASN A 276 -42.07 -12.60 -4.85
C ASN A 276 -42.48 -13.92 -4.27
N TYR A 277 -41.54 -14.56 -3.59
CA TYR A 277 -41.77 -15.79 -2.85
C TYR A 277 -41.63 -15.47 -1.38
N THR A 278 -42.71 -15.72 -0.65
CA THR A 278 -42.78 -15.51 0.76
C THR A 278 -42.96 -16.80 1.50
N VAL A 279 -42.19 -16.92 2.56
CA VAL A 279 -42.21 -18.08 3.41
C VAL A 279 -42.36 -17.60 4.84
N LYS A 280 -43.11 -18.36 5.62
CA LYS A 280 -43.37 -17.99 6.96
C LYS A 280 -42.84 -19.06 7.87
N TYR A 281 -42.02 -18.61 8.82
CA TYR A 281 -41.25 -19.41 9.76
C TYR A 281 -41.72 -19.06 11.15
N GLU A 282 -41.74 -20.03 12.05
CA GLU A 282 -42.13 -19.77 13.42
C GLU A 282 -41.05 -20.26 14.30
N VAL A 283 -40.48 -19.41 15.14
CA VAL A 283 -39.47 -19.90 16.07
C VAL A 283 -40.05 -20.11 17.47
N ASN A 284 -39.51 -21.10 18.16
CA ASN A 284 -39.78 -21.25 19.58
C ASN A 284 -38.60 -20.72 20.39
N TRP A 285 -38.84 -19.74 21.25
CA TRP A 285 -37.76 -19.09 22.00
C TRP A 285 -37.23 -19.93 23.14
N LYS A 286 -38.00 -20.92 23.56
CA LYS A 286 -37.58 -21.80 24.64
C LYS A 286 -36.95 -23.11 24.13
N THR A 287 -37.57 -23.76 23.14
CA THR A 287 -37.07 -25.07 22.64
C THR A 287 -36.18 -24.93 21.42
N HIS A 288 -36.16 -23.74 20.80
CA HIS A 288 -35.34 -23.50 19.60
C HIS A 288 -35.76 -24.38 18.43
N GLU A 289 -37.05 -24.75 18.42
CA GLU A 289 -37.59 -25.39 17.25
C GLU A 289 -37.96 -24.32 16.21
N ILE A 290 -37.68 -24.64 14.97
CA ILE A 290 -38.15 -23.88 13.81
C ILE A 290 -39.19 -24.70 13.08
N LYS A 291 -40.25 -24.06 12.63
CA LYS A 291 -41.19 -24.72 11.74
C LYS A 291 -41.63 -23.76 10.64
N VAL A 292 -41.82 -24.32 9.47
CA VAL A 292 -42.25 -23.58 8.33
C VAL A 292 -43.75 -23.67 8.40
N LYS A 293 -44.39 -22.52 8.46
CA LYS A 293 -45.83 -22.45 8.71
C LYS A 293 -46.52 -22.08 7.44
N GLY A 294 -45.79 -21.57 6.45
CA GLY A 294 -46.48 -21.41 5.19
C GLY A 294 -45.67 -20.86 4.07
N GLN A 295 -46.22 -20.91 2.85
CA GLN A 295 -45.59 -20.32 1.68
C GLN A 295 -46.52 -19.88 0.56
N ASN A 296 -46.06 -18.84 -0.12
CA ASN A 296 -46.66 -18.17 -1.26
C ASN A 296 -47.07 -19.06 -2.45
N VAL B 26 -14.37 -3.90 35.78
CA VAL B 26 -15.06 -3.38 34.60
C VAL B 26 -16.13 -4.30 34.02
N THR B 27 -17.39 -3.99 34.29
CA THR B 27 -18.50 -4.82 33.84
C THR B 27 -19.41 -4.03 32.87
N LEU B 28 -20.01 -4.80 31.97
CA LEU B 28 -20.80 -4.30 30.85
C LEU B 28 -22.18 -4.99 30.82
N TYR B 29 -23.23 -4.19 30.80
CA TYR B 29 -24.60 -4.69 30.71
C TYR B 29 -25.27 -4.06 29.50
N LYS B 30 -25.95 -4.87 28.70
CA LYS B 30 -26.52 -4.38 27.46
C LYS B 30 -28.01 -4.47 27.53
N THR B 31 -28.66 -3.47 26.96
CA THR B 31 -30.03 -3.64 26.61
C THR B 31 -30.36 -2.83 25.36
N THR B 32 -31.61 -2.89 24.88
CA THR B 32 -32.03 -2.18 23.67
C THR B 32 -33.48 -1.68 23.83
N ALA B 33 -33.87 -0.70 23.02
CA ALA B 33 -35.24 -0.20 23.05
C ALA B 33 -35.52 0.45 21.71
N THR B 34 -36.79 0.50 21.34
CA THR B 34 -37.17 0.95 20.01
C THR B 34 -38.45 1.75 20.13
N ALA B 35 -38.70 2.59 19.13
CA ALA B 35 -40.00 3.25 19.04
C ALA B 35 -40.27 3.54 17.60
N ASP B 36 -41.55 3.55 17.20
CA ASP B 36 -41.92 3.80 15.82
C ASP B 36 -42.99 4.85 15.64
N SER B 37 -42.89 5.55 14.51
CA SER B 37 -43.97 6.34 13.98
C SER B 37 -44.20 5.80 12.60
N ASP B 38 -45.24 4.98 12.44
CA ASP B 38 -45.57 4.46 11.09
C ASP B 38 -46.14 5.60 10.24
N LYS B 39 -46.83 6.52 10.87
CA LYS B 39 -47.33 7.68 10.14
C LYS B 39 -46.22 8.47 9.44
N PHE B 40 -45.14 8.77 10.16
CA PHE B 40 -44.02 9.51 9.58
C PHE B 40 -42.93 8.62 8.95
N LYS B 41 -43.00 7.31 9.19
CA LYS B 41 -41.96 6.40 8.72
C LYS B 41 -40.62 6.79 9.35
N ILE B 42 -40.65 6.90 10.67
CA ILE B 42 -39.49 7.21 11.47
C ILE B 42 -39.47 6.17 12.54
N SER B 43 -38.29 5.61 12.78
CA SER B 43 -38.18 4.52 13.72
C SER B 43 -36.82 4.65 14.42
N GLN B 44 -36.82 4.50 15.74
CA GLN B 44 -35.63 4.65 16.54
C GLN B 44 -35.24 3.30 17.07
N ILE B 45 -33.95 2.99 16.92
CA ILE B 45 -33.33 1.86 17.60
C ILE B 45 -32.23 2.38 18.47
N LEU B 46 -32.34 2.04 19.75
CA LEU B 46 -31.40 2.51 20.73
C LEU B 46 -30.76 1.35 21.41
N THR B 47 -29.43 1.33 21.35
CA THR B 47 -28.64 0.30 21.96
C THR B 47 -27.85 0.89 23.10
N PHE B 48 -27.98 0.25 24.26
CA PHE B 48 -27.44 0.72 25.51
C PHE B 48 -26.37 -0.20 26.07
N ASN B 49 -25.19 0.36 26.32
CA ASN B 49 -24.12 -0.31 27.06
C ASN B 49 -23.82 0.39 28.38
N PHE B 50 -24.24 -0.25 29.47
CA PHE B 50 -23.98 0.28 30.81
C PHE B 50 -22.64 -0.29 31.22
N ILE B 51 -21.74 0.60 31.61
CA ILE B 51 -20.42 0.23 32.02
C ILE B 51 -20.22 0.69 33.44
N LYS B 52 -19.88 -0.28 34.28
CA LYS B 52 -19.42 0.01 35.63
C LYS B 52 -17.93 -0.29 35.70
N ASP B 53 -17.19 0.72 36.13
CA ASP B 53 -15.75 0.74 36.16
C ASP B 53 -15.33 1.24 37.52
N LYS B 54 -14.72 0.35 38.30
CA LYS B 54 -14.35 0.64 39.69
C LYS B 54 -13.35 1.78 39.84
N SER B 55 -12.77 2.21 38.74
CA SER B 55 -11.74 3.23 38.76
C SER B 55 -12.31 4.62 38.57
N TYR B 56 -13.64 4.66 38.34
CA TYR B 56 -14.41 5.86 38.02
C TYR B 56 -15.56 6.03 39.04
N ASP B 57 -15.88 7.27 39.40
CA ASP B 57 -16.88 7.48 40.45
C ASP B 57 -18.33 7.68 39.93
N LYS B 58 -18.55 7.50 38.64
CA LYS B 58 -19.89 7.62 38.06
C LYS B 58 -20.26 6.37 37.28
N ASP B 59 -21.56 6.18 37.02
CA ASP B 59 -22.00 5.15 36.09
C ASP B 59 -21.81 5.67 34.67
N THR B 60 -21.48 4.76 33.75
CA THR B 60 -21.27 5.14 32.37
C THR B 60 -22.28 4.45 31.46
N LEU B 61 -22.75 5.19 30.46
CA LEU B 61 -23.66 4.60 29.49
C LEU B 61 -23.27 5.02 28.09
N VAL B 62 -22.97 4.03 27.26
CA VAL B 62 -22.72 4.28 25.85
C VAL B 62 -24.03 3.96 25.13
N LEU B 63 -24.52 4.96 24.41
CA LEU B 63 -25.82 4.88 23.80
C LEU B 63 -25.62 5.04 22.32
N LYS B 64 -26.07 4.05 21.54
CA LYS B 64 -25.95 4.09 20.09
C LYS B 64 -27.34 4.30 19.56
N ALA B 65 -27.51 5.25 18.66
CA ALA B 65 -28.81 5.61 18.11
C ALA B 65 -28.83 5.29 16.64
N THR B 66 -29.69 4.36 16.22
CA THR B 66 -29.78 3.95 14.83
C THR B 66 -31.26 3.88 14.48
N GLY B 67 -31.62 3.28 13.34
CA GLY B 67 -33.00 3.14 12.93
C GLY B 67 -33.22 3.79 11.59
N ASN B 68 -34.36 4.43 11.38
CA ASN B 68 -34.71 4.93 10.07
C ASN B 68 -35.42 6.27 10.12
N ILE B 69 -35.09 7.13 9.18
CA ILE B 69 -35.84 8.34 8.98
C ILE B 69 -36.15 8.44 7.51
N ASN B 70 -37.42 8.22 7.12
CA ASN B 70 -37.78 8.37 5.73
C ASN B 70 -37.61 9.82 5.29
N SER B 71 -37.34 10.01 4.00
CA SER B 71 -37.02 11.30 3.44
C SER B 71 -38.24 12.15 3.26
N GLY B 72 -39.41 11.52 3.30
CA GLY B 72 -40.68 12.19 3.08
C GLY B 72 -40.86 12.57 1.61
N PHE B 73 -40.03 12.00 0.73
CA PHE B 73 -39.98 12.39 -0.68
C PHE B 73 -41.31 12.15 -1.37
N VAL B 74 -41.74 13.16 -2.10
CA VAL B 74 -42.99 13.10 -2.87
C VAL B 74 -42.65 13.45 -4.29
N LYS B 75 -42.85 12.51 -5.21
CA LYS B 75 -42.48 12.73 -6.61
C LYS B 75 -43.39 13.83 -7.24
N PRO B 76 -42.95 14.37 -8.38
CA PRO B 76 -43.80 15.34 -9.09
C PRO B 76 -44.93 14.64 -9.83
N ASN B 77 -46.05 15.32 -10.02
CA ASN B 77 -47.10 14.81 -10.88
C ASN B 77 -46.71 15.10 -12.33
N PRO B 78 -46.65 14.06 -13.18
CA PRO B 78 -46.19 14.29 -14.57
C PRO B 78 -47.17 15.10 -15.45
N ASN B 79 -48.32 15.48 -14.91
CA ASN B 79 -49.33 16.25 -15.65
C ASN B 79 -49.24 17.77 -15.42
N ASP B 80 -48.36 18.21 -14.53
CA ASP B 80 -48.07 19.63 -14.35
C ASP B 80 -47.50 20.16 -15.65
N TYR B 81 -48.04 21.29 -16.12
CA TYR B 81 -47.71 21.77 -17.47
C TYR B 81 -46.51 22.72 -17.53
N ASP B 82 -46.67 23.91 -16.93
CA ASP B 82 -45.64 24.95 -17.00
C ASP B 82 -45.00 25.21 -15.64
N PHE B 83 -45.56 24.61 -14.59
CA PHE B 83 -45.08 24.81 -13.23
C PHE B 83 -45.24 23.51 -12.47
N SER B 84 -44.15 22.99 -11.87
CA SER B 84 -44.23 21.74 -11.11
C SER B 84 -43.39 21.78 -9.83
N LYS B 85 -43.64 20.82 -8.93
CA LYS B 85 -42.88 20.74 -7.70
C LYS B 85 -42.67 19.30 -7.18
N LEU B 86 -41.70 19.14 -6.28
CA LEU B 86 -41.56 17.91 -5.50
C LEU B 86 -41.03 18.26 -4.11
N TYR B 87 -41.30 17.38 -3.15
CA TYR B 87 -40.73 17.47 -1.82
C TYR B 87 -39.62 16.44 -1.67
N TRP B 88 -38.48 16.88 -1.12
CA TRP B 88 -37.34 15.98 -0.90
C TRP B 88 -36.72 16.15 0.48
N GLY B 89 -36.03 15.10 0.94
CA GLY B 89 -35.45 15.09 2.28
C GLY B 89 -34.10 15.79 2.26
N ALA B 90 -34.05 17.02 2.78
CA ALA B 90 -32.85 17.83 2.60
C ALA B 90 -32.04 17.92 3.90
N LYS B 91 -32.64 17.60 5.04
CA LYS B 91 -31.89 17.62 6.28
C LYS B 91 -32.47 16.73 7.34
N TYR B 92 -31.60 15.99 8.01
CA TYR B 92 -32.04 15.15 9.13
C TYR B 92 -31.43 15.60 10.42
N ASN B 93 -32.27 15.73 11.44
CA ASN B 93 -31.82 16.12 12.76
C ASN B 93 -32.05 15.02 13.77
N VAL B 94 -31.02 14.74 14.56
CA VAL B 94 -31.14 13.76 15.62
C VAL B 94 -30.61 14.44 16.86
N SER B 95 -31.26 14.23 17.99
CA SER B 95 -30.82 14.82 19.22
C SER B 95 -31.13 13.90 20.37
N ILE B 96 -30.22 13.90 21.32
CA ILE B 96 -30.30 13.08 22.51
C ILE B 96 -30.05 14.00 23.70
N SER B 97 -30.89 13.90 24.72
CA SER B 97 -30.84 14.83 25.84
C SER B 97 -31.23 14.19 27.15
N SER B 98 -30.61 14.65 28.23
CA SER B 98 -31.04 14.27 29.57
C SER B 98 -31.77 15.46 30.24
N GLN B 99 -32.31 15.27 31.43
CA GLN B 99 -33.18 16.31 32.03
C GLN B 99 -32.43 17.25 32.97
N SER B 100 -32.73 18.54 32.86
CA SER B 100 -32.01 19.59 33.59
C SER B 100 -31.96 19.32 35.06
N ASN B 101 -32.97 18.67 35.60
CA ASN B 101 -32.98 18.35 37.03
C ASN B 101 -32.24 17.05 37.44
N ASP B 102 -31.78 16.24 36.49
CA ASP B 102 -31.03 15.03 36.87
C ASP B 102 -29.48 15.19 36.87
N SER B 103 -28.79 14.14 37.26
CA SER B 103 -27.36 14.13 37.37
C SER B 103 -26.72 13.43 36.16
N VAL B 104 -27.38 13.50 35.01
CA VAL B 104 -26.88 12.84 33.82
C VAL B 104 -26.27 13.84 32.84
N ASN B 105 -25.00 13.66 32.51
CA ASN B 105 -24.32 14.55 31.60
C ASN B 105 -23.93 13.81 30.34
N VAL B 106 -23.87 14.55 29.24
CA VAL B 106 -23.31 14.02 28.01
C VAL B 106 -21.84 14.37 27.99
N VAL B 107 -20.98 13.36 28.12
CA VAL B 107 -19.52 13.58 28.21
C VAL B 107 -18.71 13.40 26.91
N ASP B 108 -19.21 12.62 25.97
CA ASP B 108 -18.55 12.42 24.69
C ASP B 108 -19.58 11.97 23.65
N TYR B 109 -19.19 11.93 22.38
CA TYR B 109 -20.14 11.56 21.31
C TYR B 109 -19.39 11.47 20.00
N ALA B 110 -20.00 10.79 19.04
CA ALA B 110 -19.41 10.61 17.72
C ALA B 110 -20.54 10.54 16.70
N PRO B 111 -20.34 11.13 15.51
CA PRO B 111 -19.18 11.88 15.03
C PRO B 111 -19.05 13.32 15.54
N LYS B 112 -17.83 13.82 15.48
CA LYS B 112 -17.53 15.21 15.85
C LYS B 112 -17.35 16.01 14.60
N ASN B 113 -17.32 17.33 14.74
CA ASN B 113 -17.13 18.22 13.60
C ASN B 113 -15.76 17.97 13.01
N GLN B 114 -15.63 18.06 11.68
CA GLN B 114 -14.37 17.78 11.02
C GLN B 114 -13.60 19.06 10.69
N ASN B 115 -12.32 19.05 11.05
CA ASN B 115 -11.39 20.03 10.54
C ASN B 115 -10.87 19.43 9.20
N GLU B 116 -11.56 19.75 8.11
CA GLU B 116 -11.35 19.05 6.84
C GLU B 116 -9.96 19.27 6.27
N GLU B 117 -9.50 18.31 5.50
CA GLU B 117 -8.19 18.37 4.85
C GLU B 117 -8.34 18.23 3.36
N PHE B 118 -7.33 18.66 2.64
CA PHE B 118 -7.25 18.43 1.21
C PHE B 118 -5.79 18.46 0.77
N GLN B 119 -5.49 17.85 -0.35
CA GLN B 119 -4.09 17.77 -0.83
C GLN B 119 -3.86 18.82 -1.91
N VAL B 120 -2.64 19.33 -1.97
CA VAL B 120 -2.30 20.38 -2.91
C VAL B 120 -1.04 20.00 -3.68
N GLN B 121 -1.06 20.36 -4.96
CA GLN B 121 0.12 20.29 -5.77
C GLN B 121 0.25 21.55 -6.64
N ASN B 122 1.25 22.38 -6.33
CA ASN B 122 1.61 23.57 -7.12
C ASN B 122 2.77 23.24 -8.06
N THR B 123 2.69 23.73 -9.29
CA THR B 123 3.70 23.44 -10.28
C THR B 123 4.07 24.68 -11.07
N LEU B 124 5.37 24.80 -11.33
CA LEU B 124 5.95 25.92 -12.05
C LEU B 124 6.85 25.41 -13.16
N GLY B 125 6.60 25.83 -14.39
CA GLY B 125 7.34 25.32 -15.54
C GLY B 125 7.78 26.36 -16.56
N TYR B 126 8.99 26.19 -17.10
CA TYR B 126 9.50 27.04 -18.17
C TYR B 126 9.90 26.18 -19.37
N THR B 127 9.71 26.71 -20.58
CA THR B 127 10.25 26.07 -21.78
C THR B 127 10.96 27.12 -22.62
N PHE B 128 12.21 26.84 -22.99
CA PHE B 128 13.07 27.79 -23.67
C PHE B 128 13.06 27.64 -25.19
N ASN B 145 8.27 30.81 -22.43
CA ASN B 145 7.02 30.08 -22.18
C ASN B 145 6.91 29.58 -20.74
N THR B 146 5.97 30.13 -19.98
CA THR B 146 5.88 29.86 -18.54
C THR B 146 4.52 29.28 -18.17
N ALA B 147 4.50 28.37 -17.20
CA ALA B 147 3.28 27.70 -16.83
C ALA B 147 3.15 27.54 -15.31
N PHE B 148 2.00 27.95 -14.78
CA PHE B 148 1.69 27.74 -13.37
C PHE B 148 0.48 26.86 -13.29
N SER B 149 0.47 25.92 -12.35
CA SER B 149 -0.80 25.32 -11.99
C SER B 149 -0.91 24.89 -10.52
N GLU B 150 -2.16 24.82 -10.05
CA GLU B 150 -2.45 24.29 -8.74
C GLU B 150 -3.54 23.25 -8.86
N THR B 151 -3.26 22.06 -8.34
CA THR B 151 -4.26 21.01 -8.24
C THR B 151 -4.61 20.79 -6.78
N ILE B 152 -5.91 20.71 -6.44
CA ILE B 152 -6.30 20.29 -5.10
C ILE B 152 -7.13 19.01 -5.15
N ASN B 153 -6.93 18.12 -4.18
CA ASN B 153 -7.69 16.87 -4.12
C ASN B 153 -8.39 16.77 -2.78
N TYR B 154 -9.68 16.41 -2.80
CA TYR B 154 -10.45 16.31 -1.56
C TYR B 154 -11.64 15.36 -1.75
N LYS B 155 -12.24 15.01 -0.62
CA LYS B 155 -13.48 14.23 -0.57
C LYS B 155 -14.69 15.11 -0.67
N GLN B 156 -15.68 14.62 -1.40
CA GLN B 156 -16.92 15.34 -1.60
C GLN B 156 -18.08 14.43 -1.23
N GLU B 157 -18.90 14.86 -0.27
CA GLU B 157 -20.07 14.07 0.10
C GLU B 157 -21.37 14.80 -0.19
N SER B 158 -22.39 14.01 -0.54
CA SER B 158 -23.66 14.55 -0.96
C SER B 158 -24.39 15.13 0.24
N TYR B 159 -24.16 14.52 1.42
CA TYR B 159 -24.66 15.05 2.68
C TYR B 159 -23.54 15.15 3.69
N ARG B 160 -23.57 16.22 4.49
CA ARG B 160 -22.55 16.49 5.48
C ARG B 160 -23.12 16.47 6.87
N THR B 161 -22.40 15.87 7.81
CA THR B 161 -22.87 15.80 9.18
C THR B 161 -22.16 16.84 10.06
N THR B 162 -22.93 17.72 10.70
CA THR B 162 -22.33 18.61 11.72
C THR B 162 -23.20 18.69 12.95
N LEU B 163 -22.55 19.02 14.05
CA LEU B 163 -23.14 19.12 15.35
C LEU B 163 -24.15 20.28 15.47
N SER B 164 -25.20 20.04 16.22
CA SER B 164 -26.17 21.05 16.46
C SER B 164 -25.55 22.12 17.37
N ARG B 165 -25.77 23.37 17.04
CA ARG B 165 -25.20 24.45 17.84
C ARG B 165 -25.89 24.50 19.22
N ASN B 166 -26.97 23.72 19.40
CA ASN B 166 -27.59 23.53 20.69
C ASN B 166 -26.94 22.48 21.55
N THR B 167 -25.84 21.91 21.07
CA THR B 167 -25.18 20.88 21.81
C THR B 167 -24.61 21.48 23.13
N ASN B 168 -24.76 20.76 24.24
CA ASN B 168 -24.22 21.18 25.49
C ASN B 168 -24.10 20.03 26.46
N TYR B 169 -23.90 20.31 27.72
CA TYR B 169 -23.54 19.26 28.65
C TYR B 169 -24.65 18.27 28.96
N LYS B 170 -25.87 18.61 28.58
CA LYS B 170 -27.02 17.70 28.72
C LYS B 170 -27.74 17.41 27.40
N ASN B 171 -27.15 17.80 26.30
CA ASN B 171 -27.77 17.55 25.05
C ASN B 171 -26.76 17.50 23.90
N VAL B 172 -26.86 16.47 23.04
CA VAL B 172 -26.08 16.46 21.82
C VAL B 172 -27.01 16.25 20.65
N GLY B 173 -26.74 16.94 19.56
CA GLY B 173 -27.53 16.80 18.37
C GLY B 173 -26.70 16.95 17.09
N TRP B 174 -27.16 16.32 16.02
CA TRP B 174 -26.53 16.43 14.72
C TRP B 174 -27.53 16.82 13.65
N GLY B 175 -27.04 17.53 12.64
CA GLY B 175 -27.77 17.83 11.43
C GLY B 175 -26.99 17.14 10.30
N VAL B 176 -27.68 16.33 9.50
CA VAL B 176 -27.15 15.65 8.33
C VAL B 176 -27.78 16.34 7.14
N GLU B 177 -27.01 17.22 6.52
CA GLU B 177 -27.61 18.18 5.58
C GLU B 177 -27.13 17.95 4.18
N ALA B 178 -28.06 18.09 3.24
CA ALA B 178 -27.70 18.04 1.83
C ALA B 178 -26.55 19.01 1.62
N HIS B 179 -25.54 18.57 0.89
CA HIS B 179 -24.29 19.30 0.80
C HIS B 179 -23.86 19.53 -0.65
N LYS B 180 -23.16 18.58 -1.26
CA LYS B 180 -22.66 18.73 -2.63
C LYS B 180 -23.32 17.70 -3.55
N ILE B 181 -24.34 18.13 -4.26
CA ILE B 181 -25.12 17.24 -5.11
C ILE B 181 -24.84 17.52 -6.58
N MET B 182 -24.39 16.50 -7.30
CA MET B 182 -24.19 16.59 -8.74
C MET B 182 -25.48 16.28 -9.49
N ASN B 183 -25.88 17.19 -10.39
CA ASN B 183 -27.12 17.06 -11.15
C ASN B 183 -26.95 15.94 -12.14
N ASN B 184 -26.08 16.16 -13.11
CA ASN B 184 -25.69 15.11 -14.02
C ASN B 184 -24.18 15.02 -13.84
N GLY B 185 -23.42 15.58 -14.77
CA GLY B 185 -22.00 15.81 -14.57
C GLY B 185 -21.80 17.24 -14.09
N TRP B 186 -22.91 17.94 -13.89
CA TRP B 186 -22.85 19.33 -13.50
C TRP B 186 -23.12 19.54 -12.02
N GLY B 187 -22.57 20.64 -11.49
CA GLY B 187 -22.70 20.98 -10.09
C GLY B 187 -21.34 21.25 -9.48
N PRO B 188 -21.23 21.16 -8.14
CA PRO B 188 -22.32 20.73 -7.25
C PRO B 188 -23.37 21.80 -6.96
N TYR B 189 -24.57 21.35 -6.65
CA TYR B 189 -25.64 22.20 -6.22
C TYR B 189 -26.00 21.79 -4.82
N GLY B 190 -26.85 22.59 -4.20
CA GLY B 190 -27.29 22.33 -2.86
C GLY B 190 -28.60 23.04 -2.61
N ARG B 191 -28.97 23.16 -1.34
CA ARG B 191 -30.24 23.76 -0.96
C ARG B 191 -30.36 25.26 -1.29
N ASP B 192 -29.25 25.97 -1.46
CA ASP B 192 -29.25 27.43 -1.68
C ASP B 192 -28.48 27.80 -2.95
N SER B 193 -28.33 26.87 -3.87
CA SER B 193 -27.66 27.18 -5.15
C SER B 193 -28.47 28.24 -5.90
N PHE B 194 -27.74 29.16 -6.52
CA PHE B 194 -28.36 30.32 -7.17
C PHE B 194 -27.66 30.71 -8.47
N HIS B 195 -28.40 30.57 -9.57
CA HIS B 195 -27.98 31.10 -10.85
C HIS B 195 -28.91 32.28 -11.17
N PRO B 196 -28.35 33.48 -11.45
CA PRO B 196 -29.13 34.72 -11.61
C PRO B 196 -30.23 34.61 -12.66
N THR B 197 -30.08 33.67 -13.58
CA THR B 197 -31.06 33.40 -14.62
C THR B 197 -31.96 32.22 -14.27
N TYR B 198 -31.36 31.05 -14.04
CA TYR B 198 -32.13 29.82 -13.86
C TYR B 198 -32.49 29.50 -12.41
N GLY B 199 -32.00 30.31 -11.49
CA GLY B 199 -32.27 30.13 -10.08
C GLY B 199 -31.50 28.93 -9.55
N ASN B 200 -32.19 28.06 -8.84
CA ASN B 200 -31.57 26.85 -8.33
C ASN B 200 -31.82 25.67 -9.26
N GLU B 201 -30.79 25.20 -9.95
CA GLU B 201 -30.93 24.15 -10.95
C GLU B 201 -30.69 22.74 -10.38
N LEU B 202 -30.86 22.59 -9.06
CA LEU B 202 -30.55 21.35 -8.34
C LEU B 202 -31.09 20.07 -9.01
N PHE B 203 -32.40 20.00 -9.22
CA PHE B 203 -32.99 18.83 -9.83
C PHE B 203 -33.58 19.12 -11.20
N LEU B 204 -33.13 20.19 -11.82
CA LEU B 204 -33.62 20.61 -13.12
C LEU B 204 -32.93 19.85 -14.24
N ALA B 205 -33.71 19.17 -15.07
CA ALA B 205 -33.17 18.32 -16.15
C ALA B 205 -32.53 19.12 -17.28
N GLY B 206 -33.29 20.08 -17.82
CA GLY B 206 -32.80 20.92 -18.89
C GLY B 206 -33.29 22.35 -18.73
N ARG B 207 -32.51 23.29 -19.26
CA ARG B 207 -32.90 24.70 -19.22
C ARG B 207 -33.89 25.06 -20.33
N GLN B 208 -33.77 24.34 -21.46
CA GLN B 208 -34.56 24.61 -22.66
C GLN B 208 -35.34 23.36 -23.09
N SER B 209 -35.71 22.53 -22.12
CA SER B 209 -36.37 21.29 -22.46
C SER B 209 -37.81 21.53 -22.93
N SER B 210 -38.23 20.70 -23.88
CA SER B 210 -39.54 20.81 -24.49
C SER B 210 -40.45 19.68 -24.02
N ALA B 211 -40.70 19.67 -22.71
CA ALA B 211 -41.60 18.70 -22.09
C ALA B 211 -42.43 19.40 -21.02
N TYR B 212 -43.38 18.66 -20.44
CA TYR B 212 -44.17 19.13 -19.31
C TYR B 212 -43.27 19.47 -18.11
N ALA B 213 -43.77 20.35 -17.25
CA ALA B 213 -43.05 20.76 -16.06
C ALA B 213 -42.81 19.53 -15.19
N GLY B 214 -43.84 18.71 -15.04
CA GLY B 214 -43.76 17.52 -14.22
C GLY B 214 -42.76 16.50 -14.74
N GLN B 215 -42.16 16.78 -15.90
CA GLN B 215 -41.26 15.83 -16.53
C GLN B 215 -39.88 16.41 -16.78
N ASN B 216 -39.67 17.63 -16.28
CA ASN B 216 -38.38 18.29 -16.45
C ASN B 216 -37.51 18.29 -15.19
N PHE B 217 -37.82 17.36 -14.28
CA PHE B 217 -36.95 17.05 -13.16
C PHE B 217 -36.03 15.93 -13.58
N ILE B 218 -34.84 15.87 -12.99
CA ILE B 218 -33.94 14.77 -13.31
C ILE B 218 -34.56 13.46 -12.87
N ALA B 219 -34.09 12.37 -13.45
CA ALA B 219 -34.61 11.07 -13.10
C ALA B 219 -34.41 10.87 -11.60
N GLN B 220 -35.34 10.13 -11.02
CA GLN B 220 -35.30 9.84 -9.59
C GLN B 220 -34.01 9.09 -9.22
N HIS B 221 -33.56 8.18 -10.07
CA HIS B 221 -32.35 7.43 -9.74
C HIS B 221 -31.10 8.33 -9.79
N GLN B 222 -31.23 9.54 -10.35
CA GLN B 222 -30.12 10.49 -10.41
C GLN B 222 -30.05 11.35 -9.13
N MET B 223 -31.04 11.22 -8.27
CA MET B 223 -31.05 11.96 -7.02
C MET B 223 -30.25 11.20 -5.96
N PRO B 224 -29.66 11.93 -5.00
CA PRO B 224 -28.92 11.23 -3.94
C PRO B 224 -29.86 10.37 -3.13
N LEU B 225 -29.30 9.28 -2.62
CA LEU B 225 -30.07 8.32 -1.87
C LEU B 225 -30.86 8.96 -0.71
N LEU B 226 -30.26 9.87 0.06
CA LEU B 226 -30.93 10.44 1.23
C LEU B 226 -32.03 11.39 0.86
N SER B 227 -32.05 11.87 -0.37
CA SER B 227 -33.08 12.84 -0.74
C SER B 227 -34.38 12.16 -1.08
N ARG B 228 -34.33 10.87 -1.43
CA ARG B 228 -35.51 10.17 -2.00
C ARG B 228 -35.88 8.90 -1.27
N SER B 229 -35.01 8.45 -0.37
CA SER B 229 -35.19 7.14 0.24
C SER B 229 -35.26 7.28 1.76
N ASN B 230 -34.30 6.67 2.46
CA ASN B 230 -34.31 6.59 3.90
C ASN B 230 -32.92 6.87 4.47
N PHE B 231 -32.86 7.66 5.53
CA PHE B 231 -31.64 7.92 6.25
C PHE B 231 -31.55 6.89 7.38
N ASN B 232 -30.41 6.21 7.51
CA ASN B 232 -30.22 5.23 8.57
C ASN B 232 -29.17 5.76 9.52
N PRO B 233 -29.60 6.45 10.58
CA PRO B 233 -28.67 7.15 11.43
C PRO B 233 -27.75 6.21 12.16
N GLU B 234 -26.60 6.70 12.55
CA GLU B 234 -25.66 5.93 13.33
C GLU B 234 -24.89 6.95 14.19
N PHE B 235 -25.38 7.24 15.39
CA PHE B 235 -24.82 8.28 16.24
C PHE B 235 -24.49 7.62 17.56
N LEU B 236 -23.45 8.12 18.19
CA LEU B 236 -22.97 7.56 19.45
C LEU B 236 -22.91 8.69 20.45
N SER B 237 -23.32 8.39 21.69
CA SER B 237 -23.19 9.34 22.76
C SER B 237 -22.76 8.60 24.00
N VAL B 238 -21.91 9.22 24.81
CA VAL B 238 -21.56 8.68 26.12
C VAL B 238 -22.21 9.56 27.23
N LEU B 239 -22.85 8.94 28.22
CA LEU B 239 -23.44 9.66 29.32
C LEU B 239 -22.86 9.21 30.68
N SER B 240 -22.74 10.16 31.61
CA SER B 240 -22.37 9.81 32.97
C SER B 240 -23.56 10.06 33.93
N HIS B 241 -23.68 9.20 34.93
CA HIS B 241 -24.71 9.29 35.94
C HIS B 241 -24.06 9.21 37.30
N ARG B 242 -24.43 10.15 38.19
CA ARG B 242 -23.92 10.15 39.57
C ARG B 242 -24.43 8.97 40.40
N GLN B 243 -23.56 8.36 41.18
CA GLN B 243 -23.90 7.16 41.92
C GLN B 243 -24.79 7.49 43.09
N ASP B 244 -24.67 8.71 43.60
CA ASP B 244 -25.54 9.16 44.70
C ASP B 244 -26.85 9.72 44.14
N GLY B 245 -27.04 9.59 42.83
CA GLY B 245 -28.20 10.17 42.17
C GLY B 245 -29.45 9.37 42.45
N ALA B 246 -30.46 9.64 41.63
CA ALA B 246 -31.65 8.86 41.59
C ALA B 246 -31.32 7.61 40.77
N LYS B 247 -32.03 6.52 41.03
CA LYS B 247 -31.81 5.22 40.38
C LYS B 247 -32.34 5.22 38.95
N LYS B 248 -33.32 6.06 38.67
CA LYS B 248 -33.94 6.13 37.37
C LYS B 248 -33.85 7.53 36.83
N SER B 249 -33.70 7.67 35.53
CA SER B 249 -33.64 9.00 34.93
C SER B 249 -34.31 8.90 33.58
N LYS B 250 -34.50 10.04 32.94
CA LYS B 250 -35.18 10.06 31.64
C LYS B 250 -34.26 10.57 30.55
N ILE B 251 -34.29 9.92 29.40
CA ILE B 251 -33.60 10.41 28.21
C ILE B 251 -34.60 10.63 27.06
N THR B 252 -34.50 11.75 26.40
CA THR B 252 -35.43 12.08 25.35
C THR B 252 -34.64 12.02 24.04
N VAL B 253 -35.18 11.38 23.01
CA VAL B 253 -34.45 11.20 21.75
C VAL B 253 -35.35 11.61 20.64
N THR B 254 -34.84 12.49 19.79
CA THR B 254 -35.67 13.11 18.77
C THR B 254 -35.07 12.86 17.42
N TYR B 255 -35.88 12.32 16.51
CA TYR B 255 -35.48 12.16 15.12
C TYR B 255 -36.38 13.02 14.28
N GLN B 256 -35.80 13.69 13.28
CA GLN B 256 -36.56 14.66 12.50
C GLN B 256 -36.09 14.80 11.06
N ARG B 257 -37.02 15.07 10.16
CA ARG B 257 -36.64 15.43 8.80
C ARG B 257 -37.14 16.83 8.48
N GLU B 258 -36.32 17.51 7.70
CA GLU B 258 -36.69 18.74 7.04
C GLU B 258 -36.86 18.42 5.56
N MET B 259 -38.05 18.71 5.06
CA MET B 259 -38.34 18.50 3.65
C MET B 259 -38.30 19.84 2.93
N ASP B 260 -37.59 19.87 1.84
CA ASP B 260 -37.55 21.04 1.02
C ASP B 260 -38.48 20.90 -0.17
N LEU B 261 -38.98 22.06 -0.58
CA LEU B 261 -39.89 22.16 -1.68
C LEU B 261 -39.07 22.61 -2.87
N TYR B 262 -38.95 21.77 -3.89
CA TYR B 262 -38.25 22.17 -5.11
C TYR B 262 -39.27 22.32 -6.21
N GLN B 263 -39.25 23.47 -6.88
CA GLN B 263 -40.22 23.74 -7.94
C GLN B 263 -39.57 24.36 -9.15
N ILE B 264 -40.14 24.05 -10.31
CA ILE B 264 -39.64 24.60 -11.58
C ILE B 264 -40.78 25.21 -12.40
N ARG B 265 -40.45 26.24 -13.17
CA ARG B 265 -41.43 26.95 -13.96
C ARG B 265 -40.82 27.28 -15.33
N TRP B 266 -41.68 27.27 -16.35
CA TRP B 266 -41.26 27.61 -17.71
C TRP B 266 -41.26 29.13 -17.98
N TYR B 270 -37.43 30.31 -21.01
CA TYR B 270 -36.59 29.26 -20.40
C TYR B 270 -37.19 28.72 -19.11
N TRP B 271 -36.61 27.61 -18.63
CA TRP B 271 -36.96 27.06 -17.32
C TRP B 271 -36.11 27.64 -16.20
N ALA B 272 -36.68 27.70 -15.00
CA ALA B 272 -35.90 28.12 -13.85
C ALA B 272 -36.35 27.32 -12.64
N GLY B 273 -35.53 27.31 -11.60
CA GLY B 273 -35.81 26.53 -10.41
C GLY B 273 -35.72 27.32 -9.12
N ALA B 274 -36.54 26.89 -8.17
CA ALA B 274 -36.50 27.47 -6.84
C ALA B 274 -36.55 26.34 -5.83
N ASN B 275 -35.73 26.44 -4.78
CA ASN B 275 -35.80 25.52 -3.65
C ASN B 275 -36.12 26.22 -2.35
N TYR B 276 -37.20 25.79 -1.69
CA TYR B 276 -37.65 26.41 -0.44
C TYR B 276 -37.38 25.47 0.73
N LYS B 277 -36.56 25.94 1.68
CA LYS B 277 -35.98 25.08 2.69
C LYS B 277 -36.94 24.79 3.83
N ASN B 278 -36.99 23.52 4.22
CA ASN B 278 -37.78 23.14 5.36
C ASN B 278 -39.23 23.64 5.23
N PHE B 279 -39.81 23.42 4.07
CA PHE B 279 -41.20 23.75 3.83
C PHE B 279 -42.11 22.82 4.61
N LYS B 280 -41.66 21.58 4.80
CA LYS B 280 -42.33 20.68 5.75
C LYS B 280 -41.34 20.04 6.72
N THR B 281 -41.77 19.93 7.96
CA THR B 281 -40.96 19.31 8.95
C THR B 281 -41.75 18.19 9.56
N ARG B 282 -41.05 17.08 9.85
CA ARG B 282 -41.69 15.95 10.53
C ARG B 282 -40.77 15.49 11.62
N THR B 283 -41.34 15.38 12.84
CA THR B 283 -40.54 15.16 14.04
C THR B 283 -41.17 14.10 14.93
N PHE B 284 -40.30 13.21 15.40
CA PHE B 284 -40.68 12.12 16.27
C PHE B 284 -39.77 12.07 17.49
N LYS B 285 -40.39 12.20 18.65
CA LYS B 285 -39.64 12.29 19.88
C LYS B 285 -40.07 11.20 20.80
N SER B 286 -39.12 10.63 21.51
CA SER B 286 -39.40 9.50 22.36
C SER B 286 -38.67 9.68 23.63
N THR B 287 -39.32 9.37 24.73
CA THR B 287 -38.64 9.46 25.99
C THR B 287 -38.63 8.09 26.61
N TYR B 288 -37.46 7.81 27.17
CA TYR B 288 -37.10 6.51 27.67
C TYR B 288 -36.71 6.72 29.11
N GLU B 289 -36.93 5.71 29.92
CA GLU B 289 -36.52 5.77 31.30
C GLU B 289 -35.42 4.77 31.48
N ILE B 290 -34.31 5.28 31.98
CA ILE B 290 -33.15 4.49 32.24
C ILE B 290 -33.20 4.11 33.70
N ASP B 291 -33.09 2.82 33.97
CA ASP B 291 -32.90 2.31 35.32
C ASP B 291 -31.42 1.98 35.48
N TRP B 292 -30.70 2.88 36.13
CA TRP B 292 -29.26 2.79 36.27
C TRP B 292 -28.86 1.67 37.21
N GLU B 293 -29.78 1.30 38.11
CA GLU B 293 -29.48 0.28 39.09
C GLU B 293 -29.58 -1.13 38.47
N ASN B 294 -30.65 -1.37 37.72
CA ASN B 294 -30.89 -2.68 37.13
C ASN B 294 -30.52 -2.75 35.65
N HIS B 295 -30.01 -1.65 35.09
CA HIS B 295 -29.59 -1.61 33.70
C HIS B 295 -30.71 -1.91 32.73
N LYS B 296 -31.92 -1.55 33.10
CA LYS B 296 -33.06 -1.73 32.21
C LYS B 296 -33.36 -0.40 31.57
N VAL B 297 -34.03 -0.45 30.43
CA VAL B 297 -34.50 0.76 29.77
C VAL B 297 -35.91 0.48 29.31
N LYS B 298 -36.77 1.49 29.35
CA LYS B 298 -38.18 1.27 29.10
C LYS B 298 -38.72 2.51 28.39
N LEU B 299 -39.39 2.30 27.27
CA LEU B 299 -40.05 3.38 26.57
C LEU B 299 -41.24 3.94 27.37
N LEU B 300 -41.22 5.24 27.58
CA LEU B 300 -42.26 5.88 28.39
C LEU B 300 -43.27 6.60 27.54
N ASP B 301 -42.81 7.26 26.49
CA ASP B 301 -43.75 8.09 25.73
C ASP B 301 -43.23 8.39 24.36
N THR B 302 -44.13 8.70 23.45
CA THR B 302 -43.74 9.19 22.14
C THR B 302 -44.58 10.37 21.70
N LYS B 303 -44.05 11.17 20.77
CA LYS B 303 -44.84 12.28 20.25
C LYS B 303 -44.46 12.62 18.81
N GLU B 304 -45.48 12.77 18.00
CA GLU B 304 -45.34 13.16 16.59
C GLU B 304 -45.76 14.61 16.47
N THR B 305 -44.92 15.40 15.80
CA THR B 305 -45.24 16.79 15.53
C THR B 305 -44.81 17.09 14.13
N GLU B 306 -45.55 17.97 13.48
CA GLU B 306 -45.16 18.42 12.17
C GLU B 306 -45.31 19.90 12.04
N ASN B 307 -44.65 20.45 11.05
CA ASN B 307 -44.86 21.83 10.69
C ASN B 307 -44.99 21.90 9.19
N ASN B 308 -46.01 22.61 8.73
CA ASN B 308 -46.22 22.86 7.33
C ASN B 308 -46.36 24.32 7.19
N LYS B 309 -45.46 24.93 6.44
CA LYS B 309 -45.61 26.34 6.12
C LYS B 309 -46.00 26.47 4.66
N VAL C 26 -17.19 -28.87 18.96
CA VAL C 26 -17.04 -29.01 17.51
C VAL C 26 -15.95 -29.98 17.04
N THR C 27 -16.35 -31.00 16.30
CA THR C 27 -15.39 -31.97 15.76
C THR C 27 -15.47 -32.09 14.24
N LEU C 28 -14.31 -32.43 13.66
CA LEU C 28 -14.10 -32.52 12.24
C LEU C 28 -13.52 -33.90 11.83
N TYR C 29 -14.12 -34.52 10.80
CA TYR C 29 -13.65 -35.80 10.24
C TYR C 29 -13.45 -35.61 8.75
N LYS C 30 -12.33 -36.06 8.23
CA LYS C 30 -12.04 -35.81 6.81
C LYS C 30 -12.02 -37.11 6.07
N THR C 31 -12.40 -37.05 4.80
CA THR C 31 -12.06 -38.13 3.92
C THR C 31 -12.12 -37.62 2.50
N THR C 32 -11.80 -38.50 1.54
CA THR C 32 -11.70 -38.13 0.12
C THR C 32 -12.22 -39.28 -0.76
N ALA C 33 -12.59 -38.96 -1.99
CA ALA C 33 -12.93 -39.98 -2.98
C ALA C 33 -12.69 -39.44 -4.38
N THR C 34 -12.55 -40.33 -5.34
CA THR C 34 -12.18 -39.92 -6.68
C THR C 34 -12.90 -40.78 -7.67
N ALA C 35 -12.96 -40.29 -8.91
CA ALA C 35 -13.53 -41.06 -9.99
C ALA C 35 -12.97 -40.57 -11.29
N ASP C 36 -12.79 -41.50 -12.24
CA ASP C 36 -12.10 -41.16 -13.48
C ASP C 36 -12.85 -41.59 -14.71
N SER C 37 -12.77 -40.79 -15.76
CA SER C 37 -13.13 -41.24 -17.09
C SER C 37 -11.91 -41.00 -17.98
N ASP C 38 -11.17 -42.06 -18.28
CA ASP C 38 -9.98 -41.90 -19.11
C ASP C 38 -10.39 -41.62 -20.53
N LYS C 39 -11.51 -42.17 -20.93
CA LYS C 39 -12.02 -41.90 -22.26
C LYS C 39 -12.26 -40.41 -22.50
N PHE C 40 -12.96 -39.75 -21.58
CA PHE C 40 -13.26 -38.32 -21.69
C PHE C 40 -12.14 -37.40 -21.12
N LYS C 41 -11.16 -37.95 -20.41
CA LYS C 41 -10.12 -37.14 -19.77
C LYS C 41 -10.79 -36.19 -18.76
N ILE C 42 -11.67 -36.78 -17.96
CA ILE C 42 -12.37 -36.08 -16.91
C ILE C 42 -12.13 -36.82 -15.62
N SER C 43 -11.81 -36.10 -14.55
CA SER C 43 -11.53 -36.75 -13.30
C SER C 43 -12.09 -35.88 -12.17
N GLN C 44 -12.67 -36.52 -11.16
CA GLN C 44 -13.26 -35.83 -10.03
C GLN C 44 -12.46 -36.17 -8.81
N ILE C 45 -12.17 -35.14 -8.01
CA ILE C 45 -11.62 -35.32 -6.66
C ILE C 45 -12.54 -34.64 -5.68
N LEU C 46 -13.02 -35.41 -4.71
CA LEU C 46 -13.92 -34.89 -3.72
C LEU C 46 -13.32 -35.03 -2.36
N THR C 47 -13.27 -33.89 -1.66
CA THR C 47 -12.72 -33.81 -0.33
C THR C 47 -13.87 -33.42 0.60
N PHE C 48 -13.99 -34.18 1.69
CA PHE C 48 -15.18 -34.18 2.54
C PHE C 48 -14.76 -33.82 3.95
N ASN C 49 -15.35 -32.74 4.47
CA ASN C 49 -15.19 -32.36 5.87
C ASN C 49 -16.51 -32.46 6.63
N PHE C 50 -16.61 -33.49 7.46
CA PHE C 50 -17.81 -33.71 8.24
C PHE C 50 -17.55 -32.94 9.50
N ILE C 51 -18.55 -32.16 9.90
CA ILE C 51 -18.48 -31.36 11.11
C ILE C 51 -19.66 -31.69 11.99
N LYS C 52 -19.33 -32.09 13.22
CA LYS C 52 -20.34 -32.18 14.27
C LYS C 52 -20.19 -31.00 15.24
N ASP C 53 -21.28 -30.26 15.38
CA ASP C 53 -21.33 -29.00 16.11
C ASP C 53 -22.44 -29.15 17.09
N LYS C 54 -22.10 -29.21 18.38
CA LYS C 54 -23.09 -29.39 19.44
C LYS C 54 -24.14 -28.26 19.52
N SER C 55 -23.88 -27.16 18.84
CA SER C 55 -24.77 -26.02 18.87
C SER C 55 -25.82 -26.03 17.73
N TYR C 56 -25.65 -26.97 16.79
CA TYR C 56 -26.48 -27.14 15.59
C TYR C 56 -27.21 -28.48 15.68
N ASP C 57 -28.43 -28.60 15.16
CA ASP C 57 -29.16 -29.87 15.30
C ASP C 57 -29.06 -30.80 14.08
N LYS C 58 -28.19 -30.45 13.15
CA LYS C 58 -27.95 -31.31 12.00
C LYS C 58 -26.48 -31.63 11.86
N ASP C 59 -26.15 -32.65 11.06
CA ASP C 59 -24.76 -32.92 10.70
C ASP C 59 -24.40 -32.00 9.55
N THR C 60 -23.14 -31.59 9.52
CA THR C 60 -22.68 -30.73 8.44
C THR C 60 -21.58 -31.41 7.65
N LEU C 61 -21.57 -31.12 6.36
CA LEU C 61 -20.56 -31.65 5.47
C LEU C 61 -20.07 -30.55 4.54
N VAL C 62 -18.77 -30.24 4.58
CA VAL C 62 -18.17 -29.34 3.61
C VAL C 62 -17.54 -30.21 2.54
N LEU C 63 -17.88 -29.93 1.30
CA LEU C 63 -17.55 -30.78 0.20
C LEU C 63 -16.84 -29.90 -0.81
N LYS C 64 -15.57 -30.20 -1.04
CA LYS C 64 -14.79 -29.51 -2.05
C LYS C 64 -14.63 -30.40 -3.26
N ALA C 65 -14.95 -29.86 -4.43
CA ALA C 65 -14.88 -30.60 -5.69
C ALA C 65 -13.80 -30.01 -6.56
N THR C 66 -12.79 -30.81 -6.85
CA THR C 66 -11.66 -30.41 -7.69
C THR C 66 -11.43 -31.52 -8.73
N GLY C 67 -10.24 -31.54 -9.36
CA GLY C 67 -9.87 -32.55 -10.34
C GLY C 67 -9.62 -31.95 -11.70
N ASN C 68 -10.08 -32.61 -12.75
CA ASN C 68 -9.71 -32.20 -14.12
C ASN C 68 -10.82 -32.37 -15.12
N ILE C 69 -11.05 -31.36 -15.95
CA ILE C 69 -11.93 -31.55 -17.09
C ILE C 69 -11.23 -31.10 -18.35
N ASN C 70 -10.78 -32.07 -19.15
CA ASN C 70 -10.08 -31.71 -20.38
C ASN C 70 -10.99 -30.90 -21.34
N SER C 71 -10.40 -30.00 -22.12
CA SER C 71 -11.17 -29.13 -23.00
C SER C 71 -11.80 -29.86 -24.19
N GLY C 72 -11.36 -31.08 -24.48
CA GLY C 72 -11.75 -31.80 -25.69
C GLY C 72 -11.25 -31.14 -26.99
N PHE C 73 -10.30 -30.21 -26.86
CA PHE C 73 -9.78 -29.44 -27.99
C PHE C 73 -9.21 -30.36 -29.05
N VAL C 74 -9.48 -30.01 -30.29
CA VAL C 74 -9.07 -30.77 -31.47
C VAL C 74 -8.55 -29.76 -32.47
N LYS C 75 -7.28 -29.89 -32.82
CA LYS C 75 -6.64 -28.94 -33.72
C LYS C 75 -7.28 -29.03 -35.11
N PRO C 76 -7.13 -27.96 -35.92
CA PRO C 76 -7.47 -27.98 -37.34
C PRO C 76 -6.44 -28.76 -38.15
N ASN C 77 -6.89 -29.49 -39.16
CA ASN C 77 -5.99 -30.12 -40.14
C ASN C 77 -5.39 -29.03 -41.01
N PRO C 78 -4.05 -28.90 -41.03
CA PRO C 78 -3.39 -27.83 -41.83
C PRO C 78 -3.54 -28.00 -43.35
N ASN C 79 -4.20 -29.07 -43.79
CA ASN C 79 -4.35 -29.40 -45.21
C ASN C 79 -5.72 -29.04 -45.80
N ASP C 80 -6.69 -28.70 -44.95
CA ASP C 80 -7.97 -28.18 -45.45
C ASP C 80 -7.62 -26.94 -46.31
N TYR C 81 -8.35 -26.71 -47.40
CA TYR C 81 -7.96 -25.64 -48.33
C TYR C 81 -8.66 -24.29 -48.12
N ASP C 82 -9.96 -24.25 -48.36
CA ASP C 82 -10.70 -22.99 -48.34
C ASP C 82 -11.76 -22.98 -47.22
N PHE C 83 -11.76 -24.04 -46.43
CA PHE C 83 -12.71 -24.19 -45.35
C PHE C 83 -12.12 -25.08 -44.27
N SER C 84 -12.09 -24.62 -43.02
CA SER C 84 -11.52 -25.43 -41.95
C SER C 84 -12.27 -25.28 -40.64
N LYS C 85 -12.03 -26.22 -39.73
CA LYS C 85 -12.68 -26.19 -38.44
C LYS C 85 -11.76 -26.66 -37.31
N LEU C 86 -12.05 -26.23 -36.09
CA LEU C 86 -11.48 -26.87 -34.91
C LEU C 86 -12.54 -26.97 -33.84
N TYR C 87 -12.31 -27.85 -32.89
CA TYR C 87 -13.15 -27.96 -31.72
C TYR C 87 -12.41 -27.39 -30.53
N TRP C 88 -13.11 -26.55 -29.75
CA TRP C 88 -12.55 -25.99 -28.51
C TRP C 88 -13.49 -26.07 -27.31
N GLY C 89 -12.92 -25.98 -26.10
CA GLY C 89 -13.67 -26.16 -24.87
C GLY C 89 -14.22 -24.83 -24.38
N ALA C 90 -15.54 -24.64 -24.49
CA ALA C 90 -16.12 -23.30 -24.39
C ALA C 90 -16.90 -23.11 -23.13
N LYS C 91 -17.34 -24.21 -22.52
CA LYS C 91 -18.02 -24.13 -21.24
C LYS C 91 -17.89 -25.40 -20.42
N TYR C 92 -17.66 -25.25 -19.12
CA TYR C 92 -17.56 -26.37 -18.21
C TYR C 92 -18.66 -26.31 -17.16
N ASN C 93 -19.36 -27.43 -16.96
CA ASN C 93 -20.46 -27.46 -16.03
C ASN C 93 -20.13 -28.43 -14.93
N VAL C 94 -20.39 -28.02 -13.70
CA VAL C 94 -20.21 -28.89 -12.56
C VAL C 94 -21.50 -28.79 -11.79
N SER C 95 -21.97 -29.89 -11.20
CA SER C 95 -23.13 -29.84 -10.36
C SER C 95 -23.01 -30.92 -9.31
N ILE C 96 -23.57 -30.64 -8.14
CA ILE C 96 -23.53 -31.55 -7.02
C ILE C 96 -24.92 -31.49 -6.49
N SER C 97 -25.51 -32.65 -6.19
CA SER C 97 -26.89 -32.65 -5.77
C SER C 97 -27.16 -33.82 -4.87
N SER C 98 -28.14 -33.67 -3.98
CA SER C 98 -28.58 -34.78 -3.14
C SER C 98 -29.93 -35.33 -3.65
N GLN C 99 -30.43 -36.37 -3.01
CA GLN C 99 -31.64 -37.10 -3.48
C GLN C 99 -32.92 -36.47 -2.96
N SER C 100 -33.97 -36.41 -3.79
CA SER C 100 -35.27 -35.85 -3.39
C SER C 100 -35.85 -36.52 -2.18
N ASN C 101 -35.59 -37.80 -2.01
CA ASN C 101 -36.15 -38.53 -0.89
C ASN C 101 -35.31 -38.49 0.43
N ASP C 102 -34.10 -37.91 0.42
CA ASP C 102 -33.30 -37.90 1.65
C ASP C 102 -33.39 -36.58 2.42
N SER C 103 -32.79 -36.54 3.61
CA SER C 103 -32.88 -35.35 4.45
C SER C 103 -31.65 -34.45 4.28
N VAL C 104 -31.09 -34.39 3.08
CA VAL C 104 -29.86 -33.66 2.87
C VAL C 104 -30.11 -32.44 2.02
N ASN C 105 -29.68 -31.27 2.52
CA ASN C 105 -29.90 -30.01 1.82
C ASN C 105 -28.57 -29.35 1.54
N VAL C 106 -28.52 -28.59 0.46
CA VAL C 106 -27.38 -27.74 0.15
C VAL C 106 -27.67 -26.36 0.74
N VAL C 107 -26.95 -26.00 1.80
CA VAL C 107 -27.24 -24.77 2.53
C VAL C 107 -26.36 -23.57 2.14
N ASP C 108 -25.21 -23.81 1.54
CA ASP C 108 -24.33 -22.74 1.13
C ASP C 108 -23.31 -23.31 0.14
N TYR C 109 -22.54 -22.43 -0.51
CA TYR C 109 -21.64 -22.85 -1.56
C TYR C 109 -20.80 -21.69 -2.01
N ALA C 110 -19.72 -21.98 -2.75
CA ALA C 110 -18.86 -20.93 -3.31
C ALA C 110 -18.19 -21.43 -4.59
N PRO C 111 -18.04 -20.55 -5.60
CA PRO C 111 -18.37 -19.12 -5.60
C PRO C 111 -19.84 -18.80 -5.89
N LYS C 112 -20.28 -17.59 -5.51
CA LYS C 112 -21.62 -17.11 -5.78
C LYS C 112 -21.56 -16.11 -6.91
N ASN C 113 -22.72 -15.77 -7.46
CA ASN C 113 -22.74 -14.85 -8.58
C ASN C 113 -22.18 -13.49 -8.15
N GLN C 114 -21.42 -12.87 -9.02
CA GLN C 114 -20.83 -11.59 -8.68
C GLN C 114 -21.70 -10.41 -9.11
N ASN C 115 -21.93 -9.52 -8.16
CA ASN C 115 -22.44 -8.19 -8.44
C ASN C 115 -21.22 -7.36 -8.80
N GLU C 116 -20.88 -7.31 -10.09
CA GLU C 116 -19.59 -6.78 -10.52
C GLU C 116 -19.45 -5.25 -10.32
N GLU C 117 -18.21 -4.82 -10.16
CA GLU C 117 -17.87 -3.45 -9.88
C GLU C 117 -16.89 -2.94 -10.90
N PHE C 118 -16.87 -1.62 -11.07
CA PHE C 118 -15.87 -0.98 -11.89
C PHE C 118 -15.57 0.45 -11.42
N GLN C 119 -14.43 0.97 -11.80
CA GLN C 119 -14.07 2.30 -11.32
C GLN C 119 -14.29 3.31 -12.39
N VAL C 120 -14.70 4.52 -12.01
CA VAL C 120 -15.03 5.57 -12.96
C VAL C 120 -14.30 6.89 -12.63
N GLN C 121 -13.80 7.54 -13.67
CA GLN C 121 -13.28 8.88 -13.55
C GLN C 121 -13.85 9.78 -14.66
N ASN C 122 -14.65 10.76 -14.27
CA ASN C 122 -15.21 11.80 -15.16
C ASN C 122 -14.40 13.08 -15.04
N THR C 123 -14.16 13.71 -16.17
CA THR C 123 -13.43 14.95 -16.19
C THR C 123 -14.09 15.94 -17.13
N LEU C 124 -14.11 17.18 -16.67
CA LEU C 124 -14.64 18.32 -17.40
C LEU C 124 -13.59 19.43 -17.36
N GLY C 125 -13.15 19.87 -18.53
CA GLY C 125 -12.12 20.89 -18.62
C GLY C 125 -12.49 22.05 -19.53
N TYR C 126 -11.87 23.20 -19.29
CA TYR C 126 -12.08 24.39 -20.10
C TYR C 126 -10.75 25.07 -20.41
N THR C 127 -10.67 25.72 -21.56
CA THR C 127 -9.53 26.58 -21.84
C THR C 127 -9.86 27.74 -22.79
N ASN C 145 -13.26 26.87 -25.48
CA ASN C 145 -12.83 25.47 -25.63
C ASN C 145 -13.15 24.54 -24.43
N THR C 146 -13.84 23.42 -24.70
CA THR C 146 -14.34 22.52 -23.67
C THR C 146 -13.95 21.07 -23.92
N ALA C 147 -13.75 20.31 -22.84
CA ALA C 147 -13.41 18.89 -22.95
C ALA C 147 -14.13 18.08 -21.88
N PHE C 148 -14.68 16.95 -22.31
CA PHE C 148 -15.35 16.02 -21.43
C PHE C 148 -14.59 14.71 -21.58
N SER C 149 -14.48 13.96 -20.51
CA SER C 149 -13.84 12.66 -20.61
C SER C 149 -14.38 11.70 -19.57
N GLU C 150 -14.53 10.44 -19.94
CA GLU C 150 -14.83 9.41 -18.96
C GLU C 150 -13.97 8.16 -19.14
N THR C 151 -13.30 7.78 -18.06
CA THR C 151 -12.53 6.55 -18.04
C THR C 151 -13.19 5.55 -17.09
N ILE C 152 -13.35 4.30 -17.55
CA ILE C 152 -13.75 3.23 -16.65
C ILE C 152 -12.66 2.16 -16.54
N ASN C 153 -12.49 1.60 -15.35
CA ASN C 153 -11.50 0.56 -15.07
C ASN C 153 -12.19 -0.70 -14.52
N TYR C 154 -11.88 -1.87 -15.07
CA TYR C 154 -12.48 -3.09 -14.56
C TYR C 154 -11.62 -4.30 -14.90
N LYS C 155 -11.94 -5.42 -14.24
CA LYS C 155 -11.31 -6.71 -14.54
C LYS C 155 -12.02 -7.49 -15.62
N GLN C 156 -11.20 -8.07 -16.49
CA GLN C 156 -11.70 -8.80 -17.64
C GLN C 156 -11.21 -10.23 -17.50
N GLU C 157 -12.16 -11.17 -17.45
CA GLU C 157 -11.87 -12.58 -17.31
C GLU C 157 -12.08 -13.33 -18.61
N SER C 158 -11.18 -14.28 -18.84
CA SER C 158 -11.20 -15.14 -19.99
C SER C 158 -12.46 -16.01 -19.97
N TYR C 159 -12.72 -16.60 -18.82
CA TYR C 159 -13.90 -17.40 -18.58
C TYR C 159 -14.56 -16.83 -17.34
N ARG C 160 -15.89 -16.85 -17.32
CA ARG C 160 -16.66 -16.34 -16.21
C ARG C 160 -17.46 -17.47 -15.59
N THR C 161 -17.47 -17.50 -14.28
CA THR C 161 -18.24 -18.46 -13.53
C THR C 161 -19.55 -17.87 -13.00
N THR C 162 -20.68 -18.52 -13.31
CA THR C 162 -21.99 -18.16 -12.72
C THR C 162 -22.73 -19.41 -12.34
N LEU C 163 -23.70 -19.27 -11.42
CA LEU C 163 -24.49 -20.38 -10.97
C LEU C 163 -25.41 -20.89 -12.05
N SER C 164 -25.69 -22.18 -11.98
CA SER C 164 -26.69 -22.79 -12.83
C SER C 164 -28.10 -22.38 -12.37
N ARG C 165 -28.98 -22.14 -13.34
CA ARG C 165 -30.40 -21.80 -13.11
C ARG C 165 -31.14 -22.95 -12.39
N ASN C 166 -30.57 -24.15 -12.43
CA ASN C 166 -31.13 -25.32 -11.77
C ASN C 166 -30.73 -25.45 -10.31
N THR C 167 -30.04 -24.45 -9.78
CA THR C 167 -29.65 -24.50 -8.39
C THR C 167 -30.90 -24.38 -7.48
N ASN C 168 -30.98 -25.23 -6.45
CA ASN C 168 -32.03 -25.16 -5.53
C ASN C 168 -31.61 -25.82 -4.25
N TYR C 169 -32.57 -26.17 -3.40
CA TYR C 169 -32.21 -26.63 -2.07
C TYR C 169 -31.54 -28.00 -2.02
N LYS C 170 -31.56 -28.76 -3.12
CA LYS C 170 -30.89 -30.06 -3.18
C LYS C 170 -29.91 -30.21 -4.33
N ASN C 171 -29.54 -29.09 -4.95
CA ASN C 171 -28.63 -29.12 -6.04
C ASN C 171 -27.96 -27.77 -6.25
N VAL C 172 -26.65 -27.78 -6.45
CA VAL C 172 -25.94 -26.57 -6.85
C VAL C 172 -25.05 -26.89 -8.03
N GLY C 173 -24.98 -25.92 -8.92
CA GLY C 173 -24.29 -26.10 -10.15
C GLY C 173 -23.70 -24.79 -10.63
N TRP C 174 -22.67 -24.92 -11.44
CA TRP C 174 -21.95 -23.79 -11.94
C TRP C 174 -21.62 -24.04 -13.37
N GLY C 175 -21.56 -22.96 -14.12
CA GLY C 175 -21.10 -22.92 -15.49
C GLY C 175 -19.91 -21.95 -15.55
N VAL C 176 -18.80 -22.44 -16.13
CA VAL C 176 -17.58 -21.70 -16.33
C VAL C 176 -17.46 -21.52 -17.83
N GLU C 177 -17.72 -20.30 -18.32
CA GLU C 177 -18.08 -20.12 -19.72
C GLU C 177 -17.15 -19.12 -20.31
N ALA C 178 -16.72 -19.42 -21.53
CA ALA C 178 -15.80 -18.54 -22.22
C ALA C 178 -16.48 -17.17 -22.22
N HIS C 179 -15.72 -16.11 -22.06
CA HIS C 179 -16.27 -14.80 -21.78
C HIS C 179 -15.67 -13.72 -22.67
N LYS C 180 -14.55 -13.13 -22.25
CA LYS C 180 -13.90 -12.05 -23.00
C LYS C 180 -12.52 -12.49 -23.45
N ILE C 181 -12.43 -12.95 -24.69
CA ILE C 181 -11.19 -13.50 -25.22
C ILE C 181 -10.55 -12.55 -26.22
N MET C 182 -9.32 -12.11 -25.93
CA MET C 182 -8.59 -11.23 -26.84
C MET C 182 -7.81 -12.06 -27.86
N ASN C 183 -8.04 -11.77 -29.13
CA ASN C 183 -7.49 -12.53 -30.25
C ASN C 183 -6.02 -12.18 -30.45
N ASN C 184 -5.73 -10.92 -30.76
CA ASN C 184 -4.36 -10.49 -31.02
C ASN C 184 -4.09 -9.14 -30.38
N GLY C 185 -4.83 -8.82 -29.32
CA GLY C 185 -4.96 -7.44 -28.88
C GLY C 185 -6.22 -6.87 -29.51
N TRP C 186 -6.92 -7.71 -30.26
CA TRP C 186 -8.24 -7.37 -30.77
C TRP C 186 -9.32 -8.10 -29.98
N GLY C 187 -10.51 -7.52 -29.97
CA GLY C 187 -11.64 -8.08 -29.26
C GLY C 187 -12.08 -7.14 -28.15
N PRO C 188 -12.72 -7.69 -27.11
CA PRO C 188 -12.92 -9.13 -26.88
C PRO C 188 -13.93 -9.83 -27.79
N TYR C 189 -13.68 -11.11 -27.99
CA TYR C 189 -14.57 -11.97 -28.71
C TYR C 189 -15.10 -13.03 -27.76
N GLY C 190 -16.14 -13.72 -28.20
CA GLY C 190 -16.79 -14.73 -27.40
C GLY C 190 -17.45 -15.77 -28.27
N ARG C 191 -18.21 -16.65 -27.63
CA ARG C 191 -18.90 -17.73 -28.30
C ARG C 191 -19.94 -17.26 -29.31
N ASP C 192 -20.42 -16.03 -29.18
CA ASP C 192 -21.51 -15.56 -30.03
C ASP C 192 -21.13 -14.26 -30.71
N SER C 193 -19.83 -13.97 -30.78
CA SER C 193 -19.41 -12.70 -31.39
C SER C 193 -19.81 -12.63 -32.86
N PHE C 194 -20.26 -11.45 -33.29
CA PHE C 194 -20.86 -11.29 -34.61
C PHE C 194 -20.47 -10.03 -35.36
N HIS C 195 -19.79 -10.22 -36.49
CA HIS C 195 -19.47 -9.14 -37.40
C HIS C 195 -20.25 -9.42 -38.69
N PRO C 196 -20.95 -8.40 -39.25
CA PRO C 196 -21.82 -8.60 -40.43
C PRO C 196 -21.09 -9.23 -41.61
N THR C 197 -19.89 -8.74 -41.88
CA THR C 197 -19.07 -9.27 -42.95
C THR C 197 -18.39 -10.56 -42.48
N TYR C 198 -17.54 -10.45 -41.46
CA TYR C 198 -16.58 -11.51 -41.13
C TYR C 198 -17.11 -12.61 -40.20
N GLY C 199 -18.30 -12.42 -39.67
CA GLY C 199 -18.93 -13.40 -38.82
C GLY C 199 -18.23 -13.38 -37.47
N ASN C 200 -17.87 -14.55 -36.94
CA ASN C 200 -17.17 -14.62 -35.66
C ASN C 200 -15.66 -14.77 -35.86
N GLU C 201 -14.92 -13.72 -35.50
CA GLU C 201 -13.47 -13.67 -35.73
C GLU C 201 -12.65 -14.17 -34.54
N LEU C 202 -13.32 -14.84 -33.61
CA LEU C 202 -12.71 -15.31 -32.36
C LEU C 202 -11.30 -15.88 -32.54
N PHE C 203 -11.16 -16.96 -33.31
CA PHE C 203 -9.86 -17.53 -33.57
C PHE C 203 -9.36 -17.32 -34.99
N LEU C 204 -9.90 -16.33 -35.69
CA LEU C 204 -9.48 -16.03 -37.05
C LEU C 204 -8.16 -15.23 -37.11
N ALA C 205 -7.18 -15.75 -37.85
CA ALA C 205 -5.84 -15.13 -37.89
C ALA C 205 -5.81 -13.86 -38.74
N GLY C 206 -6.31 -13.94 -39.96
CA GLY C 206 -6.34 -12.77 -40.83
C GLY C 206 -7.59 -12.77 -41.70
N ARG C 207 -8.12 -11.57 -41.95
CA ARG C 207 -9.29 -11.42 -42.81
C ARG C 207 -8.99 -11.73 -44.29
N GLN C 208 -7.75 -11.42 -44.71
CA GLN C 208 -7.34 -11.50 -46.11
C GLN C 208 -6.06 -12.31 -46.23
N SER C 209 -5.92 -13.33 -45.39
CA SER C 209 -4.68 -14.08 -45.38
C SER C 209 -4.53 -14.88 -46.66
N SER C 210 -3.30 -14.91 -47.17
CA SER C 210 -2.99 -15.61 -48.41
C SER C 210 -2.79 -17.11 -48.14
N ALA C 211 -3.91 -17.79 -47.86
CA ALA C 211 -3.90 -19.23 -47.58
C ALA C 211 -3.18 -19.43 -46.25
N TYR C 212 -3.29 -20.60 -45.64
CA TYR C 212 -4.10 -21.74 -46.04
C TYR C 212 -5.18 -21.83 -44.93
N ALA C 213 -6.44 -22.12 -45.27
CA ALA C 213 -7.43 -22.42 -44.21
C ALA C 213 -6.90 -23.60 -43.41
N GLY C 214 -6.90 -23.52 -42.09
CA GLY C 214 -6.30 -24.59 -41.32
C GLY C 214 -4.91 -24.15 -40.91
N GLN C 215 -4.41 -23.15 -41.62
CA GLN C 215 -3.25 -22.40 -41.17
C GLN C 215 -3.65 -20.95 -40.98
N ASN C 216 -4.96 -20.69 -41.01
CA ASN C 216 -5.45 -19.32 -40.81
C ASN C 216 -6.28 -19.17 -39.53
N PHE C 217 -6.08 -20.08 -38.59
CA PHE C 217 -6.50 -19.85 -37.22
C PHE C 217 -5.34 -19.22 -36.45
N ILE C 218 -5.60 -18.51 -35.36
CA ILE C 218 -4.53 -18.00 -34.51
C ILE C 218 -3.74 -19.14 -33.92
N ALA C 219 -2.50 -18.87 -33.56
CA ALA C 219 -1.63 -19.89 -33.02
C ALA C 219 -2.31 -20.46 -31.79
N GLN C 220 -2.14 -21.76 -31.61
CA GLN C 220 -2.66 -22.45 -30.44
C GLN C 220 -2.24 -21.73 -29.16
N HIS C 221 -0.97 -21.30 -29.07
CA HIS C 221 -0.51 -20.66 -27.82
C HIS C 221 -1.22 -19.34 -27.51
N GLN C 222 -1.88 -18.76 -28.52
CA GLN C 222 -2.61 -17.47 -28.40
C GLN C 222 -4.04 -17.69 -27.92
N MET C 223 -4.51 -18.92 -28.01
CA MET C 223 -5.80 -19.29 -27.46
C MET C 223 -5.74 -19.32 -25.93
N PRO C 224 -6.85 -18.97 -25.27
CA PRO C 224 -6.89 -19.02 -23.81
C PRO C 224 -6.69 -20.44 -23.32
N LEU C 225 -6.10 -20.55 -22.15
CA LEU C 225 -5.78 -21.85 -21.58
C LEU C 225 -6.94 -22.83 -21.49
N LEU C 226 -8.13 -22.41 -21.00
CA LEU C 226 -9.23 -23.36 -20.82
C LEU C 226 -9.83 -23.79 -22.13
N SER C 227 -9.57 -23.06 -23.20
CA SER C 227 -10.14 -23.45 -24.48
C SER C 227 -9.37 -24.61 -25.08
N ARG C 228 -8.08 -24.74 -24.74
CA ARG C 228 -7.19 -25.71 -25.41
C ARG C 228 -6.59 -26.79 -24.49
N SER C 229 -6.75 -26.65 -23.18
CA SER C 229 -6.00 -27.46 -22.24
C SER C 229 -6.95 -28.18 -21.28
N ASN C 230 -6.77 -27.94 -19.98
CA ASN C 230 -7.58 -28.58 -18.97
C ASN C 230 -8.15 -27.59 -17.99
N PHE C 231 -9.42 -27.76 -17.62
CA PHE C 231 -10.03 -26.95 -16.57
C PHE C 231 -9.79 -27.64 -15.23
N ASN C 232 -9.30 -26.92 -14.22
CA ASN C 232 -9.10 -27.54 -12.91
C ASN C 232 -10.13 -26.94 -11.95
N PRO C 233 -11.33 -27.54 -11.88
CA PRO C 233 -12.41 -26.94 -11.08
C PRO C 233 -12.04 -26.79 -9.64
N GLU C 234 -12.64 -25.81 -9.00
CA GLU C 234 -12.51 -25.69 -7.55
C GLU C 234 -13.78 -25.07 -6.98
N PHE C 235 -14.73 -25.93 -6.58
CA PHE C 235 -16.04 -25.50 -6.06
C PHE C 235 -16.25 -26.02 -4.67
N LEU C 236 -16.99 -25.25 -3.87
CA LEU C 236 -17.30 -25.60 -2.49
C LEU C 236 -18.82 -25.72 -2.30
N SER C 237 -19.27 -26.75 -1.57
CA SER C 237 -20.65 -26.82 -1.15
C SER C 237 -20.72 -27.24 0.31
N VAL C 238 -21.70 -26.69 1.03
CA VAL C 238 -22.00 -27.13 2.37
C VAL C 238 -23.37 -27.81 2.34
N LEU C 239 -23.45 -28.96 3.00
CA LEU C 239 -24.68 -29.72 3.06
C LEU C 239 -25.04 -29.99 4.49
N SER C 240 -26.35 -30.02 4.76
CA SER C 240 -26.84 -30.43 6.07
C SER C 240 -27.58 -31.75 5.98
N HIS C 241 -27.47 -32.55 7.03
CA HIS C 241 -28.13 -33.84 7.12
C HIS C 241 -28.84 -33.97 8.47
N ARG C 242 -30.12 -34.36 8.43
CA ARG C 242 -30.88 -34.59 9.65
C ARG C 242 -30.38 -35.76 10.51
N GLN C 243 -30.26 -35.58 11.82
CA GLN C 243 -29.73 -36.63 12.68
C GLN C 243 -30.75 -37.72 12.97
N ASP C 244 -32.01 -37.46 12.63
CA ASP C 244 -33.06 -38.43 12.82
C ASP C 244 -33.37 -39.18 11.49
N GLY C 245 -32.46 -39.06 10.52
CA GLY C 245 -32.67 -39.58 9.18
C GLY C 245 -31.95 -40.91 8.94
N ALA C 246 -31.77 -41.24 7.66
CA ALA C 246 -30.95 -42.38 7.28
C ALA C 246 -29.48 -42.10 7.63
N LYS C 247 -28.73 -43.15 7.93
CA LYS C 247 -27.33 -43.02 8.30
C LYS C 247 -26.50 -42.85 7.04
N LYS C 248 -27.05 -43.30 5.91
CA LYS C 248 -26.38 -43.21 4.64
C LYS C 248 -27.22 -42.45 3.65
N SER C 249 -26.57 -41.76 2.72
CA SER C 249 -27.34 -41.05 1.69
C SER C 249 -26.49 -41.04 0.47
N LYS C 250 -27.05 -40.50 -0.62
CA LYS C 250 -26.36 -40.49 -1.90
C LYS C 250 -26.17 -39.10 -2.43
N ILE C 251 -24.95 -38.82 -2.84
CA ILE C 251 -24.64 -37.61 -3.61
C ILE C 251 -24.19 -37.92 -5.05
N THR C 252 -24.64 -37.10 -6.00
CA THR C 252 -24.30 -37.26 -7.39
C THR C 252 -23.50 -36.07 -7.85
N VAL C 253 -22.38 -36.29 -8.54
CA VAL C 253 -21.53 -35.19 -8.96
C VAL C 253 -21.29 -35.31 -10.44
N THR C 254 -21.58 -34.27 -11.19
CA THR C 254 -21.44 -34.33 -12.62
C THR C 254 -20.42 -33.31 -13.05
N TYR C 255 -19.50 -33.74 -13.90
CA TYR C 255 -18.57 -32.83 -14.51
C TYR C 255 -18.78 -32.96 -15.98
N GLN C 256 -18.71 -31.83 -16.68
CA GLN C 256 -19.11 -31.80 -18.06
C GLN C 256 -18.42 -30.73 -18.88
N ARG C 257 -18.22 -31.01 -20.16
CA ARG C 257 -17.71 -30.00 -21.09
C ARG C 257 -18.63 -29.83 -22.29
N GLU C 258 -18.73 -28.57 -22.72
CA GLU C 258 -19.35 -28.22 -23.99
C GLU C 258 -18.22 -27.85 -24.94
N MET C 259 -18.18 -28.54 -26.06
CA MET C 259 -17.21 -28.23 -27.08
C MET C 259 -17.89 -27.46 -28.20
N ASP C 260 -17.31 -26.33 -28.51
CA ASP C 260 -17.78 -25.57 -29.64
C ASP C 260 -17.01 -25.91 -30.90
N LEU C 261 -17.72 -25.72 -32.02
CA LEU C 261 -17.15 -25.98 -33.33
C LEU C 261 -16.90 -24.65 -34.00
N TYR C 262 -15.63 -24.33 -34.22
CA TYR C 262 -15.30 -23.05 -34.81
C TYR C 262 -14.81 -23.35 -36.20
N GLN C 263 -15.43 -22.75 -37.21
CA GLN C 263 -14.97 -22.93 -38.60
C GLN C 263 -14.78 -21.63 -39.35
N ILE C 264 -13.83 -21.66 -40.28
CA ILE C 264 -13.54 -20.50 -41.13
C ILE C 264 -13.61 -20.84 -42.63
N ARG C 265 -13.97 -19.84 -43.41
CA ARG C 265 -14.11 -20.02 -44.85
C ARG C 265 -13.66 -18.81 -45.66
N TRP C 266 -13.11 -19.13 -46.82
CA TRP C 266 -12.72 -18.18 -47.83
C TRP C 266 -13.78 -18.22 -48.92
N ASN C 267 -14.29 -17.05 -49.31
CA ASN C 267 -15.34 -16.94 -50.29
C ASN C 267 -14.85 -16.35 -51.64
N GLY C 268 -13.54 -16.35 -51.85
CA GLY C 268 -12.97 -15.69 -53.01
C GLY C 268 -12.64 -14.22 -52.79
N PHE C 269 -13.04 -13.67 -51.64
CA PHE C 269 -12.86 -12.25 -51.38
C PHE C 269 -12.24 -11.96 -50.00
N TYR C 270 -12.74 -12.64 -48.99
CA TYR C 270 -12.26 -12.42 -47.63
C TYR C 270 -12.54 -13.67 -46.81
N TRP C 271 -11.87 -13.79 -45.68
CA TRP C 271 -12.13 -14.87 -44.73
C TRP C 271 -13.26 -14.48 -43.79
N ALA C 272 -14.08 -15.46 -43.42
CA ALA C 272 -15.09 -15.22 -42.40
C ALA C 272 -15.19 -16.45 -41.49
N GLY C 273 -15.70 -16.21 -40.27
CA GLY C 273 -15.72 -17.25 -39.25
C GLY C 273 -17.08 -17.50 -38.66
N ALA C 274 -17.29 -18.72 -38.19
CA ALA C 274 -18.53 -19.09 -37.53
C ALA C 274 -18.26 -19.99 -36.32
N ASN C 275 -18.95 -19.72 -35.19
CA ASN C 275 -18.90 -20.59 -34.00
C ASN C 275 -20.23 -21.23 -33.61
N TYR C 276 -20.24 -22.56 -33.51
CA TYR C 276 -21.45 -23.31 -33.18
C TYR C 276 -21.32 -23.90 -31.79
N LYS C 277 -22.16 -23.39 -30.90
CA LYS C 277 -22.05 -23.67 -29.48
C LYS C 277 -22.50 -25.07 -29.14
N ASN C 278 -21.73 -25.73 -28.28
CA ASN C 278 -22.12 -27.02 -27.77
C ASN C 278 -22.49 -28.00 -28.87
N PHE C 279 -21.63 -28.07 -29.89
CA PHE C 279 -21.75 -29.05 -30.96
C PHE C 279 -21.43 -30.42 -30.46
N LYS C 280 -20.67 -30.49 -29.38
CA LYS C 280 -20.39 -31.75 -28.71
C LYS C 280 -20.36 -31.59 -27.19
N THR C 281 -20.85 -32.61 -26.50
CA THR C 281 -20.93 -32.57 -25.07
C THR C 281 -20.37 -33.83 -24.53
N ARG C 282 -19.49 -33.70 -23.53
CA ARG C 282 -18.99 -34.88 -22.82
C ARG C 282 -19.26 -34.75 -21.35
N THR C 283 -19.80 -35.83 -20.78
CA THR C 283 -20.34 -35.81 -19.41
C THR C 283 -19.98 -37.02 -18.58
N PHE C 284 -19.54 -36.73 -17.36
CA PHE C 284 -19.15 -37.74 -16.42
C PHE C 284 -19.87 -37.53 -15.08
N LYS C 285 -20.62 -38.52 -14.71
CA LYS C 285 -21.42 -38.41 -13.52
C LYS C 285 -21.05 -39.52 -12.61
N SER C 286 -20.82 -39.14 -11.37
CA SER C 286 -20.52 -40.10 -10.33
C SER C 286 -21.52 -40.02 -9.20
N THR C 287 -21.64 -41.14 -8.50
CA THR C 287 -22.59 -41.27 -7.42
C THR C 287 -21.86 -41.88 -6.26
N TYR C 288 -21.88 -41.15 -5.15
CA TYR C 288 -21.10 -41.45 -3.96
C TYR C 288 -22.06 -41.67 -2.84
N GLU C 289 -21.72 -42.60 -1.96
CA GLU C 289 -22.57 -42.90 -0.84
C GLU C 289 -21.90 -42.30 0.37
N ILE C 290 -22.63 -41.46 1.11
CA ILE C 290 -22.10 -40.85 2.32
C ILE C 290 -22.59 -41.63 3.52
N ASP C 291 -21.67 -42.15 4.29
CA ASP C 291 -21.98 -42.72 5.60
C ASP C 291 -21.79 -41.62 6.65
N TRP C 292 -22.91 -41.07 7.11
CA TRP C 292 -22.94 -39.90 7.96
C TRP C 292 -22.47 -40.30 9.34
N GLU C 293 -22.79 -41.53 9.71
CA GLU C 293 -22.45 -41.99 11.05
C GLU C 293 -20.94 -42.16 11.16
N ASN C 294 -20.32 -42.84 10.19
CA ASN C 294 -18.90 -43.18 10.29
C ASN C 294 -18.00 -42.29 9.43
N HIS C 295 -18.60 -41.28 8.81
CA HIS C 295 -17.83 -40.27 8.07
C HIS C 295 -16.98 -40.92 6.99
N LYS C 296 -17.59 -41.81 6.22
CA LYS C 296 -16.87 -42.47 5.14
C LYS C 296 -17.62 -42.20 3.88
N VAL C 297 -16.95 -42.35 2.75
CA VAL C 297 -17.55 -42.12 1.47
C VAL C 297 -17.07 -43.16 0.48
N LYS C 298 -18.01 -43.78 -0.21
CA LYS C 298 -17.68 -44.78 -1.20
C LYS C 298 -18.27 -44.35 -2.52
N LEU C 299 -17.49 -44.54 -3.57
CA LEU C 299 -17.94 -44.42 -4.94
C LEU C 299 -18.83 -45.63 -5.26
N LEU C 300 -20.08 -45.38 -5.60
CA LEU C 300 -21.04 -46.44 -5.92
C LEU C 300 -21.13 -46.69 -7.39
N ASP C 301 -21.16 -45.62 -8.17
CA ASP C 301 -21.15 -45.83 -9.62
C ASP C 301 -20.85 -44.60 -10.45
N THR C 302 -20.56 -44.85 -11.73
CA THR C 302 -20.18 -43.81 -12.66
C THR C 302 -20.82 -43.98 -14.01
N LYS C 303 -20.91 -42.90 -14.76
CA LYS C 303 -21.57 -42.94 -16.07
C LYS C 303 -21.05 -41.87 -17.03
N GLU C 304 -20.75 -42.34 -18.24
CA GLU C 304 -20.25 -41.49 -19.31
C GLU C 304 -21.34 -41.29 -20.35
N THR C 305 -21.66 -40.05 -20.66
CA THR C 305 -22.65 -39.80 -21.70
C THR C 305 -22.10 -38.71 -22.57
N GLU C 306 -22.44 -38.80 -23.85
CA GLU C 306 -22.06 -37.78 -24.79
C GLU C 306 -23.22 -37.37 -25.64
N ASN C 307 -23.09 -36.19 -26.22
CA ASN C 307 -24.02 -35.75 -27.23
C ASN C 307 -23.23 -35.18 -28.38
N ASN C 308 -23.68 -35.45 -29.59
CA ASN C 308 -23.05 -34.95 -30.79
C ASN C 308 -24.12 -34.35 -31.69
N LYS C 309 -24.07 -33.04 -31.90
CA LYS C 309 -24.88 -32.41 -32.94
C LYS C 309 -24.37 -32.84 -34.33
N ASP D 22 -4.89 -33.86 15.68
CA ASP D 22 -3.45 -33.56 15.60
C ASP D 22 -2.72 -34.45 14.58
N ILE D 23 -1.58 -33.93 14.11
CA ILE D 23 -0.93 -34.40 12.91
C ILE D 23 0.54 -34.73 13.10
N GLU D 24 0.88 -36.00 12.91
CA GLU D 24 2.29 -36.39 12.89
C GLU D 24 2.80 -36.48 11.42
N ILE D 25 4.01 -35.97 11.18
CA ILE D 25 4.68 -36.08 9.88
C ILE D 25 5.92 -36.97 9.94
N ILE D 26 6.08 -37.85 8.96
CA ILE D 26 7.34 -38.62 8.82
C ILE D 26 8.01 -38.27 7.50
N LYS D 27 9.22 -37.71 7.59
CA LYS D 27 9.90 -37.12 6.45
C LYS D 27 11.02 -38.04 5.84
N ARG D 28 11.06 -38.11 4.51
CA ARG D 28 12.05 -38.92 3.80
C ARG D 28 12.50 -38.12 2.60
N THR D 29 13.74 -38.33 2.18
CA THR D 29 14.24 -37.63 1.01
C THR D 29 15.02 -38.59 0.12
N GLU D 30 14.99 -38.29 -1.18
CA GLU D 30 15.89 -38.91 -2.15
C GLU D 30 16.40 -37.90 -3.14
N ASP D 31 17.66 -37.99 -3.53
CA ASP D 31 18.21 -37.13 -4.59
C ASP D 31 18.89 -37.97 -5.66
N LYS D 32 18.39 -37.92 -6.89
CA LYS D 32 18.95 -38.75 -7.94
C LYS D 32 19.36 -37.88 -9.06
N THR D 33 20.59 -38.07 -9.55
CA THR D 33 21.12 -37.34 -10.71
C THR D 33 21.35 -38.26 -11.92
N SER D 34 21.13 -37.76 -13.11
CA SER D 34 21.48 -38.52 -14.32
C SER D 34 22.38 -37.65 -15.14
N ASN D 35 23.56 -38.17 -15.46
CA ASN D 35 24.49 -37.45 -16.31
C ASN D 35 24.00 -37.48 -17.74
N LYS D 36 23.38 -38.57 -18.14
CA LYS D 36 22.87 -38.63 -19.49
C LYS D 36 21.86 -37.52 -19.76
N TRP D 37 20.88 -37.37 -18.89
CA TRP D 37 19.84 -36.40 -19.13
C TRP D 37 20.15 -34.98 -18.60
N GLY D 38 21.11 -34.83 -17.69
CA GLY D 38 21.37 -33.53 -17.08
C GLY D 38 20.21 -33.13 -16.19
N VAL D 39 19.88 -34.01 -15.24
CA VAL D 39 18.74 -33.78 -14.39
C VAL D 39 19.11 -34.26 -13.03
N THR D 40 18.71 -33.47 -12.03
CA THR D 40 18.71 -33.92 -10.63
C THR D 40 17.30 -33.73 -10.08
N GLN D 41 16.80 -34.81 -9.49
CA GLN D 41 15.53 -34.89 -8.84
C GLN D 41 15.78 -34.86 -7.34
N ASN D 42 15.26 -33.83 -6.67
CA ASN D 42 15.32 -33.72 -5.22
C ASN D 42 13.92 -33.92 -4.73
N ILE D 43 13.65 -35.08 -4.14
CA ILE D 43 12.29 -35.47 -3.81
C ILE D 43 12.12 -35.56 -2.30
N GLN D 44 11.06 -34.94 -1.79
CA GLN D 44 10.72 -35.10 -0.38
C GLN D 44 9.35 -35.76 -0.22
N PHE D 45 9.32 -36.76 0.65
CA PHE D 45 8.18 -37.59 0.95
C PHE D 45 7.81 -37.31 2.37
N ASP D 46 6.63 -36.75 2.54
CA ASP D 46 6.09 -36.46 3.85
C ASP D 46 4.87 -37.33 4.07
N PHE D 47 5.02 -38.33 4.91
CA PHE D 47 3.90 -39.16 5.25
C PHE D 47 3.14 -38.38 6.28
N VAL D 48 1.84 -38.23 6.05
CA VAL D 48 0.98 -37.50 6.96
C VAL D 48 0.06 -38.43 7.77
N LYS D 49 0.17 -38.38 9.08
CA LYS D 49 -0.68 -39.15 9.97
C LYS D 49 -1.60 -38.12 10.61
N ASP D 50 -2.74 -37.90 9.98
CA ASP D 50 -3.76 -36.98 10.48
C ASP D 50 -4.82 -37.88 11.11
N LYS D 51 -4.99 -37.81 12.42
CA LYS D 51 -6.00 -38.64 13.10
C LYS D 51 -7.45 -38.38 12.63
N LYS D 52 -7.69 -37.16 12.12
CA LYS D 52 -8.99 -36.77 11.60
C LYS D 52 -9.25 -37.25 10.18
N TYR D 53 -8.22 -37.80 9.53
CA TYR D 53 -8.35 -38.36 8.16
C TYR D 53 -8.30 -39.89 8.18
N ASN D 54 -9.21 -40.55 7.44
CA ASN D 54 -9.40 -42.01 7.59
C ASN D 54 -8.64 -42.84 6.55
N LYS D 55 -7.74 -42.20 5.81
CA LYS D 55 -6.85 -42.89 4.89
C LYS D 55 -5.39 -42.53 5.19
N ASP D 56 -4.48 -43.26 4.56
CA ASP D 56 -3.08 -42.90 4.60
C ASP D 56 -2.89 -41.71 3.66
N ALA D 57 -1.93 -40.85 3.99
CA ALA D 57 -1.59 -39.75 3.11
C ALA D 57 -0.08 -39.53 2.93
N LEU D 58 0.26 -39.11 1.71
CA LEU D 58 1.62 -38.83 1.37
C LEU D 58 1.66 -37.58 0.53
N ILE D 59 2.52 -36.62 0.92
CA ILE D 59 2.82 -35.43 0.13
C ILE D 59 4.21 -35.59 -0.47
N LEU D 60 4.28 -35.40 -1.79
CA LEU D 60 5.49 -35.47 -2.55
C LEU D 60 5.85 -34.09 -3.02
N LYS D 61 7.01 -33.63 -2.58
CA LYS D 61 7.58 -32.34 -2.98
C LYS D 61 8.67 -32.59 -3.99
N MET D 62 8.36 -32.18 -5.20
CA MET D 62 9.22 -32.43 -6.32
C MET D 62 10.03 -31.19 -6.62
N GLN D 63 11.32 -31.21 -6.26
CA GLN D 63 12.25 -30.14 -6.59
C GLN D 63 13.47 -30.67 -7.33
N GLY D 64 14.46 -29.81 -7.57
CA GLY D 64 15.68 -30.27 -8.20
C GLY D 64 16.20 -29.31 -9.22
N PHE D 65 16.82 -29.86 -10.26
CA PHE D 65 17.43 -29.02 -11.28
C PHE D 65 17.39 -29.78 -12.58
N ILE D 66 16.83 -29.17 -13.61
CA ILE D 66 16.91 -29.69 -14.94
C ILE D 66 17.70 -28.68 -15.74
N SER D 67 18.85 -29.09 -16.22
CA SER D 67 19.68 -28.17 -16.91
C SER D 67 19.18 -27.94 -18.33
N SER D 68 19.43 -26.75 -18.86
CA SER D 68 18.86 -26.41 -20.16
C SER D 68 19.44 -27.26 -21.31
N ARG D 69 20.68 -27.72 -21.15
CA ARG D 69 21.39 -28.43 -22.21
C ARG D 69 21.34 -27.61 -23.48
N THR D 70 21.40 -26.31 -23.33
CA THR D 70 21.39 -25.45 -24.52
C THR D 70 22.74 -25.62 -25.22
N THR D 71 22.75 -25.83 -26.54
CA THR D 71 24.03 -26.05 -27.25
C THR D 71 24.05 -25.37 -28.62
N TYR D 72 25.24 -24.97 -29.08
CA TYR D 72 25.43 -24.27 -30.34
C TYR D 72 26.31 -25.09 -31.28
N TYR D 73 26.06 -24.98 -32.58
CA TYR D 73 26.89 -25.72 -33.53
C TYR D 73 26.72 -25.23 -34.95
N ASN D 74 27.74 -25.49 -35.76
CA ASN D 74 27.65 -25.23 -37.20
C ASN D 74 26.74 -26.23 -37.87
N TYR D 75 25.82 -25.72 -38.67
CA TYR D 75 24.87 -26.55 -39.39
C TYR D 75 25.59 -27.32 -40.51
N LYS D 76 25.62 -28.64 -40.36
CA LYS D 76 26.21 -29.52 -41.38
C LYS D 76 27.60 -29.07 -41.86
N LYS D 77 27.75 -28.87 -43.16
CA LYS D 77 29.07 -28.51 -43.69
C LYS D 77 29.11 -27.08 -44.18
N THR D 78 28.00 -26.36 -43.98
CA THR D 78 27.86 -25.01 -44.46
C THR D 78 28.73 -24.06 -43.62
N ASN D 79 29.00 -22.87 -44.15
CA ASN D 79 29.76 -21.87 -43.41
C ASN D 79 28.87 -20.71 -42.97
N HIS D 80 27.64 -20.65 -43.48
CA HIS D 80 26.79 -19.47 -43.29
C HIS D 80 25.54 -19.77 -42.42
N VAL D 81 25.41 -21.02 -41.97
CA VAL D 81 24.25 -21.47 -41.19
C VAL D 81 24.68 -22.08 -39.87
N LYS D 82 24.24 -21.47 -38.76
CA LYS D 82 24.58 -21.98 -37.44
C LYS D 82 23.34 -22.21 -36.58
N ALA D 83 23.44 -23.11 -35.62
CA ALA D 83 22.27 -23.58 -34.93
C ALA D 83 22.45 -23.48 -33.42
N MET D 84 21.38 -23.07 -32.76
CA MET D 84 21.24 -23.09 -31.31
C MET D 84 20.07 -24.03 -30.92
N ARG D 85 20.35 -25.01 -30.09
CA ARG D 85 19.34 -25.96 -29.62
C ARG D 85 19.06 -25.59 -28.18
N TRP D 86 17.78 -25.42 -27.85
CA TRP D 86 17.39 -24.87 -26.54
C TRP D 86 16.03 -25.38 -26.02
N PRO D 87 15.84 -25.38 -24.68
CA PRO D 87 14.65 -25.96 -24.04
C PRO D 87 13.44 -25.07 -24.19
N PHE D 88 12.52 -25.48 -25.07
CA PHE D 88 11.30 -24.71 -25.27
C PHE D 88 10.31 -25.03 -24.13
N GLN D 89 10.43 -26.23 -23.57
CA GLN D 89 9.54 -26.66 -22.53
C GLN D 89 10.23 -27.59 -21.56
N TYR D 90 9.87 -27.50 -20.28
CA TYR D 90 10.26 -28.48 -19.28
C TYR D 90 9.07 -29.36 -18.91
N ASN D 91 9.35 -30.64 -18.68
CA ASN D 91 8.33 -31.64 -18.39
C ASN D 91 8.45 -32.11 -16.96
N ILE D 92 7.33 -32.21 -16.25
CA ILE D 92 7.37 -32.71 -14.88
C ILE D 92 6.13 -33.57 -14.69
N GLY D 93 6.29 -34.83 -14.32
CA GLY D 93 5.16 -35.73 -14.27
C GLY D 93 5.28 -36.70 -13.14
N LEU D 94 4.14 -37.11 -12.59
CA LEU D 94 4.10 -38.08 -11.51
C LEU D 94 3.02 -39.11 -11.84
N LYS D 95 3.30 -40.38 -11.57
CA LYS D 95 2.39 -41.49 -11.91
C LYS D 95 2.50 -42.52 -10.83
N THR D 96 1.39 -43.13 -10.47
CA THR D 96 1.42 -44.34 -9.65
C THR D 96 0.74 -45.49 -10.39
N ASN D 97 1.14 -46.72 -10.10
CA ASN D 97 0.39 -47.88 -10.62
C ASN D 97 -0.35 -48.70 -9.55
N ASP D 98 -0.41 -48.17 -8.33
CA ASP D 98 -1.08 -48.84 -7.25
C ASP D 98 -2.56 -48.41 -7.18
N LYS D 99 -3.48 -49.33 -7.47
CA LYS D 99 -4.94 -49.08 -7.50
C LYS D 99 -5.47 -48.44 -6.20
N TYR D 100 -4.76 -48.70 -5.11
CA TYR D 100 -5.19 -48.22 -3.82
C TYR D 100 -4.70 -46.81 -3.52
N VAL D 101 -4.05 -46.18 -4.50
CA VAL D 101 -3.54 -44.84 -4.29
C VAL D 101 -4.28 -43.88 -5.17
N SER D 102 -4.58 -42.68 -4.67
CA SER D 102 -5.26 -41.67 -5.50
C SER D 102 -4.65 -40.32 -5.29
N LEU D 103 -4.48 -39.61 -6.39
CA LEU D 103 -4.14 -38.21 -6.32
C LEU D 103 -5.32 -37.37 -5.80
N ILE D 104 -5.13 -36.67 -4.68
CA ILE D 104 -6.18 -35.89 -4.08
C ILE D 104 -5.83 -34.40 -4.09
N ASN D 105 -4.58 -34.07 -4.41
CA ASN D 105 -4.29 -32.65 -4.61
C ASN D 105 -2.95 -32.43 -5.29
N TYR D 106 -2.72 -31.25 -5.82
CA TYR D 106 -1.46 -30.96 -6.48
C TYR D 106 -1.40 -29.49 -6.76
N LEU D 107 -0.19 -28.98 -6.89
CA LEU D 107 -0.01 -27.60 -7.30
C LEU D 107 1.21 -27.47 -8.17
N PRO D 108 1.20 -26.52 -9.14
CA PRO D 108 0.15 -25.55 -9.49
C PRO D 108 -0.97 -26.14 -10.35
N LYS D 109 -2.06 -25.38 -10.46
CA LYS D 109 -3.24 -25.80 -11.21
C LYS D 109 -3.46 -24.76 -12.25
N ASN D 110 -4.14 -25.11 -13.34
CA ASN D 110 -4.46 -24.12 -14.37
C ASN D 110 -5.42 -23.04 -13.82
N LYS D 111 -5.15 -21.80 -14.19
CA LYS D 111 -5.99 -20.66 -13.78
C LYS D 111 -6.59 -20.00 -14.99
N ILE D 112 -7.72 -19.33 -14.78
CA ILE D 112 -8.27 -18.45 -15.79
C ILE D 112 -7.38 -17.22 -15.99
N GLU D 113 -7.06 -16.88 -17.23
CA GLU D 113 -6.40 -15.60 -17.51
C GLU D 113 -7.25 -14.37 -17.12
N SER D 114 -6.66 -13.48 -16.34
CA SER D 114 -7.35 -12.25 -15.91
C SER D 114 -6.47 -11.01 -16.15
N THR D 115 -7.08 -9.93 -16.63
CA THR D 115 -6.32 -8.76 -17.03
C THR D 115 -7.01 -7.50 -16.54
N ASN D 116 -6.28 -6.39 -16.50
CA ASN D 116 -6.86 -5.13 -16.07
C ASN D 116 -7.10 -4.26 -17.26
N VAL D 117 -8.33 -3.77 -17.39
CA VAL D 117 -8.75 -2.98 -18.52
C VAL D 117 -9.13 -1.55 -18.11
N SER D 118 -8.63 -0.59 -18.87
CA SER D 118 -8.98 0.81 -18.67
C SER D 118 -9.45 1.37 -20.01
N GLN D 119 -10.67 1.88 -20.03
CA GLN D 119 -11.26 2.41 -21.24
C GLN D 119 -11.68 3.87 -21.06
N THR D 120 -11.22 4.73 -21.96
CA THR D 120 -11.61 6.14 -21.92
C THR D 120 -12.26 6.59 -23.22
N LEU D 121 -13.21 7.50 -23.05
CA LEU D 121 -13.97 8.06 -24.13
C LEU D 121 -14.07 9.55 -23.88
N GLY D 122 -13.74 10.38 -24.86
CA GLY D 122 -13.80 11.82 -24.64
C GLY D 122 -14.12 12.58 -25.90
N TYR D 123 -14.33 13.89 -25.76
CA TYR D 123 -14.48 14.76 -26.93
C TYR D 123 -14.27 16.22 -26.57
N ASN D 124 -13.74 16.97 -27.54
CA ASN D 124 -13.63 18.42 -27.44
C ASN D 124 -14.72 19.12 -28.25
N ILE D 125 -14.79 20.44 -28.09
CA ILE D 125 -15.82 21.26 -28.73
C ILE D 125 -15.21 22.56 -29.25
N SER D 140 -14.02 17.54 -31.93
CA SER D 140 -13.14 16.36 -31.93
C SER D 140 -13.58 15.25 -30.97
N PHE D 141 -13.13 14.03 -31.24
CA PHE D 141 -13.56 12.88 -30.46
C PHE D 141 -12.42 11.87 -30.23
N ASN D 142 -12.40 11.21 -29.07
CA ASN D 142 -11.32 10.25 -28.78
C ASN D 142 -11.70 9.02 -27.96
N TYR D 143 -11.12 7.89 -28.32
CA TYR D 143 -11.35 6.62 -27.67
C TYR D 143 -10.02 5.97 -27.34
N SER D 144 -9.91 5.39 -26.16
CA SER D 144 -8.70 4.69 -25.77
C SER D 144 -9.01 3.44 -24.97
N LYS D 145 -8.34 2.34 -25.30
CA LYS D 145 -8.44 1.12 -24.50
C LYS D 145 -7.07 0.61 -24.16
N SER D 146 -6.84 0.33 -22.89
CA SER D 146 -5.58 -0.24 -22.46
C SER D 146 -5.80 -1.50 -21.59
N ILE D 147 -4.99 -2.51 -21.85
CA ILE D 147 -5.02 -3.78 -21.13
C ILE D 147 -3.68 -3.91 -20.46
N SER D 148 -3.66 -4.40 -19.22
CA SER D 148 -2.39 -4.63 -18.55
C SER D 148 -2.38 -5.93 -17.76
N TYR D 149 -1.20 -6.54 -17.71
CA TYR D 149 -1.05 -7.88 -17.18
C TYR D 149 0.42 -8.14 -16.92
N THR D 150 0.69 -9.32 -16.37
CA THR D 150 2.03 -9.73 -16.02
C THR D 150 2.44 -10.96 -16.82
N GLN D 151 3.63 -10.89 -17.42
CA GLN D 151 4.16 -12.01 -18.19
C GLN D 151 5.26 -12.73 -17.45
N GLN D 152 5.21 -14.05 -17.44
CA GLN D 152 6.34 -14.88 -17.04
C GLN D 152 7.10 -15.38 -18.28
N ASN D 153 8.40 -15.61 -18.16
CA ASN D 153 9.19 -16.17 -19.25
C ASN D 153 8.69 -17.52 -19.70
N TYR D 154 8.40 -18.37 -18.71
CA TYR D 154 7.79 -19.69 -18.92
C TYR D 154 6.50 -19.84 -18.10
N VAL D 155 5.45 -20.41 -18.70
CA VAL D 155 4.16 -20.61 -17.98
C VAL D 155 4.00 -22.07 -17.65
N SER D 156 3.44 -22.40 -16.48
CA SER D 156 3.23 -23.80 -16.08
C SER D 156 1.78 -24.25 -16.31
N GLU D 157 1.58 -25.27 -17.13
CA GLU D 157 0.25 -25.73 -17.47
C GLU D 157 0.09 -27.18 -17.07
N VAL D 158 -1.10 -27.50 -16.55
CA VAL D 158 -1.42 -28.89 -16.28
C VAL D 158 -1.81 -29.49 -17.61
N GLU D 159 -1.14 -30.57 -17.99
CA GLU D 159 -1.40 -31.22 -19.27
C GLU D 159 -2.24 -32.44 -19.14
N GLN D 160 -2.07 -33.14 -18.04
CA GLN D 160 -2.94 -34.29 -17.82
C GLN D 160 -3.05 -34.45 -16.34
N GLN D 161 -4.21 -34.90 -15.88
CA GLN D 161 -4.34 -35.23 -14.48
C GLN D 161 -5.49 -36.22 -14.32
N ASN D 162 -5.29 -37.29 -13.55
CA ASN D 162 -6.35 -38.17 -13.14
C ASN D 162 -5.92 -38.75 -11.79
N SER D 163 -6.64 -39.77 -11.32
CA SER D 163 -6.45 -40.21 -9.95
C SER D 163 -5.14 -40.93 -9.81
N LYS D 164 -4.49 -41.19 -10.94
CA LYS D 164 -3.27 -41.96 -10.89
C LYS D 164 -2.08 -41.15 -11.35
N SER D 165 -2.30 -39.89 -11.73
CA SER D 165 -1.16 -39.23 -12.33
C SER D 165 -1.44 -37.81 -12.67
N VAL D 166 -0.37 -37.03 -12.78
CA VAL D 166 -0.46 -35.64 -13.21
C VAL D 166 0.80 -35.29 -13.99
N LEU D 167 0.64 -34.54 -15.05
CA LEU D 167 1.71 -34.12 -15.91
C LEU D 167 1.57 -32.60 -16.16
N TRP D 168 2.68 -31.89 -15.91
CA TRP D 168 2.81 -30.46 -16.21
C TRP D 168 3.83 -30.22 -17.30
N GLY D 169 3.60 -29.17 -18.08
CA GLY D 169 4.57 -28.61 -19.00
C GLY D 169 4.83 -27.13 -18.71
N VAL D 170 6.09 -26.73 -18.62
CA VAL D 170 6.51 -25.36 -18.29
C VAL D 170 7.07 -24.81 -19.59
N LYS D 171 6.35 -23.86 -20.18
CA LYS D 171 6.51 -23.58 -21.60
C LYS D 171 6.99 -22.19 -21.82
N ALA D 172 7.96 -22.04 -22.73
CA ALA D 172 8.48 -20.72 -23.04
C ALA D 172 7.34 -19.90 -23.56
N ASN D 173 7.33 -18.63 -23.17
CA ASN D 173 6.15 -17.79 -23.32
C ASN D 173 6.50 -16.42 -23.91
N SER D 174 7.17 -15.56 -23.13
CA SER D 174 7.42 -14.20 -23.58
C SER D 174 8.65 -13.68 -22.87
N PHE D 175 9.44 -12.85 -23.56
CA PHE D 175 10.73 -12.36 -23.03
C PHE D 175 10.85 -10.87 -23.20
N ALA D 176 11.43 -10.23 -22.19
CA ALA D 176 11.64 -8.80 -22.21
C ALA D 176 12.98 -8.54 -22.87
N THR D 177 12.96 -7.82 -23.98
CA THR D 177 14.20 -7.42 -24.62
C THR D 177 14.20 -5.90 -24.80
N GLU D 178 15.32 -5.34 -25.24
CA GLU D 178 15.30 -3.99 -25.79
C GLU D 178 14.44 -4.18 -27.04
N SER D 179 13.71 -3.16 -27.47
CA SER D 179 12.82 -3.31 -28.63
C SER D 179 11.57 -4.15 -28.34
N GLY D 180 11.22 -4.25 -27.06
CA GLY D 180 9.91 -4.75 -26.67
C GLY D 180 9.90 -6.19 -26.23
N GLN D 181 8.70 -6.68 -25.95
CA GLN D 181 8.55 -8.06 -25.54
C GLN D 181 8.55 -8.90 -26.79
N LYS D 182 9.19 -10.06 -26.70
CA LYS D 182 9.29 -10.95 -27.84
C LYS D 182 8.69 -12.30 -27.48
N SER D 183 7.90 -12.85 -28.40
CA SER D 183 7.22 -14.11 -28.18
C SER D 183 8.16 -15.29 -28.32
N ALA D 184 7.87 -16.37 -27.60
CA ALA D 184 8.67 -17.57 -27.68
C ALA D 184 8.56 -18.23 -29.08
N PHE D 185 7.58 -17.81 -29.87
CA PHE D 185 7.35 -18.36 -31.21
C PHE D 185 7.92 -17.49 -32.34
N ASP D 186 8.51 -16.37 -32.00
CA ASP D 186 9.24 -15.53 -32.94
C ASP D 186 10.40 -16.26 -33.52
N SER D 187 10.46 -16.40 -34.84
CA SER D 187 11.52 -17.19 -35.46
C SER D 187 12.90 -16.51 -35.29
N ASP D 188 12.89 -15.21 -34.98
CA ASP D 188 14.11 -14.44 -34.82
C ASP D 188 14.60 -14.45 -33.36
N LEU D 189 13.87 -15.13 -32.48
CA LEU D 189 14.21 -15.17 -31.06
C LEU D 189 15.63 -15.74 -30.82
N PHE D 190 16.45 -14.96 -30.11
CA PHE D 190 17.84 -15.29 -29.76
C PHE D 190 18.84 -15.16 -30.90
N VAL D 191 18.39 -14.83 -32.11
CA VAL D 191 19.33 -14.58 -33.20
C VAL D 191 20.20 -13.36 -32.91
N GLY D 192 21.48 -13.50 -33.22
CA GLY D 192 22.51 -12.58 -32.75
C GLY D 192 23.02 -11.53 -33.72
N TYR D 193 24.25 -11.08 -33.46
CA TYR D 193 24.74 -9.81 -33.98
C TYR D 193 26.08 -9.90 -34.71
N LYS D 194 26.71 -11.07 -34.70
CA LYS D 194 28.09 -11.18 -35.19
C LYS D 194 28.23 -12.18 -36.32
N PRO D 195 27.70 -11.81 -37.50
CA PRO D 195 27.98 -12.60 -38.71
C PRO D 195 29.18 -11.99 -39.46
N HIS D 196 30.18 -12.76 -39.88
CA HIS D 196 30.31 -14.17 -39.59
C HIS D 196 31.60 -14.25 -38.77
N SER D 197 31.54 -14.97 -37.65
CA SER D 197 32.68 -15.07 -36.77
C SER D 197 33.36 -16.43 -36.94
N LYS D 198 32.60 -17.39 -37.48
CA LYS D 198 32.98 -18.81 -37.60
C LYS D 198 32.57 -19.58 -36.34
N ASP D 199 32.40 -18.85 -35.25
CA ASP D 199 31.99 -19.44 -33.99
C ASP D 199 30.46 -19.42 -33.91
N PRO D 200 29.80 -20.59 -33.81
CA PRO D 200 28.32 -20.65 -33.81
C PRO D 200 27.70 -19.89 -32.66
N ARG D 201 28.38 -19.87 -31.52
CA ARG D 201 27.91 -19.10 -30.37
C ARG D 201 27.68 -17.63 -30.74
N ASP D 202 28.47 -17.12 -31.68
CA ASP D 202 28.39 -15.72 -32.06
C ASP D 202 27.20 -15.42 -32.96
N TYR D 203 26.54 -16.46 -33.47
CA TYR D 203 25.33 -16.21 -34.25
C TYR D 203 24.09 -15.93 -33.40
N PHE D 204 24.24 -15.99 -32.08
CA PHE D 204 23.11 -15.88 -31.18
C PHE D 204 23.34 -14.86 -30.08
N VAL D 205 22.27 -14.37 -29.47
CA VAL D 205 22.43 -13.36 -28.43
C VAL D 205 23.37 -13.87 -27.32
N PRO D 206 24.11 -12.96 -26.67
CA PRO D 206 24.97 -13.41 -25.56
C PRO D 206 24.14 -13.81 -24.35
N ASP D 207 24.78 -14.53 -23.42
CA ASP D 207 24.13 -15.08 -22.24
C ASP D 207 23.30 -14.03 -21.46
N SER D 208 23.76 -12.78 -21.45
CA SER D 208 23.07 -11.74 -20.70
C SER D 208 21.73 -11.38 -21.32
N GLU D 209 21.47 -11.83 -22.55
CA GLU D 209 20.16 -11.59 -23.15
C GLU D 209 19.35 -12.86 -23.20
N LEU D 210 19.87 -13.92 -22.58
CA LEU D 210 19.13 -15.17 -22.46
C LEU D 210 18.53 -15.21 -21.06
N PRO D 211 17.28 -15.62 -20.96
CA PRO D 211 16.69 -15.86 -19.65
C PRO D 211 17.41 -17.01 -18.92
N PRO D 212 17.42 -16.99 -17.59
CA PRO D 212 18.05 -18.05 -16.76
C PRO D 212 17.63 -19.46 -17.16
N LEU D 213 16.37 -19.63 -17.54
CA LEU D 213 15.85 -20.97 -17.84
C LEU D 213 16.40 -21.55 -19.15
N VAL D 214 16.95 -20.70 -20.00
CA VAL D 214 17.66 -21.12 -21.21
C VAL D 214 19.19 -21.14 -21.00
N GLN D 215 19.72 -20.13 -20.33
CA GLN D 215 21.15 -20.07 -20.07
C GLN D 215 21.69 -21.13 -19.09
N SER D 216 20.89 -21.43 -18.07
CA SER D 216 21.25 -22.38 -17.01
C SER D 216 20.21 -23.54 -16.92
N GLY D 217 18.94 -23.24 -16.72
CA GLY D 217 17.98 -24.32 -16.53
C GLY D 217 16.90 -23.96 -15.56
N PHE D 218 16.09 -24.95 -15.22
CA PHE D 218 14.89 -24.84 -14.38
C PHE D 218 15.02 -25.60 -13.03
N ASN D 219 14.58 -24.96 -11.95
CA ASN D 219 14.50 -25.54 -10.61
C ASN D 219 13.03 -25.76 -10.33
N PRO D 220 12.52 -26.92 -10.70
CA PRO D 220 11.11 -27.18 -10.46
C PRO D 220 10.73 -27.10 -9.00
N SER D 221 9.48 -26.76 -8.77
CA SER D 221 8.86 -26.83 -7.46
C SER D 221 7.39 -27.23 -7.67
N PHE D 222 7.10 -28.49 -7.40
CA PHE D 222 5.80 -29.03 -7.71
C PHE D 222 5.39 -29.81 -6.50
N ILE D 223 4.08 -29.90 -6.28
CA ILE D 223 3.69 -30.66 -5.12
C ILE D 223 2.51 -31.51 -5.43
N ALA D 224 2.42 -32.65 -4.75
CA ALA D 224 1.33 -33.57 -5.00
C ALA D 224 0.98 -34.29 -3.73
N THR D 225 -0.29 -34.56 -3.53
CA THR D 225 -0.72 -35.23 -2.32
C THR D 225 -1.57 -36.41 -2.74
N VAL D 226 -1.22 -37.59 -2.22
CA VAL D 226 -1.93 -38.81 -2.55
C VAL D 226 -2.47 -39.46 -1.29
N SER D 227 -3.60 -40.16 -1.47
CA SER D 227 -4.18 -40.97 -0.41
C SER D 227 -3.88 -42.44 -0.72
N HIS D 228 -3.86 -43.22 0.35
CA HIS D 228 -3.75 -44.67 0.24
C HIS D 228 -4.77 -45.38 1.14
N GLU D 229 -5.52 -46.33 0.60
CA GLU D 229 -6.48 -47.12 1.43
C GLU D 229 -5.75 -47.93 2.53
N LYS D 230 -6.12 -47.68 3.78
CA LYS D 230 -5.49 -48.33 4.93
C LYS D 230 -5.60 -49.85 4.98
N GLY D 231 -4.46 -50.50 5.17
CA GLY D 231 -4.43 -51.95 5.33
C GLY D 231 -4.68 -52.65 4.00
N SER D 232 -4.42 -51.95 2.90
CA SER D 232 -4.41 -52.59 1.59
C SER D 232 -2.96 -53.00 1.23
N SER D 233 -2.44 -52.51 0.11
CA SER D 233 -1.07 -52.79 -0.31
C SER D 233 -0.06 -52.30 0.72
N ASP D 234 0.98 -53.08 1.00
CA ASP D 234 2.04 -52.67 1.92
C ASP D 234 2.90 -51.57 1.29
N THR D 235 3.01 -51.63 -0.03
CA THR D 235 3.87 -50.72 -0.75
C THR D 235 3.20 -50.17 -2.00
N SER D 236 3.69 -49.00 -2.43
CA SER D 236 3.22 -48.38 -3.70
C SER D 236 4.41 -47.87 -4.51
N GLU D 237 4.24 -47.78 -5.83
CA GLU D 237 5.28 -47.26 -6.67
C GLU D 237 4.87 -45.93 -7.27
N PHE D 238 5.84 -45.01 -7.37
CA PHE D 238 5.63 -43.74 -8.01
C PHE D 238 6.72 -43.53 -9.01
N GLU D 239 6.37 -43.11 -10.23
CA GLU D 239 7.37 -42.73 -11.21
C GLU D 239 7.36 -41.23 -11.33
N ILE D 240 8.53 -40.63 -11.27
CA ILE D 240 8.65 -39.20 -11.42
C ILE D 240 9.55 -38.88 -12.57
N THR D 241 9.03 -38.01 -13.44
CA THR D 241 9.64 -37.73 -14.73
C THR D 241 10.02 -36.24 -14.82
N TYR D 242 11.29 -35.98 -15.14
CA TYR D 242 11.78 -34.63 -15.33
C TYR D 242 12.50 -34.60 -16.62
N GLY D 243 12.24 -33.61 -17.46
CA GLY D 243 12.91 -33.56 -18.75
C GLY D 243 12.56 -32.33 -19.56
N ARG D 244 12.90 -32.34 -20.85
CA ARG D 244 12.77 -31.17 -21.68
C ARG D 244 12.35 -31.51 -23.10
N ASN D 245 11.75 -30.52 -23.76
CA ASN D 245 11.55 -30.51 -25.20
C ASN D 245 12.42 -29.39 -25.76
N MET D 246 13.15 -29.68 -26.84
CA MET D 246 14.10 -28.75 -27.42
C MET D 246 13.61 -28.21 -28.74
N ASP D 247 13.79 -26.90 -28.93
CA ASP D 247 13.65 -26.30 -30.24
C ASP D 247 15.05 -26.09 -30.83
N VAL D 248 15.05 -25.82 -32.12
CA VAL D 248 16.27 -25.41 -32.78
C VAL D 248 16.04 -24.11 -33.49
N THR D 249 16.94 -23.16 -33.27
CA THR D 249 16.95 -21.95 -34.04
C THR D 249 18.20 -21.95 -34.94
N HIS D 250 17.93 -21.94 -36.25
CA HIS D 250 18.96 -21.82 -37.26
C HIS D 250 19.09 -20.36 -37.56
N ALA D 251 20.33 -19.90 -37.54
CA ALA D 251 20.69 -18.54 -37.90
C ALA D 251 21.44 -18.60 -39.23
N ILE D 252 20.93 -17.88 -40.23
CA ILE D 252 21.56 -17.84 -41.56
C ILE D 252 22.04 -16.46 -41.94
N LYS D 253 23.27 -16.40 -42.46
CA LYS D 253 23.83 -15.13 -42.89
C LYS D 253 23.33 -14.72 -44.29
N ARG D 254 22.98 -13.43 -44.40
CA ARG D 254 22.53 -12.75 -45.62
C ARG D 254 23.02 -11.31 -45.42
N SER D 255 22.96 -10.38 -46.39
CA SER D 255 22.55 -10.59 -47.77
C SER D 255 23.76 -10.32 -48.64
N ASN D 260 26.50 -6.11 -47.80
CA ASN D 260 26.19 -5.89 -46.39
C ASN D 260 25.49 -7.10 -45.73
N SER D 261 25.90 -7.46 -44.51
CA SER D 261 25.49 -8.76 -43.93
C SER D 261 24.70 -8.66 -42.62
N TYR D 262 23.60 -9.43 -42.54
CA TYR D 262 22.77 -9.56 -41.32
C TYR D 262 22.37 -11.02 -41.10
N LEU D 263 21.80 -11.34 -39.93
CA LEU D 263 21.43 -12.72 -39.61
C LEU D 263 19.93 -12.91 -39.60
N ASP D 264 19.51 -14.04 -40.14
CA ASP D 264 18.10 -14.34 -40.27
C ASP D 264 17.79 -15.61 -39.50
N GLY D 265 16.59 -15.69 -38.92
CA GLY D 265 16.23 -16.81 -38.07
C GLY D 265 15.20 -17.75 -38.68
N HIS D 266 15.44 -19.04 -38.51
CA HIS D 266 14.45 -20.04 -38.85
C HIS D 266 14.33 -21.05 -37.70
N ARG D 267 13.09 -21.38 -37.32
CA ARG D 267 12.87 -22.24 -36.16
C ARG D 267 12.34 -23.61 -36.53
N VAL D 268 12.90 -24.63 -35.87
CA VAL D 268 12.33 -25.97 -35.86
C VAL D 268 11.75 -26.21 -34.48
N HIS D 269 10.41 -26.15 -34.40
CA HIS D 269 9.69 -26.29 -33.16
C HIS D 269 9.51 -27.75 -32.82
N ASN D 270 9.67 -28.10 -31.54
CA ASN D 270 9.60 -29.49 -31.11
C ASN D 270 10.57 -30.38 -31.88
N ALA D 271 11.79 -29.90 -32.06
CA ALA D 271 12.84 -30.68 -32.72
C ALA D 271 13.07 -31.97 -31.96
N PHE D 272 13.12 -31.91 -30.63
CA PHE D 272 13.25 -33.10 -29.80
C PHE D 272 12.30 -33.03 -28.62
N VAL D 273 11.49 -34.08 -28.42
CA VAL D 273 10.44 -34.03 -27.42
C VAL D 273 10.66 -35.12 -26.39
N ASN D 274 10.22 -34.85 -25.18
CA ASN D 274 10.29 -35.81 -24.08
C ASN D 274 11.72 -36.37 -23.84
N ARG D 275 12.72 -35.52 -23.98
CA ARG D 275 14.04 -35.84 -23.48
C ARG D 275 13.97 -35.87 -21.96
N ASN D 276 13.60 -37.03 -21.40
CA ASN D 276 13.17 -37.13 -20.01
C ASN D 276 13.88 -38.17 -19.16
N TYR D 277 14.03 -37.85 -17.89
CA TYR D 277 14.63 -38.71 -16.90
C TYR D 277 13.53 -39.16 -15.97
N THR D 278 13.32 -40.46 -15.95
CA THR D 278 12.34 -41.08 -15.12
C THR D 278 12.98 -41.93 -14.05
N VAL D 279 12.52 -41.72 -12.81
CA VAL D 279 12.93 -42.53 -11.67
C VAL D 279 11.73 -43.14 -10.97
N LYS D 280 11.90 -44.38 -10.53
CA LYS D 280 10.83 -45.13 -9.96
C LYS D 280 11.19 -45.35 -8.51
N TYR D 281 10.28 -44.91 -7.63
CA TYR D 281 10.42 -44.92 -6.19
C TYR D 281 9.38 -45.84 -5.66
N GLU D 282 9.69 -46.60 -4.62
CA GLU D 282 8.70 -47.44 -3.98
C GLU D 282 8.55 -47.01 -2.55
N VAL D 283 7.32 -46.77 -2.08
CA VAL D 283 7.13 -46.43 -0.67
C VAL D 283 6.48 -47.56 0.11
N ASN D 284 6.94 -47.75 1.33
CA ASN D 284 6.27 -48.63 2.28
C ASN D 284 5.45 -47.79 3.26
N TRP D 285 4.14 -48.05 3.31
CA TRP D 285 3.22 -47.27 4.14
C TRP D 285 3.25 -47.67 5.60
N LYS D 286 3.76 -48.84 5.92
CA LYS D 286 3.93 -49.25 7.31
C LYS D 286 5.30 -48.86 7.89
N THR D 287 6.38 -49.09 7.17
CA THR D 287 7.72 -48.83 7.73
C THR D 287 8.29 -47.46 7.35
N HIS D 288 7.71 -46.82 6.34
CA HIS D 288 8.15 -45.52 5.87
C HIS D 288 9.51 -45.59 5.19
N GLU D 289 9.81 -46.76 4.66
CA GLU D 289 11.01 -46.93 3.88
C GLU D 289 10.74 -46.50 2.43
N ILE D 290 11.71 -45.80 1.86
CA ILE D 290 11.73 -45.50 0.43
C ILE D 290 12.81 -46.32 -0.30
N LYS D 291 12.50 -46.81 -1.49
CA LYS D 291 13.52 -47.51 -2.29
C LYS D 291 13.50 -46.96 -3.67
N VAL D 292 14.66 -46.81 -4.26
CA VAL D 292 14.74 -46.50 -5.67
C VAL D 292 14.73 -47.81 -6.40
N LYS D 293 13.71 -48.01 -7.22
CA LYS D 293 13.50 -49.26 -7.94
C LYS D 293 13.98 -49.15 -9.36
N GLY D 294 14.06 -47.95 -9.91
CA GLY D 294 14.60 -47.89 -11.26
C GLY D 294 14.84 -46.54 -11.89
N GLN D 295 15.58 -46.54 -13.00
CA GLN D 295 15.91 -45.30 -13.68
C GLN D 295 16.03 -45.50 -15.19
N ASN D 296 15.69 -44.42 -15.86
CA ASN D 296 15.80 -44.19 -17.28
C ASN D 296 17.30 -44.12 -17.74
N VAL E 26 13.06 -31.53 17.88
CA VAL E 26 13.86 -30.79 16.93
C VAL E 26 14.93 -29.97 17.62
N THR E 27 16.18 -30.28 17.34
CA THR E 27 17.29 -29.61 17.98
C THR E 27 18.26 -29.07 16.93
N LEU E 28 18.82 -27.92 17.30
CA LEU E 28 19.71 -27.12 16.48
C LEU E 28 21.10 -26.88 17.14
N TYR E 29 22.17 -27.14 16.37
CA TYR E 29 23.52 -26.89 16.85
C TYR E 29 24.21 -26.04 15.84
N LYS E 30 24.96 -25.03 16.27
CA LYS E 30 25.59 -24.13 15.33
C LYS E 30 27.09 -24.12 15.50
N THR E 31 27.77 -23.92 14.38
CA THR E 31 29.15 -23.57 14.44
C THR E 31 29.52 -22.74 13.22
N THR E 32 30.79 -22.35 13.13
CA THR E 32 31.27 -21.50 12.03
C THR E 32 32.67 -21.90 11.69
N ALA E 33 33.13 -21.55 10.50
CA ALA E 33 34.53 -21.81 10.14
C ALA E 33 34.87 -20.87 9.01
N THR E 34 36.15 -20.59 8.88
CA THR E 34 36.62 -19.55 8.00
C THR E 34 37.91 -19.94 7.29
N ALA E 35 38.13 -19.34 6.14
CA ALA E 35 39.42 -19.51 5.48
C ALA E 35 39.69 -18.29 4.65
N ASP E 36 40.98 -17.94 4.54
CA ASP E 36 41.43 -16.76 3.80
C ASP E 36 42.52 -17.06 2.84
N SER E 37 42.51 -16.35 1.71
CA SER E 37 43.67 -16.19 0.85
C SER E 37 43.91 -14.69 0.82
N ASP E 38 44.95 -14.24 1.51
CA ASP E 38 45.32 -12.83 1.43
C ASP E 38 45.89 -12.47 0.08
N LYS E 39 46.62 -13.38 -0.54
CA LYS E 39 47.18 -13.10 -1.85
C LYS E 39 46.08 -12.79 -2.90
N PHE E 40 44.94 -13.48 -2.81
CA PHE E 40 43.86 -13.24 -3.75
C PHE E 40 42.79 -12.30 -3.24
N LYS E 41 42.84 -11.97 -1.97
CA LYS E 41 41.78 -11.20 -1.32
C LYS E 41 40.41 -11.92 -1.44
N ILE E 42 40.45 -13.20 -1.10
CA ILE E 42 39.27 -14.03 -1.03
C ILE E 42 39.21 -14.60 0.36
N SER E 43 38.02 -14.53 0.98
CA SER E 43 37.81 -15.15 2.29
C SER E 43 36.44 -15.81 2.28
N GLN E 44 36.34 -16.93 2.96
CA GLN E 44 35.11 -17.63 3.08
C GLN E 44 34.72 -17.61 4.52
N ILE E 45 33.42 -17.38 4.76
CA ILE E 45 32.81 -17.58 6.05
C ILE E 45 31.67 -18.55 5.92
N LEU E 46 31.73 -19.58 6.74
CA LEU E 46 30.75 -20.64 6.67
C LEU E 46 30.07 -20.81 7.97
N THR E 47 28.74 -20.78 7.90
CA THR E 47 27.90 -20.84 9.06
C THR E 47 27.05 -22.06 8.90
N PHE E 48 27.10 -22.87 9.95
CA PHE E 48 26.58 -24.22 9.96
C PHE E 48 25.53 -24.35 11.00
N ASN E 49 24.36 -24.81 10.54
CA ASN E 49 23.25 -25.17 11.39
C ASN E 49 22.88 -26.64 11.24
N PHE E 50 23.27 -27.44 12.23
CA PHE E 50 22.94 -28.84 12.26
C PHE E 50 21.59 -28.99 12.92
N ILE E 51 20.64 -29.55 12.16
CA ILE E 51 19.32 -29.90 12.70
C ILE E 51 19.19 -31.40 12.82
N LYS E 52 18.80 -31.81 14.03
CA LYS E 52 18.31 -33.17 14.27
C LYS E 52 16.80 -33.11 14.54
N ASP E 53 16.08 -33.95 13.82
CA ASP E 53 14.63 -33.93 13.75
C ASP E 53 14.14 -35.36 13.87
N LYS E 54 13.36 -35.63 14.89
CA LYS E 54 12.90 -36.99 15.17
C LYS E 54 12.03 -37.55 14.06
N SER E 55 11.44 -36.69 13.24
CA SER E 55 10.52 -37.14 12.22
C SER E 55 11.22 -37.57 10.92
N TYR E 56 12.53 -37.34 10.86
CA TYR E 56 13.38 -37.53 9.70
C TYR E 56 14.46 -38.57 10.02
N ASP E 57 14.94 -39.32 9.01
CA ASP E 57 15.87 -40.40 9.27
C ASP E 57 17.32 -40.07 8.86
N LYS E 58 17.54 -38.85 8.40
CA LYS E 58 18.91 -38.39 8.19
C LYS E 58 19.22 -37.20 9.07
N ASP E 59 20.50 -36.79 9.11
CA ASP E 59 20.92 -35.54 9.73
C ASP E 59 20.84 -34.43 8.71
N THR E 60 20.48 -33.24 9.18
CA THR E 60 20.37 -32.09 8.31
C THR E 60 21.43 -31.01 8.66
N LEU E 61 22.02 -30.44 7.63
CA LEU E 61 22.93 -29.35 7.83
C LEU E 61 22.52 -28.21 6.92
N VAL E 62 22.27 -27.03 7.48
CA VAL E 62 22.04 -25.86 6.65
C VAL E 62 23.34 -25.07 6.71
N LEU E 63 23.90 -24.81 5.53
CA LEU E 63 25.21 -24.26 5.39
C LEU E 63 25.06 -22.93 4.68
N LYS E 64 25.40 -21.82 5.38
CA LYS E 64 25.41 -20.49 4.76
C LYS E 64 26.82 -20.12 4.45
N ALA E 65 27.05 -19.68 3.22
CA ALA E 65 28.37 -19.34 2.72
C ALA E 65 28.42 -17.88 2.43
N THR E 66 29.27 -17.14 3.14
CA THR E 66 29.40 -15.71 2.96
C THR E 66 30.92 -15.37 2.89
N GLY E 67 31.30 -14.10 3.04
CA GLY E 67 32.69 -13.70 3.03
C GLY E 67 32.95 -12.66 1.97
N ASN E 68 34.09 -12.77 1.29
CA ASN E 68 34.51 -11.72 0.33
C ASN E 68 35.24 -12.28 -0.84
N ILE E 69 34.95 -11.71 -2.00
CA ILE E 69 35.72 -12.04 -3.19
C ILE E 69 36.05 -10.76 -3.87
N ASN E 70 37.29 -10.29 -3.69
CA ASN E 70 37.75 -9.13 -4.42
C ASN E 70 37.57 -9.29 -5.93
N SER E 71 37.36 -8.17 -6.61
CA SER E 71 37.09 -8.14 -8.02
C SER E 71 38.36 -8.29 -8.85
N GLY E 72 39.55 -8.12 -8.23
CA GLY E 72 40.83 -8.16 -8.94
C GLY E 72 41.03 -6.97 -9.89
N PHE E 73 40.25 -5.91 -9.68
CA PHE E 73 40.21 -4.78 -10.60
C PHE E 73 41.57 -4.11 -10.63
N VAL E 74 41.95 -3.68 -11.82
CA VAL E 74 43.21 -3.01 -12.06
C VAL E 74 42.91 -1.83 -12.95
N LYS E 75 43.21 -0.64 -12.45
CA LYS E 75 42.91 0.58 -13.20
C LYS E 75 43.88 0.74 -14.36
N PRO E 76 43.47 1.48 -15.39
CA PRO E 76 44.35 1.77 -16.52
C PRO E 76 45.47 2.71 -16.15
N ASN E 77 46.62 2.55 -16.79
CA ASN E 77 47.67 3.53 -16.67
C ASN E 77 47.30 4.76 -17.50
N PRO E 78 47.21 5.94 -16.86
CA PRO E 78 46.77 7.15 -17.59
C PRO E 78 47.75 7.62 -18.68
N ASN E 79 48.93 7.02 -18.72
CA ASN E 79 49.96 7.40 -19.70
C ASN E 79 49.98 6.53 -20.96
N ASP E 80 49.10 5.53 -21.03
CA ASP E 80 48.88 4.78 -22.26
C ASP E 80 48.29 5.75 -23.29
N TYR E 81 48.76 5.72 -24.54
CA TYR E 81 48.47 6.80 -25.48
C TYR E 81 47.34 6.53 -26.49
N ASP E 82 47.53 5.58 -27.40
CA ASP E 82 46.53 5.28 -28.44
C ASP E 82 45.84 3.94 -28.19
N PHE E 83 46.30 3.26 -27.14
CA PHE E 83 45.83 1.95 -26.80
C PHE E 83 45.91 1.80 -25.29
N SER E 84 44.81 1.40 -24.65
CA SER E 84 44.86 1.14 -23.22
C SER E 84 44.00 -0.06 -22.81
N LYS E 85 44.25 -0.56 -21.61
CA LYS E 85 43.47 -1.67 -21.06
C LYS E 85 43.21 -1.53 -19.56
N LEU E 86 42.21 -2.29 -19.08
CA LEU E 86 42.06 -2.51 -17.66
C LEU E 86 41.48 -3.90 -17.41
N TYR E 87 41.60 -4.38 -16.18
CA TYR E 87 41.01 -5.65 -15.77
C TYR E 87 39.88 -5.38 -14.81
N TRP E 88 38.73 -6.02 -15.03
CA TRP E 88 37.57 -5.88 -14.14
C TRP E 88 36.94 -7.21 -13.76
N GLY E 89 36.23 -7.25 -12.63
CA GLY E 89 35.72 -8.52 -12.10
C GLY E 89 34.36 -8.80 -12.74
N ALA E 90 34.25 -9.79 -13.62
CA ALA E 90 33.05 -9.86 -14.47
C ALA E 90 32.18 -11.04 -14.11
N LYS E 91 32.76 -11.99 -13.40
CA LYS E 91 32.00 -13.14 -12.90
C LYS E 91 32.60 -13.71 -11.62
N TYR E 92 31.74 -14.08 -10.69
CA TYR E 92 32.15 -14.75 -9.47
C TYR E 92 31.50 -16.11 -9.48
N ASN E 93 32.25 -17.14 -9.08
CA ASN E 93 31.70 -18.48 -9.00
C ASN E 93 31.86 -18.95 -7.59
N VAL E 94 30.79 -19.54 -7.05
CA VAL E 94 30.86 -20.17 -5.73
C VAL E 94 30.33 -21.56 -5.95
N SER E 95 30.92 -22.53 -5.27
CA SER E 95 30.48 -23.90 -5.34
C SER E 95 30.73 -24.62 -4.03
N ILE E 96 29.82 -25.51 -3.71
CA ILE E 96 29.84 -26.28 -2.49
C ILE E 96 29.60 -27.74 -2.90
N SER E 97 30.50 -28.65 -2.54
CA SER E 97 30.43 -30.03 -2.98
C SER E 97 30.73 -30.98 -1.87
N SER E 98 30.02 -32.11 -1.81
CA SER E 98 30.41 -33.20 -0.96
C SER E 98 31.14 -34.28 -1.80
N GLN E 99 31.63 -35.34 -1.16
CA GLN E 99 32.44 -36.35 -1.88
C GLN E 99 31.61 -37.52 -2.42
N SER E 100 32.01 -38.03 -3.59
CA SER E 100 31.28 -39.12 -4.26
C SER E 100 31.17 -40.35 -3.39
N ASN E 101 32.18 -40.61 -2.58
CA ASN E 101 32.15 -41.79 -1.71
C ASN E 101 31.34 -41.64 -0.38
N ASP E 102 31.02 -40.42 0.06
CA ASP E 102 30.28 -40.31 1.32
C ASP E 102 28.75 -40.35 1.11
N SER E 103 28.01 -40.28 2.21
CA SER E 103 26.58 -40.40 2.17
C SER E 103 25.93 -39.02 2.28
N VAL E 104 26.64 -37.98 1.85
CA VAL E 104 26.12 -36.62 1.96
C VAL E 104 25.56 -36.12 0.64
N ASN E 105 24.31 -35.68 0.66
CA ASN E 105 23.62 -35.19 -0.52
C ASN E 105 23.24 -33.73 -0.35
N VAL E 106 23.16 -33.03 -1.46
CA VAL E 106 22.67 -31.70 -1.45
C VAL E 106 21.21 -31.71 -1.85
N VAL E 107 20.33 -31.39 -0.90
CA VAL E 107 18.87 -31.53 -1.09
C VAL E 107 18.11 -30.23 -1.42
N ASP E 108 18.66 -29.08 -1.07
CA ASP E 108 18.04 -27.80 -1.38
C ASP E 108 19.09 -26.70 -1.32
N TYR E 109 18.74 -25.48 -1.77
CA TYR E 109 19.69 -24.37 -1.83
C TYR E 109 18.99 -23.10 -2.29
N ALA E 110 19.65 -21.96 -2.08
CA ALA E 110 19.10 -20.67 -2.55
C ALA E 110 20.27 -19.74 -2.81
N PRO E 111 20.14 -18.86 -3.81
CA PRO E 111 19.00 -18.67 -4.71
C PRO E 111 18.84 -19.74 -5.80
N LYS E 112 17.63 -19.87 -6.31
CA LYS E 112 17.33 -20.78 -7.43
C LYS E 112 17.12 -19.94 -8.67
N ASN E 113 17.25 -20.57 -9.84
CA ASN E 113 17.11 -19.83 -11.07
C ASN E 113 15.74 -19.15 -11.12
N GLN E 114 15.69 -17.93 -11.63
CA GLN E 114 14.44 -17.19 -11.71
C GLN E 114 13.74 -17.38 -13.05
N ASN E 115 12.46 -17.71 -12.95
CA ASN E 115 11.57 -17.60 -14.08
C ASN E 115 11.10 -16.15 -14.03
N GLU E 116 11.84 -15.27 -14.69
CA GLU E 116 11.63 -13.83 -14.55
C GLU E 116 10.26 -13.38 -15.04
N GLU E 117 9.79 -12.27 -14.49
CA GLU E 117 8.49 -11.71 -14.78
C GLU E 117 8.63 -10.27 -15.24
N PHE E 118 7.62 -9.76 -15.94
CA PHE E 118 7.58 -8.34 -16.29
C PHE E 118 6.13 -7.93 -16.53
N GLN E 119 5.88 -6.63 -16.40
CA GLN E 119 4.53 -6.08 -16.54
C GLN E 119 4.36 -5.52 -17.92
N VAL E 120 3.15 -5.63 -18.47
CA VAL E 120 2.89 -5.19 -19.82
C VAL E 120 1.66 -4.33 -19.82
N GLN E 121 1.72 -3.22 -20.56
CA GLN E 121 0.53 -2.44 -20.84
C GLN E 121 0.39 -2.09 -22.34
N ASN E 122 -0.65 -2.65 -22.99
CA ASN E 122 -0.95 -2.42 -24.42
C ASN E 122 -2.07 -1.42 -24.53
N THR E 123 -1.91 -0.42 -25.39
CA THR E 123 -2.91 0.62 -25.55
C THR E 123 -3.21 0.83 -27.03
N LEU E 124 -4.50 1.01 -27.31
CA LEU E 124 -5.02 1.30 -28.65
C LEU E 124 -5.95 2.51 -28.61
N GLY E 125 -5.68 3.52 -29.43
CA GLY E 125 -6.42 4.78 -29.37
C GLY E 125 -6.84 5.39 -30.70
N TYR E 126 -8.08 5.87 -30.78
CA TYR E 126 -8.61 6.54 -31.96
C TYR E 126 -8.94 7.97 -31.61
N THR E 127 -8.74 8.90 -32.55
CA THR E 127 -9.16 10.28 -32.31
C THR E 127 -9.66 10.95 -33.58
N ASN E 145 -6.92 9.05 -37.09
CA ASN E 145 -5.70 8.80 -36.31
C ASN E 145 -5.83 7.59 -35.36
N THR E 146 -4.97 6.60 -35.58
CA THR E 146 -4.89 5.40 -34.75
C THR E 146 -3.53 5.35 -34.04
N ALA E 147 -3.53 5.10 -32.73
CA ALA E 147 -2.29 5.01 -31.96
C ALA E 147 -2.17 3.65 -31.29
N PHE E 148 -0.98 3.06 -31.39
CA PHE E 148 -0.68 1.82 -30.71
C PHE E 148 0.47 2.10 -29.75
N SER E 149 0.45 1.51 -28.56
CA SER E 149 1.68 1.49 -27.77
C SER E 149 1.73 0.28 -26.85
N GLU E 150 2.93 -0.24 -26.65
CA GLU E 150 3.18 -1.26 -25.65
C GLU E 150 4.31 -0.83 -24.71
N THR E 151 4.00 -0.82 -23.43
CA THR E 151 4.99 -0.51 -22.41
C THR E 151 5.27 -1.76 -21.58
N ILE E 152 6.54 -2.04 -21.33
CA ILE E 152 6.89 -3.11 -20.39
C ILE E 152 7.71 -2.55 -19.21
N ASN E 153 7.49 -3.11 -18.02
CA ASN E 153 8.18 -2.70 -16.79
C ASN E 153 8.88 -3.93 -16.20
N TYR E 154 10.15 -3.80 -15.86
CA TYR E 154 10.90 -4.93 -15.34
C TYR E 154 12.07 -4.42 -14.52
N LYS E 155 12.65 -5.33 -13.73
CA LYS E 155 13.83 -5.07 -12.93
C LYS E 155 15.09 -5.41 -13.71
N GLN E 156 16.08 -4.54 -13.62
CA GLN E 156 17.33 -4.71 -14.34
C GLN E 156 18.50 -4.75 -13.33
N GLU E 157 19.24 -5.85 -13.32
CA GLU E 157 20.34 -6.05 -12.38
C GLU E 157 21.67 -5.87 -13.10
N SER E 158 22.66 -5.31 -12.40
CA SER E 158 23.97 -5.12 -13.04
C SER E 158 24.68 -6.45 -13.10
N TYR E 159 24.43 -7.30 -12.11
CA TYR E 159 24.93 -8.69 -12.11
C TYR E 159 23.75 -9.63 -11.85
N ARG E 160 23.79 -10.80 -12.50
CA ARG E 160 22.73 -11.79 -12.40
C ARG E 160 23.30 -13.10 -11.84
N THR E 161 22.55 -13.74 -10.97
CA THR E 161 22.99 -14.96 -10.34
C THR E 161 22.22 -16.08 -11.05
N THR E 162 22.93 -17.07 -11.58
CA THR E 162 22.27 -18.31 -12.00
C THR E 162 23.10 -19.49 -11.51
N LEU E 163 22.43 -20.62 -11.43
CA LEU E 163 23.01 -21.88 -11.04
C LEU E 163 24.03 -22.44 -12.06
N SER E 164 25.05 -23.10 -11.54
CA SER E 164 26.04 -23.79 -12.37
C SER E 164 25.46 -25.02 -13.08
N ARG E 165 25.84 -25.15 -14.34
CA ARG E 165 25.74 -26.37 -15.15
C ARG E 165 25.99 -27.65 -14.33
N ASN E 166 27.01 -27.60 -13.47
CA ASN E 166 27.52 -28.75 -12.76
C ASN E 166 26.76 -29.09 -11.50
N THR E 167 25.68 -28.37 -11.27
CA THR E 167 24.88 -28.63 -10.09
C THR E 167 24.28 -30.04 -10.15
N ASN E 168 24.43 -30.82 -9.08
CA ASN E 168 23.87 -32.13 -9.00
C ASN E 168 23.69 -32.52 -7.55
N TYR E 169 23.46 -33.80 -7.31
CA TYR E 169 23.01 -34.22 -6.01
C TYR E 169 24.10 -34.15 -4.95
N LYS E 170 25.32 -33.95 -5.39
CA LYS E 170 26.43 -33.77 -4.44
C LYS E 170 27.21 -32.45 -4.64
N ASN E 171 26.64 -31.55 -5.41
CA ASN E 171 27.31 -30.33 -5.67
C ASN E 171 26.33 -29.25 -6.11
N VAL E 172 26.49 -28.05 -5.55
CA VAL E 172 25.72 -26.90 -6.00
C VAL E 172 26.67 -25.72 -6.20
N GLY E 173 26.47 -25.02 -7.31
CA GLY E 173 27.31 -23.91 -7.67
C GLY E 173 26.48 -22.79 -8.29
N TRP E 174 26.91 -21.55 -8.05
CA TRP E 174 26.31 -20.37 -8.66
C TRP E 174 27.38 -19.60 -9.39
N GLY E 175 26.96 -18.90 -10.42
CA GLY E 175 27.75 -17.88 -11.10
C GLY E 175 26.99 -16.56 -10.99
N VAL E 176 27.69 -15.52 -10.50
CA VAL E 176 27.20 -14.15 -10.39
C VAL E 176 27.92 -13.31 -11.46
N GLU E 177 27.19 -12.97 -12.52
CA GLU E 177 27.82 -12.54 -13.75
C GLU E 177 27.34 -11.17 -14.20
N ALA E 178 28.28 -10.39 -14.66
CA ALA E 178 27.99 -9.07 -15.18
C ALA E 178 26.83 -9.21 -16.17
N HIS E 179 25.83 -8.33 -16.06
CA HIS E 179 24.60 -8.50 -16.78
C HIS E 179 24.25 -7.26 -17.61
N LYS E 180 23.57 -6.30 -17.03
CA LYS E 180 23.15 -5.12 -17.75
C LYS E 180 23.75 -3.92 -17.08
N ILE E 181 24.75 -3.34 -17.74
CA ILE E 181 25.54 -2.27 -17.16
C ILE E 181 25.39 -0.98 -17.96
N MET E 182 25.01 0.09 -17.26
CA MET E 182 24.76 1.36 -17.93
C MET E 182 26.02 2.21 -17.95
N ASN E 183 26.38 2.68 -19.14
CA ASN E 183 27.49 3.61 -19.35
C ASN E 183 26.89 4.99 -19.43
N ASN E 184 26.92 5.70 -18.31
CA ASN E 184 26.13 6.92 -18.14
C ASN E 184 24.65 6.59 -18.38
N GLY E 185 24.02 7.23 -19.35
CA GLY E 185 22.62 6.95 -19.64
C GLY E 185 22.47 5.98 -20.79
N TRP E 186 23.60 5.47 -21.27
CA TRP E 186 23.59 4.59 -22.43
C TRP E 186 23.86 3.14 -22.07
N GLY E 187 23.40 2.23 -22.94
CA GLY E 187 23.49 0.80 -22.71
C GLY E 187 22.11 0.18 -22.68
N PRO E 188 21.95 -0.95 -22.00
CA PRO E 188 22.99 -1.63 -21.21
C PRO E 188 24.03 -2.33 -22.05
N TYR E 189 25.19 -2.54 -21.47
CA TYR E 189 26.25 -3.29 -22.11
C TYR E 189 26.60 -4.43 -21.19
N GLY E 190 27.41 -5.34 -21.72
CA GLY E 190 27.87 -6.46 -20.93
C GLY E 190 29.19 -6.95 -21.45
N ARG E 191 29.54 -8.16 -21.02
CA ARG E 191 30.79 -8.79 -21.44
C ARG E 191 30.90 -8.97 -22.96
N ASP E 192 29.78 -9.17 -23.65
CA ASP E 192 29.80 -9.54 -25.06
C ASP E 192 29.09 -8.49 -25.93
N SER E 193 29.04 -7.24 -25.48
CA SER E 193 28.34 -6.24 -26.29
C SER E 193 29.15 -5.96 -27.54
N PHE E 194 28.45 -5.77 -28.66
CA PHE E 194 29.12 -5.60 -29.95
C PHE E 194 28.42 -4.56 -30.83
N HIS E 195 29.12 -3.48 -31.12
CA HIS E 195 28.71 -2.52 -32.13
C HIS E 195 29.69 -2.70 -33.31
N PRO E 196 29.18 -2.82 -34.55
CA PRO E 196 29.96 -3.15 -35.76
C PRO E 196 31.19 -2.27 -35.98
N THR E 197 31.08 -1.02 -35.54
CA THR E 197 32.17 -0.05 -35.62
C THR E 197 32.98 0.12 -34.34
N TYR E 198 32.31 0.42 -33.22
CA TYR E 198 33.04 0.74 -32.00
C TYR E 198 33.30 -0.47 -31.10
N GLY E 199 32.78 -1.61 -31.50
CA GLY E 199 33.06 -2.85 -30.79
C GLY E 199 32.24 -2.91 -29.51
N ASN E 200 32.94 -3.14 -28.40
CA ASN E 200 32.30 -3.15 -27.08
C ASN E 200 32.57 -1.83 -26.38
N GLU E 201 31.51 -1.03 -26.20
CA GLU E 201 31.63 0.32 -25.63
C GLU E 201 31.44 0.37 -24.12
N LEU E 202 31.53 -0.79 -23.47
CA LEU E 202 31.20 -0.97 -22.05
C LEU E 202 31.74 0.11 -21.13
N PHE E 203 33.06 0.30 -21.10
CA PHE E 203 33.66 1.35 -20.27
C PHE E 203 34.30 2.46 -21.09
N LEU E 204 33.91 2.57 -22.35
CA LEU E 204 34.46 3.60 -23.23
C LEU E 204 33.78 4.93 -22.97
N ALA E 205 34.58 5.97 -22.74
CA ALA E 205 34.06 7.28 -22.33
C ALA E 205 33.46 8.10 -23.49
N GLY E 206 34.16 8.13 -24.62
CA GLY E 206 33.64 8.76 -25.82
C GLY E 206 34.22 8.13 -27.08
N ARG E 207 33.47 8.24 -28.18
CA ARG E 207 33.89 7.69 -29.46
C ARG E 207 34.92 8.59 -30.15
N GLN E 208 34.72 9.90 -30.01
CA GLN E 208 35.56 10.91 -30.64
C GLN E 208 36.24 11.79 -29.59
N SER E 209 36.82 11.17 -28.57
CA SER E 209 37.41 11.91 -27.48
C SER E 209 38.84 12.25 -27.78
N SER E 210 39.23 13.48 -27.46
CA SER E 210 40.60 13.90 -27.61
C SER E 210 41.29 13.74 -26.28
N ALA E 211 41.82 12.56 -26.03
CA ALA E 211 42.58 12.30 -24.81
C ALA E 211 43.45 11.06 -24.98
N TYR E 212 44.33 10.82 -24.02
CA TYR E 212 45.12 9.61 -23.99
C TYR E 212 44.17 8.44 -23.82
N ALA E 213 44.60 7.27 -24.28
CA ALA E 213 43.78 6.06 -24.19
C ALA E 213 43.48 5.74 -22.73
N GLY E 214 44.53 5.83 -21.90
CA GLY E 214 44.41 5.52 -20.49
C GLY E 214 43.51 6.48 -19.73
N GLN E 215 42.93 7.45 -20.43
CA GLN E 215 42.12 8.48 -19.79
C GLN E 215 40.77 8.64 -20.49
N ASN E 216 40.48 7.70 -21.39
CA ASN E 216 39.22 7.69 -22.13
C ASN E 216 38.33 6.50 -21.74
N PHE E 217 38.47 6.05 -20.49
CA PHE E 217 37.52 5.14 -19.89
C PHE E 217 36.57 5.94 -19.02
N ILE E 218 35.38 5.42 -18.78
CA ILE E 218 34.47 6.08 -17.86
C ILE E 218 35.13 6.15 -16.48
N ALA E 219 34.73 7.16 -15.70
CA ALA E 219 35.23 7.31 -14.35
C ALA E 219 34.95 6.03 -13.60
N GLN E 220 35.97 5.57 -12.88
CA GLN E 220 35.87 4.39 -12.05
C GLN E 220 34.58 4.36 -11.19
N HIS E 221 34.14 5.50 -10.68
CA HIS E 221 32.96 5.49 -9.83
C HIS E 221 31.66 5.24 -10.60
N GLN E 222 31.74 5.29 -11.94
CA GLN E 222 30.59 5.04 -12.82
C GLN E 222 30.47 3.54 -13.15
N MET E 223 31.49 2.78 -12.78
CA MET E 223 31.48 1.35 -12.98
C MET E 223 30.66 0.69 -11.88
N PRO E 224 30.03 -0.44 -12.21
CA PRO E 224 29.27 -1.14 -11.16
C PRO E 224 30.18 -1.54 -10.01
N LEU E 225 29.60 -1.55 -8.82
CA LEU E 225 30.33 -1.87 -7.61
C LEU E 225 31.10 -3.18 -7.66
N LEU E 226 30.50 -4.26 -8.16
CA LEU E 226 31.14 -5.58 -8.18
C LEU E 226 32.24 -5.67 -9.20
N SER E 227 32.28 -4.74 -10.14
CA SER E 227 33.31 -4.79 -11.16
C SER E 227 34.63 -4.17 -10.65
N ARG E 228 34.58 -3.32 -9.64
CA ARG E 228 35.79 -2.60 -9.18
C ARG E 228 36.13 -2.84 -7.72
N SER E 229 35.25 -3.51 -6.99
CA SER E 229 35.38 -3.55 -5.53
C SER E 229 35.38 -5.00 -5.08
N ASN E 230 34.37 -5.38 -4.29
CA ASN E 230 34.30 -6.66 -3.65
C ASN E 230 32.90 -7.23 -3.73
N PHE E 231 32.83 -8.54 -4.00
CA PHE E 231 31.59 -9.28 -3.99
C PHE E 231 31.47 -9.94 -2.62
N ASN E 232 30.32 -9.77 -1.95
CA ASN E 232 30.07 -10.37 -0.64
C ASN E 232 29.04 -11.44 -0.76
N PRO E 233 29.45 -12.68 -1.08
CA PRO E 233 28.51 -13.74 -1.41
C PRO E 233 27.51 -14.04 -0.30
N GLU E 234 26.34 -14.55 -0.64
CA GLU E 234 25.35 -14.95 0.36
C GLU E 234 24.50 -16.09 -0.24
N PHE E 235 24.97 -17.32 -0.02
CA PHE E 235 24.39 -18.52 -0.62
C PHE E 235 24.04 -19.49 0.47
N LEU E 236 22.95 -20.23 0.25
CA LEU E 236 22.47 -21.20 1.23
C LEU E 236 22.45 -22.57 0.56
N SER E 237 22.88 -23.60 1.29
CA SER E 237 22.72 -24.98 0.85
C SER E 237 22.23 -25.84 1.99
N VAL E 238 21.43 -26.86 1.67
CA VAL E 238 20.96 -27.82 2.67
C VAL E 238 21.54 -29.20 2.33
N LEU E 239 22.16 -29.88 3.29
CA LEU E 239 22.74 -31.18 3.01
C LEU E 239 22.10 -32.20 3.94
N SER E 240 21.94 -33.43 3.43
CA SER E 240 21.51 -34.55 4.26
C SER E 240 22.68 -35.52 4.46
N HIS E 241 22.73 -36.16 5.61
CA HIS E 241 23.73 -37.17 5.97
C HIS E 241 23.07 -38.40 6.60
N ARG E 242 23.37 -39.57 6.04
CA ARG E 242 22.87 -40.84 6.58
C ARG E 242 23.35 -41.09 8.00
N GLN E 243 22.48 -41.62 8.85
CA GLN E 243 22.81 -41.81 10.26
C GLN E 243 23.63 -43.07 10.52
N ASP E 244 23.69 -43.96 9.53
CA ASP E 244 24.52 -45.16 9.64
C ASP E 244 25.87 -44.93 8.98
N GLY E 245 26.08 -43.74 8.42
CA GLY E 245 27.31 -43.46 7.70
C GLY E 245 28.52 -43.31 8.61
N ALA E 246 29.55 -42.69 8.06
CA ALA E 246 30.72 -42.22 8.81
C ALA E 246 30.30 -41.04 9.68
N LYS E 247 30.92 -40.88 10.84
CA LYS E 247 30.62 -39.77 11.74
C LYS E 247 31.15 -38.47 11.17
N LYS E 248 32.22 -38.56 10.38
CA LYS E 248 32.84 -37.41 9.77
C LYS E 248 32.77 -37.47 8.26
N SER E 249 32.77 -36.31 7.63
CA SER E 249 32.66 -36.26 6.17
C SER E 249 33.37 -34.99 5.74
N LYS E 250 33.51 -34.81 4.44
CA LYS E 250 34.29 -33.69 3.90
C LYS E 250 33.50 -32.88 2.90
N ILE E 251 33.54 -31.57 3.10
CA ILE E 251 32.94 -30.62 2.17
C ILE E 251 33.98 -29.67 1.61
N THR E 252 33.89 -29.40 0.32
CA THR E 252 34.85 -28.55 -0.34
C THR E 252 34.07 -27.33 -0.82
N VAL E 253 34.56 -26.12 -0.52
CA VAL E 253 33.91 -24.89 -0.91
C VAL E 253 34.85 -24.10 -1.76
N THR E 254 34.41 -23.68 -2.93
CA THR E 254 35.30 -22.97 -3.84
C THR E 254 34.75 -21.59 -4.14
N TYR E 255 35.59 -20.57 -3.96
CA TYR E 255 35.25 -19.21 -4.35
C TYR E 255 36.18 -18.81 -5.44
N GLN E 256 35.68 -18.10 -6.44
CA GLN E 256 36.47 -17.81 -7.62
C GLN E 256 36.05 -16.52 -8.29
N ARG E 257 37.01 -15.85 -8.93
CA ARG E 257 36.68 -14.72 -9.79
C ARG E 257 37.24 -14.93 -11.21
N GLU E 258 36.51 -14.41 -12.17
CA GLU E 258 36.92 -14.31 -13.56
C GLU E 258 37.09 -12.84 -13.83
N MET E 259 38.30 -12.45 -14.18
CA MET E 259 38.59 -11.07 -14.52
C MET E 259 38.61 -10.93 -16.03
N ASP E 260 37.87 -9.94 -16.51
CA ASP E 260 37.88 -9.63 -17.92
C ASP E 260 38.88 -8.52 -18.24
N LEU E 261 39.39 -8.58 -19.47
CA LEU E 261 40.33 -7.63 -20.00
C LEU E 261 39.58 -6.73 -20.96
N TYR E 262 39.49 -5.45 -20.63
CA TYR E 262 38.80 -4.52 -21.48
C TYR E 262 39.83 -3.55 -22.05
N GLN E 263 39.90 -3.42 -23.37
CA GLN E 263 40.87 -2.52 -23.99
C GLN E 263 40.22 -1.60 -25.01
N ILE E 264 40.74 -0.39 -25.09
CA ILE E 264 40.27 0.58 -26.09
C ILE E 264 41.42 1.11 -26.94
N ARG E 265 41.08 1.44 -28.19
CA ARG E 265 42.09 1.83 -29.17
C ARG E 265 41.59 2.88 -30.15
N TRP E 266 42.51 3.78 -30.48
CA TRP E 266 42.29 4.83 -31.47
C TRP E 266 42.87 4.39 -32.81
N ASN E 267 42.09 4.55 -33.87
CA ASN E 267 42.53 4.12 -35.20
C ASN E 267 42.95 5.28 -36.10
N GLY E 268 42.67 6.51 -35.68
CA GLY E 268 42.91 7.68 -36.49
C GLY E 268 41.61 8.45 -36.72
N PHE E 269 40.49 7.75 -36.65
CA PHE E 269 39.18 8.36 -36.88
C PHE E 269 38.30 8.35 -35.63
N TYR E 270 38.34 7.24 -34.89
CA TYR E 270 37.49 7.06 -33.72
C TYR E 270 38.06 6.01 -32.77
N TRP E 271 37.49 5.96 -31.57
CA TRP E 271 37.88 4.97 -30.58
C TRP E 271 37.00 3.74 -30.69
N ALA E 272 37.56 2.57 -30.41
CA ALA E 272 36.72 1.39 -30.30
C ALA E 272 37.22 0.52 -29.16
N GLY E 273 36.35 -0.39 -28.71
CA GLY E 273 36.65 -1.20 -27.55
C GLY E 273 36.44 -2.68 -27.76
N ALA E 274 37.22 -3.46 -27.01
CA ALA E 274 37.14 -4.91 -27.02
C ALA E 274 37.15 -5.44 -25.59
N ASN E 275 36.28 -6.43 -25.30
CA ASN E 275 36.31 -7.15 -24.02
C ASN E 275 36.62 -8.64 -24.16
N TYR E 276 37.65 -9.08 -23.47
CA TYR E 276 38.08 -10.47 -23.48
C TYR E 276 37.75 -11.09 -22.15
N LYS E 277 36.90 -12.10 -22.19
CA LYS E 277 36.35 -12.75 -21.01
C LYS E 277 37.30 -13.71 -20.36
N ASN E 278 37.31 -13.67 -19.03
CA ASN E 278 38.09 -14.61 -18.25
C ASN E 278 39.55 -14.70 -18.71
N PHE E 279 40.17 -13.55 -18.91
CA PHE E 279 41.58 -13.46 -19.24
C PHE E 279 42.49 -13.78 -18.03
N LYS E 280 41.97 -13.60 -16.83
CA LYS E 280 42.65 -14.06 -15.62
C LYS E 280 41.62 -14.64 -14.69
N THR E 281 42.02 -15.68 -14.00
CA THR E 281 41.12 -16.37 -13.13
C THR E 281 41.85 -16.57 -11.87
N ARG E 282 41.16 -16.31 -10.75
CA ARG E 282 41.73 -16.56 -9.43
C ARG E 282 40.80 -17.39 -8.59
N THR E 283 41.33 -18.44 -7.96
CA THR E 283 40.48 -19.47 -7.36
C THR E 283 41.01 -19.91 -6.04
N PHE E 284 40.08 -20.02 -5.10
CA PHE E 284 40.40 -20.40 -3.75
C PHE E 284 39.44 -21.49 -3.28
N LYS E 285 40.02 -22.62 -2.99
CA LYS E 285 39.25 -23.77 -2.61
C LYS E 285 39.65 -24.19 -1.22
N SER E 286 38.63 -24.41 -0.40
CA SER E 286 38.85 -24.87 0.96
C SER E 286 38.10 -26.13 1.21
N THR E 287 38.71 -26.98 2.02
CA THR E 287 38.12 -28.24 2.42
C THR E 287 37.95 -28.27 3.92
N TYR E 288 36.73 -28.64 4.32
CA TYR E 288 36.29 -28.65 5.71
C TYR E 288 35.86 -30.06 6.05
N GLU E 289 36.09 -30.44 7.29
CA GLU E 289 35.66 -31.72 7.80
C GLU E 289 34.52 -31.49 8.74
N ILE E 290 33.39 -32.15 8.45
CA ILE E 290 32.20 -32.08 9.28
C ILE E 290 32.19 -33.27 10.18
N ASP E 291 32.06 -33.02 11.47
CA ASP E 291 31.84 -34.05 12.45
C ASP E 291 30.34 -34.02 12.73
N TRP E 292 29.61 -34.95 12.15
CA TRP E 292 28.16 -34.98 12.24
C TRP E 292 27.72 -35.36 13.65
N GLU E 293 28.48 -36.22 14.30
CA GLU E 293 28.09 -36.65 15.63
C GLU E 293 28.21 -35.49 16.62
N ASN E 294 29.34 -34.79 16.60
CA ASN E 294 29.61 -33.73 17.59
C ASN E 294 29.36 -32.31 17.10
N HIS E 295 28.86 -32.18 15.87
CA HIS E 295 28.42 -30.88 15.33
C HIS E 295 29.57 -29.88 15.26
N LYS E 296 30.76 -30.35 14.90
CA LYS E 296 31.92 -29.48 14.79
C LYS E 296 32.35 -29.48 13.39
N VAL E 297 33.12 -28.47 13.02
CA VAL E 297 33.67 -28.34 11.68
C VAL E 297 35.07 -27.81 11.78
N LYS E 298 36.03 -28.45 11.11
CA LYS E 298 37.44 -28.00 11.12
C LYS E 298 37.88 -27.71 9.70
N LEU E 299 38.67 -26.65 9.51
CA LEU E 299 39.34 -26.45 8.23
C LEU E 299 40.46 -27.49 8.08
N LEU E 300 40.46 -28.20 6.97
CA LEU E 300 41.52 -29.17 6.70
C LEU E 300 42.56 -28.61 5.78
N ASP E 301 42.14 -27.93 4.73
CA ASP E 301 43.13 -27.60 3.69
C ASP E 301 42.64 -26.50 2.80
N THR E 302 43.56 -25.76 2.21
CA THR E 302 43.19 -24.69 1.30
C THR E 302 44.10 -24.75 0.11
N LYS E 303 43.66 -24.17 -1.00
CA LYS E 303 44.44 -24.19 -2.21
C LYS E 303 44.13 -22.98 -3.07
N GLU E 304 45.19 -22.34 -3.54
CA GLU E 304 45.09 -21.21 -4.46
C GLU E 304 45.50 -21.68 -5.83
N THR E 305 44.73 -21.29 -6.84
CA THR E 305 45.07 -21.62 -8.22
C THR E 305 44.67 -20.44 -9.06
N GLU E 306 45.43 -20.21 -10.12
CA GLU E 306 45.12 -19.14 -11.03
C GLU E 306 45.30 -19.59 -12.43
N ASN E 307 44.77 -18.79 -13.33
CA ASN E 307 44.98 -18.99 -14.75
C ASN E 307 45.13 -17.64 -15.41
N ASN E 308 45.91 -17.64 -16.49
CA ASN E 308 46.23 -16.43 -17.23
C ASN E 308 46.28 -16.74 -18.70
N LYS E 309 45.39 -16.12 -19.46
CA LYS E 309 45.41 -16.23 -20.93
C LYS E 309 46.35 -15.20 -21.58
N ASP F 22 17.75 -19.18 26.51
CA ASP F 22 18.91 -20.01 26.19
C ASP F 22 20.07 -19.18 25.56
N ILE F 23 19.84 -17.85 25.49
CA ILE F 23 20.85 -16.89 25.04
C ILE F 23 21.07 -15.88 26.14
N GLU F 24 22.31 -15.73 26.59
CA GLU F 24 22.64 -14.72 27.59
C GLU F 24 23.54 -13.67 26.94
N ILE F 25 23.21 -12.40 27.14
CA ILE F 25 24.09 -11.33 26.69
C ILE F 25 24.78 -10.61 27.88
N ILE F 26 26.06 -10.30 27.70
CA ILE F 26 26.75 -9.44 28.64
C ILE F 26 27.20 -8.22 27.86
N LYS F 27 26.73 -7.05 28.30
CA LYS F 27 26.91 -5.81 27.57
C LYS F 27 27.99 -4.93 28.23
N ARG F 28 28.83 -4.30 27.40
CA ARG F 28 29.85 -3.36 27.84
C ARG F 28 29.91 -2.20 26.88
N THR F 29 30.26 -1.01 27.36
CA THR F 29 30.39 0.15 26.49
C THR F 29 31.68 0.90 26.72
N GLU F 30 32.19 1.50 25.66
CA GLU F 30 33.26 2.45 25.78
C GLU F 30 32.98 3.64 24.91
N ASP F 31 33.47 4.79 25.34
CA ASP F 31 33.29 6.03 24.58
C ASP F 31 34.59 6.84 24.65
N LYS F 32 35.18 7.03 23.50
CA LYS F 32 36.46 7.65 23.39
C LYS F 32 36.41 8.74 22.37
N THR F 33 36.90 9.94 22.74
CA THR F 33 36.89 11.11 21.87
C THR F 33 38.34 11.57 21.60
N SER F 34 38.61 12.09 20.40
CA SER F 34 39.91 12.70 20.16
C SER F 34 39.66 14.07 19.61
N ASN F 35 40.18 15.07 20.31
CA ASN F 35 40.05 16.43 19.86
C ASN F 35 40.87 16.64 18.62
N LYS F 36 42.06 16.07 18.58
CA LYS F 36 42.87 16.21 17.38
C LYS F 36 42.10 15.76 16.13
N TRP F 37 41.42 14.62 16.21
CA TRP F 37 40.86 14.01 15.00
C TRP F 37 39.44 14.48 14.76
N GLY F 38 38.78 14.91 15.82
CA GLY F 38 37.42 15.40 15.70
C GLY F 38 36.55 14.17 15.54
N VAL F 39 36.71 13.21 16.46
CA VAL F 39 36.06 11.91 16.39
C VAL F 39 35.66 11.44 17.77
N THR F 40 34.43 10.94 17.89
CA THR F 40 33.98 10.18 19.06
C THR F 40 33.55 8.78 18.58
N GLN F 41 34.10 7.78 19.25
CA GLN F 41 33.76 6.38 19.06
C GLN F 41 32.90 5.96 20.22
N ASN F 42 31.67 5.52 19.87
CA ASN F 42 30.72 4.98 20.84
C ASN F 42 30.60 3.47 20.53
N ILE F 43 31.22 2.67 21.37
CA ILE F 43 31.40 1.29 21.05
C ILE F 43 30.64 0.48 22.04
N GLN F 44 29.87 -0.48 21.52
CA GLN F 44 29.19 -1.43 22.39
C GLN F 44 29.62 -2.85 22.07
N PHE F 45 29.92 -3.58 23.12
CA PHE F 45 30.40 -4.93 23.06
C PHE F 45 29.37 -5.80 23.70
N ASP F 46 28.76 -6.67 22.92
CA ASP F 46 27.83 -7.64 23.45
C ASP F 46 28.39 -9.05 23.35
N PHE F 47 28.73 -9.63 24.50
CA PHE F 47 29.21 -11.01 24.54
C PHE F 47 28.01 -11.90 24.52
N VAL F 48 28.04 -12.88 23.62
CA VAL F 48 26.90 -13.75 23.39
C VAL F 48 27.14 -15.18 23.86
N LYS F 49 26.42 -15.58 24.90
CA LYS F 49 26.44 -16.95 25.37
C LYS F 49 25.23 -17.66 24.79
N ASP F 50 25.42 -18.27 23.64
CA ASP F 50 24.37 -19.07 23.00
C ASP F 50 24.69 -20.53 23.29
N LYS F 51 23.87 -21.21 24.05
CA LYS F 51 24.18 -22.62 24.34
C LYS F 51 24.20 -23.51 23.08
N LYS F 52 23.55 -23.06 22.01
CA LYS F 52 23.57 -23.80 20.75
C LYS F 52 24.85 -23.58 19.92
N TYR F 53 25.69 -22.62 20.31
CA TYR F 53 26.92 -22.31 19.59
C TYR F 53 28.14 -22.78 20.36
N ASN F 54 29.13 -23.31 19.66
CA ASN F 54 30.23 -24.02 20.34
C ASN F 54 31.51 -23.17 20.39
N LYS F 55 31.38 -21.87 20.11
CA LYS F 55 32.48 -20.93 20.25
C LYS F 55 32.03 -19.74 21.11
N ASP F 56 32.96 -18.92 21.60
CA ASP F 56 32.54 -17.65 22.21
C ASP F 56 32.13 -16.74 21.05
N ALA F 57 31.28 -15.78 21.34
CA ALA F 57 30.93 -14.80 20.32
C ALA F 57 30.85 -13.40 20.89
N LEU F 58 31.20 -12.44 20.05
CA LEU F 58 31.13 -11.06 20.47
C LEU F 58 30.57 -10.22 19.32
N ILE F 59 29.61 -9.36 19.66
CA ILE F 59 29.05 -8.43 18.69
C ILE F 59 29.54 -7.02 19.04
N LEU F 60 30.17 -6.38 18.07
CA LEU F 60 30.65 -5.05 18.18
C LEU F 60 29.77 -4.11 17.39
N LYS F 61 29.12 -3.19 18.11
CA LYS F 61 28.33 -2.12 17.49
C LYS F 61 29.16 -0.86 17.50
N MET F 62 29.52 -0.45 16.29
CA MET F 62 30.38 0.71 16.09
C MET F 62 29.56 1.95 15.77
N GLN F 63 29.38 2.84 16.75
CA GLN F 63 28.65 4.09 16.53
C GLN F 63 29.53 5.26 16.92
N GLY F 64 28.96 6.45 16.95
CA GLY F 64 29.72 7.62 17.36
C GLY F 64 29.52 8.74 16.41
N PHE F 65 30.54 9.57 16.27
CA PHE F 65 30.40 10.77 15.50
C PHE F 65 31.76 11.16 14.89
N ILE F 66 31.78 11.37 13.59
CA ILE F 66 32.98 11.83 12.90
C ILE F 66 32.63 13.17 12.31
N SER F 67 33.22 14.20 12.88
CA SER F 67 33.02 15.56 12.43
C SER F 67 33.55 15.78 11.01
N SER F 68 32.88 16.64 10.26
CA SER F 68 33.25 16.82 8.87
C SER F 68 34.59 17.52 8.74
N ARG F 69 34.93 18.28 9.78
CA ARG F 69 36.07 19.19 9.79
C ARG F 69 36.10 20.01 8.51
N THR F 70 34.95 20.36 7.99
CA THR F 70 34.90 21.19 6.79
C THR F 70 35.41 22.60 7.09
N THR F 71 36.33 23.11 6.29
CA THR F 71 36.98 24.41 6.60
C THR F 71 37.23 25.25 5.36
N TYR F 72 37.17 26.58 5.51
CA TYR F 72 37.34 27.50 4.37
C TYR F 72 38.56 28.40 4.59
N TYR F 73 39.21 28.80 3.50
CA TYR F 73 40.37 29.67 3.65
C TYR F 73 40.79 30.30 2.34
N ASN F 74 41.52 31.42 2.45
CA ASN F 74 42.14 32.08 1.30
C ASN F 74 43.33 31.27 0.85
N TYR F 75 43.45 31.10 -0.46
CA TYR F 75 44.55 30.32 -1.02
C TYR F 75 45.84 31.14 -1.16
N LYS F 76 46.93 30.63 -0.57
CA LYS F 76 48.23 31.32 -0.54
C LYS F 76 48.01 32.82 -0.28
N LYS F 77 48.40 33.67 -1.23
CA LYS F 77 48.31 35.13 -1.08
C LYS F 77 47.61 35.72 -2.32
N THR F 78 46.69 34.97 -2.90
CA THR F 78 46.16 35.29 -4.21
C THR F 78 44.97 36.27 -4.18
N ASN F 79 44.19 36.21 -3.12
CA ASN F 79 43.03 37.09 -2.94
C ASN F 79 41.87 36.99 -3.96
N HIS F 80 42.01 36.14 -4.99
CA HIS F 80 40.91 35.92 -5.93
C HIS F 80 40.56 34.43 -6.05
N VAL F 81 41.25 33.58 -5.29
CA VAL F 81 40.87 32.17 -5.21
C VAL F 81 40.80 31.72 -3.75
N LYS F 82 39.69 31.08 -3.40
CA LYS F 82 39.47 30.62 -2.02
C LYS F 82 39.19 29.12 -2.04
N ALA F 83 39.49 28.44 -0.94
CA ALA F 83 39.41 27.00 -0.92
C ALA F 83 38.48 26.53 0.16
N MET F 84 37.77 25.44 -0.17
CA MET F 84 36.93 24.70 0.76
C MET F 84 37.51 23.28 0.92
N ARG F 85 37.84 22.90 2.14
CA ARG F 85 38.34 21.57 2.40
C ARG F 85 37.21 20.78 3.05
N TRP F 86 36.86 19.62 2.44
CA TRP F 86 35.69 18.86 2.90
C TRP F 86 35.83 17.33 2.76
N PRO F 87 35.03 16.55 3.52
CA PRO F 87 35.15 15.09 3.59
C PRO F 87 34.45 14.38 2.46
N PHE F 88 35.30 13.85 1.59
CA PHE F 88 34.82 13.17 0.41
C PHE F 88 34.37 11.78 0.84
N GLN F 89 35.01 11.26 1.89
CA GLN F 89 34.86 9.86 2.29
C GLN F 89 35.04 9.73 3.79
N TYR F 90 34.20 8.93 4.44
CA TYR F 90 34.44 8.55 5.81
C TYR F 90 34.95 7.12 5.89
N ASN F 91 35.88 6.88 6.82
CA ASN F 91 36.53 5.57 6.96
C ASN F 91 36.12 4.86 8.23
N ILE F 92 35.71 3.60 8.11
CA ILE F 92 35.38 2.83 9.32
C ILE F 92 35.99 1.46 9.17
N GLY F 93 36.75 1.00 10.16
CA GLY F 93 37.47 -0.26 10.01
C GLY F 93 37.67 -0.95 11.33
N LEU F 94 37.77 -2.29 11.28
CA LEU F 94 37.93 -3.11 12.49
C LEU F 94 38.93 -4.18 12.14
N LYS F 95 39.85 -4.44 13.07
CA LYS F 95 40.92 -5.43 12.87
C LYS F 95 41.19 -6.08 14.18
N THR F 96 41.44 -7.38 14.16
CA THR F 96 41.98 -8.07 15.34
C THR F 96 43.34 -8.69 15.00
N ASN F 97 44.13 -8.99 16.03
CA ASN F 97 45.40 -9.72 15.83
C ASN F 97 45.45 -11.08 16.53
N ASP F 98 44.31 -11.50 17.08
CA ASP F 98 44.23 -12.77 17.75
C ASP F 98 43.84 -13.84 16.75
N LYS F 99 44.69 -14.85 16.62
CA LYS F 99 44.47 -15.86 15.60
C LYS F 99 43.33 -16.79 15.97
N TYR F 100 42.92 -16.72 17.23
CA TYR F 100 41.79 -17.47 17.70
C TYR F 100 40.45 -16.74 17.47
N VAL F 101 40.52 -15.54 16.90
CA VAL F 101 39.35 -14.76 16.63
C VAL F 101 39.10 -14.68 15.15
N SER F 102 37.83 -14.81 14.75
CA SER F 102 37.53 -14.60 13.34
C SER F 102 36.26 -13.88 13.12
N LEU F 103 36.24 -13.08 12.08
CA LEU F 103 35.05 -12.34 11.71
C LEU F 103 34.02 -13.27 11.04
N ILE F 104 32.83 -13.39 11.61
CA ILE F 104 31.81 -14.30 11.09
C ILE F 104 30.59 -13.54 10.54
N ASN F 105 30.49 -12.26 10.86
CA ASN F 105 29.41 -11.47 10.26
C ASN F 105 29.67 -9.97 10.32
N TYR F 106 29.00 -9.20 9.48
CA TYR F 106 29.17 -7.76 9.50
C TYR F 106 28.13 -7.08 8.65
N LEU F 107 27.81 -5.84 9.00
CA LEU F 107 26.91 -5.04 8.18
C LEU F 107 27.34 -3.60 8.21
N PRO F 108 27.10 -2.89 7.09
CA PRO F 108 26.48 -3.37 5.83
C PRO F 108 27.42 -4.15 4.88
N LYS F 109 26.84 -4.79 3.87
CA LYS F 109 27.60 -5.57 2.90
C LYS F 109 27.36 -4.96 1.54
N ASN F 110 28.25 -5.22 0.58
CA ASN F 110 28.05 -4.75 -0.80
C ASN F 110 26.89 -5.49 -1.45
N LYS F 111 26.08 -4.76 -2.19
CA LYS F 111 24.92 -5.33 -2.87
C LYS F 111 24.99 -5.07 -4.37
N ILE F 112 24.34 -5.93 -5.13
CA ILE F 112 24.18 -5.70 -6.55
C ILE F 112 23.28 -4.48 -6.75
N GLU F 113 23.67 -3.57 -7.62
CA GLU F 113 22.78 -2.44 -7.94
C GLU F 113 21.66 -2.89 -8.91
N SER F 114 20.41 -2.65 -8.52
CA SER F 114 19.25 -2.98 -9.35
C SER F 114 18.36 -1.75 -9.52
N THR F 115 17.79 -1.63 -10.72
CA THR F 115 16.99 -0.48 -11.09
C THR F 115 15.66 -0.90 -11.69
N ASN F 116 14.72 0.05 -11.77
CA ASN F 116 13.44 -0.23 -12.40
C ASN F 116 13.44 0.37 -13.78
N VAL F 117 13.14 -0.46 -14.76
CA VAL F 117 13.13 0.01 -16.15
C VAL F 117 11.73 -0.07 -16.70
N SER F 118 11.37 0.96 -17.44
CA SER F 118 10.11 1.01 -18.17
C SER F 118 10.40 1.38 -19.62
N GLN F 119 9.81 0.66 -20.57
CA GLN F 119 10.15 0.86 -21.97
C GLN F 119 8.91 0.83 -22.84
N THR F 120 8.79 1.85 -23.69
CA THR F 120 7.61 2.05 -24.53
C THR F 120 7.96 2.08 -26.02
N LEU F 121 7.20 1.34 -26.82
CA LEU F 121 7.24 1.43 -28.29
C LEU F 121 5.90 1.90 -28.82
N GLY F 122 5.87 2.85 -29.74
CA GLY F 122 4.60 3.38 -30.20
C GLY F 122 4.55 3.72 -31.69
N TYR F 123 3.39 3.49 -32.30
CA TYR F 123 3.10 3.83 -33.68
C TYR F 123 1.91 4.79 -33.74
N ASN F 124 2.03 5.86 -34.52
CA ASN F 124 0.85 6.67 -34.86
C ASN F 124 0.61 6.62 -36.35
N ILE F 125 -0.63 6.33 -36.74
CA ILE F 125 -1.00 6.16 -38.14
C ILE F 125 -1.73 7.38 -38.69
N GLY F 139 2.04 7.81 -40.44
CA GLY F 139 3.44 7.45 -40.29
C GLY F 139 4.11 8.20 -39.14
N SER F 140 4.51 7.46 -38.11
CA SER F 140 5.15 8.03 -36.94
C SER F 140 5.55 6.93 -35.95
N PHE F 141 6.80 6.96 -35.51
CA PHE F 141 7.29 5.98 -34.57
C PHE F 141 7.87 6.66 -33.32
N ASN F 142 7.60 6.10 -32.14
CA ASN F 142 8.21 6.61 -30.90
C ASN F 142 8.75 5.50 -30.02
N TYR F 143 9.83 5.81 -29.32
CA TYR F 143 10.47 4.87 -28.43
C TYR F 143 10.94 5.60 -27.20
N SER F 144 10.62 5.04 -26.04
CA SER F 144 10.99 5.64 -24.77
C SER F 144 11.58 4.60 -23.83
N LYS F 145 12.67 4.95 -23.17
CA LYS F 145 13.17 4.12 -22.09
C LYS F 145 13.40 4.99 -20.88
N SER F 146 12.85 4.58 -19.75
CA SER F 146 13.06 5.29 -18.50
C SER F 146 13.56 4.34 -17.38
N ILE F 147 14.63 4.77 -16.72
CA ILE F 147 15.24 4.04 -15.63
C ILE F 147 15.00 4.82 -14.36
N SER F 148 14.67 4.11 -13.29
CA SER F 148 14.50 4.82 -12.02
C SER F 148 15.11 4.08 -10.82
N TYR F 149 15.55 4.89 -9.86
CA TYR F 149 16.36 4.41 -8.74
C TYR F 149 16.45 5.45 -7.62
N THR F 150 17.13 5.04 -6.55
CA THR F 150 17.26 5.86 -5.36
C THR F 150 18.72 6.20 -5.12
N GLN F 151 18.97 7.49 -4.93
CA GLN F 151 20.30 7.98 -4.64
C GLN F 151 20.46 8.31 -3.16
N GLN F 152 21.59 7.89 -2.61
CA GLN F 152 22.05 8.35 -1.30
C GLN F 152 23.12 9.40 -1.49
N ASN F 153 23.22 10.38 -0.59
CA ASN F 153 24.30 11.36 -0.61
C ASN F 153 25.68 10.72 -0.53
N TYR F 154 25.81 9.72 0.34
CA TYR F 154 27.03 8.95 0.52
C TYR F 154 26.68 7.45 0.45
N VAL F 155 27.47 6.65 -0.26
CA VAL F 155 27.29 5.19 -0.33
C VAL F 155 28.31 4.46 0.52
N SER F 156 27.88 3.39 1.19
CA SER F 156 28.78 2.60 2.04
C SER F 156 29.28 1.32 1.35
N GLU F 157 30.59 1.22 1.10
CA GLU F 157 31.15 0.12 0.36
C GLU F 157 32.10 -0.64 1.24
N VAL F 158 32.12 -1.97 1.09
CA VAL F 158 33.15 -2.79 1.74
C VAL F 158 34.42 -2.69 0.89
N GLU F 159 35.51 -2.16 1.46
CA GLU F 159 36.78 -1.91 0.76
C GLU F 159 37.63 -3.14 0.91
N GLN F 160 37.62 -3.71 2.12
CA GLN F 160 38.27 -5.00 2.21
C GLN F 160 37.75 -5.79 3.38
N GLN F 161 37.89 -7.12 3.32
CA GLN F 161 37.37 -7.96 4.38
C GLN F 161 38.01 -9.35 4.45
N ASN F 162 38.37 -9.81 5.64
CA ASN F 162 38.83 -11.15 5.82
C ASN F 162 38.56 -11.59 7.23
N SER F 163 39.10 -12.74 7.62
CA SER F 163 38.69 -13.32 8.89
C SER F 163 39.20 -12.47 10.04
N LYS F 164 40.10 -11.54 9.77
CA LYS F 164 40.69 -10.77 10.86
C LYS F 164 40.29 -9.31 10.80
N SER F 165 39.44 -8.94 9.84
CA SER F 165 39.25 -7.51 9.63
C SER F 165 38.25 -7.15 8.54
N VAL F 166 37.71 -5.94 8.64
CA VAL F 166 36.80 -5.41 7.64
C VAL F 166 36.97 -3.93 7.66
N LEU F 167 36.93 -3.35 6.47
CA LEU F 167 37.09 -1.93 6.25
C LEU F 167 36.01 -1.50 5.28
N TRP F 168 35.26 -0.48 5.70
CA TRP F 168 34.30 0.22 4.85
C TRP F 168 34.75 1.63 4.54
N GLY F 169 34.43 2.10 3.35
CA GLY F 169 34.49 3.51 3.00
C GLY F 169 33.09 4.04 2.63
N VAL F 170 32.71 5.17 3.23
CA VAL F 170 31.41 5.82 3.03
C VAL F 170 31.65 7.07 2.15
N LYS F 171 31.24 6.97 0.89
CA LYS F 171 31.79 7.82 -0.15
C LYS F 171 30.78 8.78 -0.67
N ALA F 172 31.17 10.03 -0.86
CA ALA F 172 30.29 11.02 -1.45
C ALA F 172 29.86 10.55 -2.82
N ASN F 173 28.59 10.79 -3.15
CA ASN F 173 28.02 10.16 -4.32
C ASN F 173 27.23 11.15 -5.18
N SER F 174 26.08 11.58 -4.68
CA SER F 174 25.19 12.42 -5.47
C SER F 174 24.35 13.31 -4.57
N PHE F 175 24.10 14.53 -5.04
CA PHE F 175 23.40 15.52 -4.20
C PHE F 175 22.26 16.19 -4.95
N ALA F 176 21.14 16.36 -4.28
CA ALA F 176 19.97 17.00 -4.87
C ALA F 176 20.13 18.51 -4.74
N THR F 177 20.19 19.20 -5.87
CA THR F 177 20.25 20.66 -5.86
C THR F 177 19.11 21.16 -6.75
N GLU F 178 18.84 22.46 -6.71
CA GLU F 178 18.01 23.06 -7.75
C GLU F 178 18.87 22.89 -9.00
N SER F 179 18.24 22.77 -10.15
CA SER F 179 18.98 22.52 -11.41
C SER F 179 19.61 21.12 -11.47
N GLY F 180 19.04 20.18 -10.71
CA GLY F 180 19.28 18.77 -10.95
C GLY F 180 20.13 18.09 -9.89
N GLN F 181 20.44 16.83 -10.13
CA GLN F 181 21.26 16.09 -9.19
C GLN F 181 22.67 16.36 -9.64
N LYS F 182 23.56 16.56 -8.67
CA LYS F 182 24.95 16.88 -8.98
C LYS F 182 25.86 15.78 -8.48
N SER F 183 26.86 15.45 -9.29
CA SER F 183 27.79 14.40 -8.93
C SER F 183 28.85 14.87 -7.96
N ALA F 184 29.23 13.99 -7.05
CA ALA F 184 30.28 14.30 -6.09
C ALA F 184 31.63 14.53 -6.79
N PHE F 185 31.73 14.17 -8.07
CA PHE F 185 32.94 14.43 -8.87
C PHE F 185 32.88 15.69 -9.77
N ASP F 186 31.80 16.46 -9.67
CA ASP F 186 31.69 17.77 -10.30
C ASP F 186 32.65 18.77 -9.69
N SER F 187 33.51 19.34 -10.52
CA SER F 187 34.50 20.28 -10.01
C SER F 187 33.82 21.57 -9.56
N ASP F 188 32.56 21.76 -9.93
CA ASP F 188 31.78 22.93 -9.52
C ASP F 188 30.99 22.70 -8.23
N LEU F 189 31.06 21.49 -7.70
CA LEU F 189 30.28 21.17 -6.53
C LEU F 189 30.65 22.10 -5.34
N PHE F 190 29.61 22.72 -4.77
CA PHE F 190 29.66 23.60 -3.60
C PHE F 190 30.17 24.99 -3.92
N VAL F 191 30.42 25.22 -5.20
CA VAL F 191 30.92 26.52 -5.61
C VAL F 191 29.81 27.54 -5.55
N GLY F 192 30.13 28.68 -4.97
CA GLY F 192 29.15 29.66 -4.53
C GLY F 192 28.82 30.82 -5.46
N TYR F 193 28.31 31.92 -4.85
CA TYR F 193 27.61 33.00 -5.56
C TYR F 193 28.08 34.41 -5.24
N LYS F 194 29.05 34.58 -4.35
CA LYS F 194 29.48 35.94 -3.93
C LYS F 194 30.98 36.24 -4.19
N PRO F 195 31.32 36.68 -5.42
CA PRO F 195 32.67 37.13 -5.76
C PRO F 195 32.88 38.65 -5.67
N SER F 197 33.63 39.23 -2.62
CA SER F 197 33.33 39.23 -1.18
C SER F 197 34.56 39.11 -0.28
N LYS F 198 35.59 38.43 -0.74
CA LYS F 198 36.85 38.36 0.03
C LYS F 198 36.82 37.52 1.33
N ASP F 199 35.64 37.24 1.88
CA ASP F 199 35.50 36.21 2.91
C ASP F 199 35.46 34.86 2.18
N PRO F 200 36.36 33.91 2.51
CA PRO F 200 36.44 32.64 1.75
C PRO F 200 35.15 31.82 1.85
N ARG F 201 34.49 31.88 3.00
CA ARG F 201 33.20 31.21 3.18
C ARG F 201 32.18 31.60 2.12
N ASP F 202 32.32 32.81 1.60
CA ASP F 202 31.36 33.29 0.62
C ASP F 202 31.67 32.77 -0.78
N TYR F 203 32.83 32.17 -1.01
CA TYR F 203 33.08 31.56 -2.32
C TYR F 203 32.33 30.23 -2.50
N PHE F 204 31.64 29.83 -1.44
CA PHE F 204 30.98 28.54 -1.42
C PHE F 204 29.52 28.58 -1.02
N VAL F 205 28.83 27.58 -1.51
CA VAL F 205 27.42 27.39 -1.26
C VAL F 205 27.10 27.57 0.26
N PRO F 206 25.93 28.10 0.61
CA PRO F 206 25.58 28.26 2.04
C PRO F 206 25.32 26.91 2.70
N ASP F 207 25.38 26.84 4.01
CA ASP F 207 25.15 25.59 4.73
C ASP F 207 23.87 24.84 4.31
N SER F 208 22.82 25.58 3.90
CA SER F 208 21.55 24.94 3.62
C SER F 208 21.57 24.22 2.30
N GLU F 209 22.63 24.44 1.53
CA GLU F 209 22.81 23.69 0.28
C GLU F 209 23.98 22.74 0.40
N LEU F 210 24.38 22.45 1.65
CA LEU F 210 25.38 21.43 1.95
C LEU F 210 24.67 20.28 2.64
N PRO F 211 24.99 19.05 2.25
CA PRO F 211 24.41 17.92 2.97
C PRO F 211 24.89 17.86 4.42
N PRO F 212 24.09 17.28 5.33
CA PRO F 212 24.49 17.14 6.75
C PRO F 212 25.87 16.47 6.93
N LEU F 213 26.25 15.55 6.06
CA LEU F 213 27.53 14.88 6.26
C LEU F 213 28.71 15.79 5.92
N VAL F 214 28.45 16.90 5.24
CA VAL F 214 29.47 17.91 4.95
C VAL F 214 29.39 19.10 5.93
N GLN F 215 28.19 19.54 6.24
CA GLN F 215 28.03 20.65 7.16
C GLN F 215 28.37 20.31 8.61
N SER F 216 27.93 19.15 9.07
CA SER F 216 28.13 18.70 10.45
C SER F 216 29.04 17.44 10.55
N GLY F 217 28.71 16.37 9.83
CA GLY F 217 29.49 15.15 9.93
C GLY F 217 28.66 13.87 9.84
N PHE F 218 29.29 12.75 10.16
CA PHE F 218 28.76 11.42 10.01
C PHE F 218 28.55 10.68 11.36
N ASN F 219 27.38 10.05 11.52
CA ASN F 219 27.09 9.18 12.65
C ASN F 219 27.14 7.72 12.18
N PRO F 220 28.31 7.12 12.21
CA PRO F 220 28.39 5.74 11.74
C PRO F 220 27.49 4.81 12.51
N SER F 221 27.06 3.77 11.83
CA SER F 221 26.38 2.67 12.47
C SER F 221 26.81 1.39 11.75
N PHE F 222 27.68 0.61 12.38
CA PHE F 222 28.26 -0.56 11.73
C PHE F 222 28.27 -1.71 12.70
N ILE F 223 28.25 -2.92 12.17
CA ILE F 223 28.22 -4.02 13.11
C ILE F 223 29.10 -5.14 12.65
N ALA F 224 29.71 -5.80 13.60
CA ALA F 224 30.59 -6.93 13.29
C ALA F 224 30.47 -8.00 14.36
N THR F 225 30.36 -9.25 13.94
CA THR F 225 30.32 -10.34 14.88
C THR F 225 31.57 -11.19 14.68
N VAL F 226 32.18 -11.58 15.79
CA VAL F 226 33.41 -12.35 15.79
C VAL F 226 33.23 -13.54 16.68
N SER F 227 33.82 -14.67 16.25
CA SER F 227 33.87 -15.90 17.04
C SER F 227 35.24 -15.94 17.72
N HIS F 228 35.26 -16.56 18.89
CA HIS F 228 36.49 -16.87 19.61
C HIS F 228 36.58 -18.35 20.03
N GLU F 229 37.69 -19.00 19.71
CA GLU F 229 37.90 -20.41 20.10
C GLU F 229 37.94 -20.58 21.62
N LYS F 230 37.03 -21.38 22.16
CA LYS F 230 36.92 -21.52 23.61
C LYS F 230 38.17 -22.08 24.27
N GLY F 231 38.48 -21.53 25.44
CA GLY F 231 39.60 -22.02 26.23
C GLY F 231 40.97 -21.80 25.57
N SER F 232 41.06 -20.91 24.59
CA SER F 232 42.36 -20.52 24.04
C SER F 232 42.84 -19.22 24.72
N SER F 233 43.11 -18.17 23.95
CA SER F 233 43.55 -16.88 24.50
C SER F 233 42.53 -16.32 25.49
N ASP F 234 43.01 -15.74 26.58
CA ASP F 234 42.14 -15.17 27.58
C ASP F 234 41.62 -13.83 27.14
N THR F 235 42.40 -13.15 26.32
CA THR F 235 42.04 -11.85 25.88
C THR F 235 42.31 -11.69 24.40
N SER F 236 41.64 -10.70 23.79
CA SER F 236 41.95 -10.34 22.39
C SER F 236 41.97 -8.84 22.21
N GLU F 237 42.74 -8.39 21.22
CA GLU F 237 42.76 -6.98 20.88
C GLU F 237 41.98 -6.72 19.60
N PHE F 238 41.27 -5.59 19.60
CA PHE F 238 40.53 -5.14 18.45
C PHE F 238 40.91 -3.72 18.23
N GLU F 239 41.25 -3.37 17.01
CA GLU F 239 41.61 -2.00 16.72
C GLU F 239 40.53 -1.42 15.83
N ILE F 240 39.91 -0.32 16.30
CA ILE F 240 38.82 0.33 15.59
C ILE F 240 39.25 1.69 15.15
N THR F 241 38.97 1.97 13.87
CA THR F 241 39.48 3.13 13.15
C THR F 241 38.33 3.93 12.56
N TYR F 242 38.28 5.23 12.89
CA TYR F 242 37.26 6.14 12.33
C TYR F 242 37.99 7.32 11.81
N GLY F 243 37.64 7.82 10.62
CA GLY F 243 38.34 8.98 10.09
C GLY F 243 37.75 9.44 8.76
N ARG F 244 38.49 10.27 8.01
CA ARG F 244 37.98 10.90 6.80
C ARG F 244 39.06 11.05 5.75
N ASN F 245 38.66 11.16 4.49
CA ASN F 245 39.57 11.59 3.44
C ASN F 245 38.98 12.93 2.97
N MET F 246 39.84 13.93 2.79
CA MET F 246 39.39 15.26 2.45
C MET F 246 39.70 15.61 1.00
N ASP F 247 38.72 16.18 0.32
CA ASP F 247 38.95 16.84 -0.94
C ASP F 247 39.14 18.35 -0.66
N VAL F 248 39.71 19.03 -1.64
CA VAL F 248 39.71 20.48 -1.63
C VAL F 248 39.08 20.97 -2.90
N THR F 249 38.13 21.90 -2.77
CA THR F 249 37.61 22.63 -3.92
C THR F 249 38.14 24.07 -3.89
N HIS F 250 38.85 24.45 -4.95
CA HIS F 250 39.26 25.85 -5.12
C HIS F 250 38.21 26.54 -5.95
N ALA F 251 37.77 27.67 -5.44
CA ALA F 251 36.89 28.56 -6.16
C ALA F 251 37.74 29.72 -6.64
N ILE F 252 37.64 29.99 -7.94
CA ILE F 252 38.44 31.01 -8.61
C ILE F 252 37.53 32.07 -9.21
N LYS F 253 37.73 33.33 -8.79
CA LYS F 253 37.05 34.45 -9.43
C LYS F 253 37.64 34.75 -10.81
N ARG F 254 36.76 34.83 -11.81
CA ARG F 254 37.15 35.09 -13.19
C ARG F 254 36.39 36.26 -13.78
N SER F 261 31.92 39.06 -13.63
CA SER F 261 32.72 38.18 -12.77
C SER F 261 31.91 37.03 -12.17
N TYR F 262 32.45 35.81 -12.30
CA TYR F 262 31.78 34.59 -11.81
C TYR F 262 32.80 33.65 -11.13
N LEU F 263 32.29 32.63 -10.45
CA LEU F 263 33.15 31.70 -9.72
C LEU F 263 33.25 30.39 -10.45
N ASP F 264 34.49 29.95 -10.63
CA ASP F 264 34.79 28.71 -11.34
C ASP F 264 35.49 27.72 -10.41
N GLY F 265 35.18 26.43 -10.55
CA GLY F 265 35.61 25.41 -9.61
C GLY F 265 36.71 24.48 -10.10
N HIS F 266 37.74 24.34 -9.28
CA HIS F 266 38.80 23.37 -9.52
C HIS F 266 38.90 22.42 -8.30
N ARG F 267 39.04 21.13 -8.57
CA ARG F 267 39.04 20.14 -7.50
C ARG F 267 40.37 19.45 -7.34
N VAL F 268 40.79 19.30 -6.08
CA VAL F 268 41.88 18.40 -5.72
C VAL F 268 41.30 17.23 -4.96
N HIS F 269 41.21 16.09 -5.66
CA HIS F 269 40.58 14.91 -5.13
C HIS F 269 41.59 14.15 -4.29
N ASN F 270 41.15 13.60 -3.16
CA ASN F 270 42.05 12.92 -2.25
C ASN F 270 43.23 13.80 -1.84
N ALA F 271 42.97 15.07 -1.56
CA ALA F 271 43.99 15.97 -1.03
C ALA F 271 44.62 15.47 0.28
N PHE F 272 43.82 14.90 1.16
CA PHE F 272 44.30 14.33 2.42
C PHE F 272 43.54 13.03 2.67
N VAL F 273 44.28 11.99 3.02
CA VAL F 273 43.75 10.64 3.01
C VAL F 273 44.07 9.94 4.33
N ASN F 274 43.15 9.09 4.74
CA ASN F 274 43.32 8.34 5.98
C ASN F 274 43.65 9.20 7.20
N ARG F 275 42.98 10.35 7.28
CA ARG F 275 42.95 11.17 8.47
C ARG F 275 42.06 10.45 9.48
N ASN F 276 42.67 9.59 10.26
CA ASN F 276 41.95 8.60 11.02
C ASN F 276 42.37 8.55 12.43
N TYR F 277 41.40 8.18 13.27
CA TYR F 277 41.55 8.03 14.69
C TYR F 277 41.40 6.57 14.98
N THR F 278 42.42 5.99 15.58
CA THR F 278 42.46 4.59 15.87
C THR F 278 42.50 4.38 17.37
N VAL F 279 41.70 3.44 17.85
CA VAL F 279 41.69 3.09 19.25
C VAL F 279 41.77 1.59 19.37
N LYS F 280 42.52 1.15 20.38
CA LYS F 280 42.79 -0.25 20.55
C LYS F 280 42.20 -0.72 21.86
N TYR F 281 41.25 -1.64 21.73
CA TYR F 281 40.48 -2.16 22.84
C TYR F 281 40.96 -3.57 23.08
N GLU F 282 40.90 -4.04 24.33
CA GLU F 282 41.22 -5.42 24.63
C GLU F 282 40.08 -6.03 25.38
N VAL F 283 39.60 -7.20 24.94
CA VAL F 283 38.54 -7.88 25.66
C VAL F 283 39.03 -9.10 26.42
N ASN F 284 38.42 -9.35 27.57
CA ASN F 284 38.66 -10.56 28.34
C ASN F 284 37.49 -11.51 28.15
N TRP F 285 37.73 -12.65 27.50
CA TRP F 285 36.65 -13.59 27.20
C TRP F 285 36.05 -14.27 28.42
N LYS F 286 36.80 -14.37 29.51
CA LYS F 286 36.30 -15.01 30.73
C LYS F 286 35.68 -14.05 31.74
N THR F 287 36.25 -12.86 31.90
CA THR F 287 35.71 -11.89 32.85
C THR F 287 34.90 -10.76 32.19
N HIS F 288 34.90 -10.69 30.86
CA HIS F 288 34.15 -9.62 30.17
C HIS F 288 34.58 -8.19 30.52
N GLU F 289 35.81 -8.06 31.02
CA GLU F 289 36.40 -6.76 31.18
C GLU F 289 36.88 -6.27 29.81
N ILE F 290 36.63 -4.98 29.58
CA ILE F 290 37.19 -4.22 28.46
C ILE F 290 38.27 -3.23 28.94
N LYS F 291 39.37 -3.15 28.22
CA LYS F 291 40.41 -2.17 28.49
C LYS F 291 40.74 -1.44 27.22
N VAL F 292 40.91 -0.15 27.32
CA VAL F 292 41.44 0.64 26.26
C VAL F 292 42.93 0.56 26.46
N LYS F 293 43.62 0.09 25.42
CA LYS F 293 45.06 -0.16 25.45
C LYS F 293 45.79 0.89 24.64
N GLY F 294 45.13 1.49 23.67
CA GLY F 294 45.83 2.59 23.04
C GLY F 294 45.00 3.44 22.13
N GLN F 295 45.59 4.52 21.66
CA GLN F 295 44.95 5.36 20.66
C GLN F 295 46.01 6.26 20.07
N ASN F 296 45.80 6.66 18.82
CA ASN F 296 46.63 7.69 18.20
C ASN F 296 45.92 9.07 18.38
N VAL G 26 15.84 -6.54 34.24
CA VAL G 26 15.69 -5.14 33.82
C VAL G 26 14.62 -4.37 34.59
N THR G 27 15.02 -3.30 35.24
CA THR G 27 14.11 -2.47 36.01
C THR G 27 14.24 -1.03 35.52
N LEU G 28 13.10 -0.33 35.51
CA LEU G 28 12.98 1.04 35.07
C LEU G 28 12.43 1.99 36.15
N TYR G 29 13.09 3.12 36.39
CA TYR G 29 12.60 4.12 37.33
C TYR G 29 12.43 5.43 36.58
N LYS G 30 11.35 6.15 36.84
CA LYS G 30 11.09 7.38 36.08
C LYS G 30 11.07 8.58 36.99
N THR G 31 11.49 9.72 36.43
CA THR G 31 11.22 10.99 37.08
C THR G 31 11.25 12.12 36.06
N THR G 32 10.96 13.35 36.49
CA THR G 32 10.92 14.49 35.57
C THR G 32 11.38 15.76 36.26
N ALA G 33 11.81 16.75 35.50
CA ALA G 33 12.22 18.02 36.09
C ALA G 33 12.07 19.08 35.03
N THR G 34 11.92 20.32 35.49
CA THR G 34 11.55 21.41 34.61
C THR G 34 12.30 22.65 35.03
N ALA G 35 12.41 23.58 34.10
CA ALA G 35 12.96 24.88 34.41
C ALA G 35 12.46 25.92 33.42
N ASP G 36 12.27 27.14 33.89
CA ASP G 36 11.68 28.18 33.05
C ASP G 36 12.48 29.46 33.07
N SER G 37 12.53 30.13 31.92
CA SER G 37 12.89 31.53 31.84
C SER G 37 11.68 32.21 31.21
N ASP G 38 10.94 32.93 32.04
CA ASP G 38 9.76 33.68 31.63
C ASP G 38 10.20 34.88 30.81
N LYS G 39 11.30 35.51 31.21
CA LYS G 39 11.84 36.62 30.45
C LYS G 39 12.07 36.23 28.98
N PHE G 40 12.80 35.14 28.76
CA PHE G 40 13.11 34.68 27.40
C PHE G 40 12.03 33.79 26.73
N LYS G 41 11.04 33.31 27.48
CA LYS G 41 10.04 32.38 26.91
C LYS G 41 10.74 31.08 26.48
N ILE G 42 11.51 30.53 27.41
CA ILE G 42 12.16 29.28 27.18
C ILE G 42 11.88 28.47 28.40
N SER G 43 11.50 27.22 28.16
CA SER G 43 11.18 26.31 29.25
C SER G 43 11.73 24.92 28.85
N GLN G 44 12.36 24.23 29.79
CA GLN G 44 12.89 22.90 29.62
C GLN G 44 12.03 21.90 30.36
N ILE G 45 11.67 20.81 29.69
CA ILE G 45 11.09 19.64 30.35
C ILE G 45 12.00 18.45 30.11
N LEU G 46 12.42 17.82 31.19
CA LEU G 46 13.33 16.71 31.14
C LEU G 46 12.68 15.54 31.76
N THR G 47 12.57 14.48 30.95
CA THR G 47 11.99 13.24 31.37
C THR G 47 13.12 12.22 31.46
N PHE G 48 13.17 11.50 32.59
CA PHE G 48 14.29 10.65 32.96
C PHE G 48 13.82 9.23 33.13
N ASN G 49 14.49 8.31 32.41
CA ASN G 49 14.30 6.87 32.56
C ASN G 49 15.60 6.20 32.98
N PHE G 50 15.66 5.83 34.26
CA PHE G 50 16.79 5.15 34.79
C PHE G 50 16.52 3.69 34.53
N ILE G 51 17.48 3.03 33.88
CA ILE G 51 17.43 1.61 33.64
C ILE G 51 18.58 0.91 34.34
N LYS G 52 18.19 -0.06 35.16
CA LYS G 52 19.16 -1.02 35.72
C LYS G 52 18.97 -2.40 35.07
N ASP G 53 20.05 -2.87 34.48
CA ASP G 53 20.08 -4.07 33.65
C ASP G 53 21.21 -4.93 34.17
N LYS G 54 20.85 -6.10 34.73
CA LYS G 54 21.83 -7.04 35.29
C LYS G 54 22.93 -7.47 34.32
N SER G 55 22.73 -7.28 33.03
CA SER G 55 23.65 -7.77 32.02
C SER G 55 24.76 -6.76 31.67
N TYR G 56 24.63 -5.54 32.19
CA TYR G 56 25.49 -4.39 31.88
C TYR G 56 26.16 -3.99 33.16
N ASP G 57 27.34 -3.40 33.11
CA ASP G 57 28.07 -3.05 34.34
C ASP G 57 27.96 -1.56 34.70
N LYS G 58 27.10 -0.84 33.99
CA LYS G 58 26.90 0.57 34.26
C LYS G 58 25.41 0.86 34.44
N ASP G 59 25.09 2.02 35.01
CA ASP G 59 23.71 2.50 35.12
C ASP G 59 23.39 3.23 33.85
N THR G 60 22.14 3.07 33.40
CA THR G 60 21.72 3.75 32.19
C THR G 60 20.65 4.80 32.49
N LEU G 61 20.79 5.93 31.80
CA LEU G 61 19.78 6.97 31.86
C LEU G 61 19.33 7.35 30.47
N VAL G 62 18.07 7.09 30.14
CA VAL G 62 17.49 7.65 28.92
C VAL G 62 16.85 8.98 29.31
N LEU G 63 17.32 10.04 28.68
CA LEU G 63 16.94 11.38 29.00
C LEU G 63 16.27 11.99 27.77
N LYS G 64 15.01 12.37 27.94
CA LYS G 64 14.26 13.06 26.91
C LYS G 64 14.12 14.54 27.26
N ALA G 65 14.47 15.40 26.29
CA ALA G 65 14.46 16.83 26.47
C ALA G 65 13.38 17.42 25.58
N THR G 66 12.38 18.04 26.20
CA THR G 66 11.30 18.68 25.46
C THR G 66 11.10 20.08 26.06
N GLY G 67 9.95 20.71 25.80
CA GLY G 67 9.61 22.04 26.34
C GLY G 67 9.40 23.07 25.24
N ASN G 68 9.85 24.29 25.44
CA ASN G 68 9.53 25.38 24.53
C ASN G 68 10.67 26.32 24.37
N ILE G 69 10.89 26.74 23.13
CA ILE G 69 11.84 27.80 22.86
C ILE G 69 11.19 28.80 21.97
N ASN G 70 10.78 29.93 22.53
CA ASN G 70 10.13 30.97 21.73
C ASN G 70 11.09 31.50 20.66
N SER G 71 10.56 31.87 19.51
CA SER G 71 11.34 32.38 18.39
C SER G 71 11.94 33.76 18.58
N GLY G 72 11.43 34.51 19.59
CA GLY G 72 11.82 35.91 19.76
C GLY G 72 11.33 36.82 18.63
N PHE G 73 10.38 36.35 17.82
CA PHE G 73 9.97 37.13 16.64
C PHE G 73 9.46 38.51 17.02
N VAL G 74 9.90 39.51 16.25
CA VAL G 74 9.49 40.89 16.44
C VAL G 74 8.96 41.41 15.13
N LYS G 75 7.67 41.74 15.08
CA LYS G 75 7.08 42.18 13.82
C LYS G 75 7.66 43.54 13.44
N PRO G 76 7.62 43.88 12.16
CA PRO G 76 8.11 45.21 11.73
C PRO G 76 7.11 46.31 12.10
N ASN G 77 7.61 47.48 12.47
CA ASN G 77 6.72 48.62 12.65
C ASN G 77 6.16 49.05 11.28
N PRO G 78 4.81 49.11 11.13
CA PRO G 78 4.16 49.47 9.86
C PRO G 78 4.42 50.90 9.34
N ASN G 79 4.95 51.77 10.18
CA ASN G 79 5.17 53.19 9.82
C ASN G 79 6.53 53.48 9.20
N ASP G 80 7.44 52.49 9.24
CA ASP G 80 8.75 52.63 8.59
C ASP G 80 8.51 53.01 7.13
N TYR G 81 9.37 53.85 6.56
CA TYR G 81 9.08 54.39 5.22
C TYR G 81 9.80 53.69 4.06
N ASP G 82 11.10 53.91 3.94
CA ASP G 82 11.87 53.39 2.82
C ASP G 82 12.84 52.32 3.31
N PHE G 83 12.82 52.05 4.61
CA PHE G 83 13.71 51.10 5.23
C PHE G 83 13.05 50.49 6.46
N SER G 84 13.01 49.16 6.51
CA SER G 84 12.36 48.48 7.65
C SER G 84 13.05 47.17 8.04
N LYS G 85 12.76 46.70 9.24
CA LYS G 85 13.36 45.46 9.73
C LYS G 85 12.45 44.62 10.62
N LEU G 86 12.75 43.33 10.67
CA LEU G 86 12.14 42.42 11.66
C LEU G 86 13.18 41.45 12.18
N TYR G 87 12.95 40.94 13.37
CA TYR G 87 13.77 39.86 13.90
C TYR G 87 12.97 38.56 13.82
N TRP G 88 13.64 37.49 13.40
CA TRP G 88 13.01 36.16 13.35
C TRP G 88 13.88 35.04 13.94
N GLY G 89 13.23 33.95 14.35
CA GLY G 89 13.91 32.84 15.04
C GLY G 89 14.52 31.93 13.98
N ALA G 90 15.84 31.97 13.77
CA ALA G 90 16.40 31.31 12.58
C ALA G 90 17.17 30.04 12.93
N LYS G 91 17.53 29.88 14.20
CA LYS G 91 18.25 28.69 14.65
C LYS G 91 18.01 28.45 16.11
N TYR G 92 17.74 27.19 16.44
CA TYR G 92 17.56 26.76 17.80
C TYR G 92 18.66 25.79 18.13
N ASN G 93 19.28 25.94 19.30
CA ASN G 93 20.37 25.07 19.71
C ASN G 93 20.00 24.45 21.02
N VAL G 94 20.23 23.15 21.13
CA VAL G 94 20.03 22.45 22.39
C VAL G 94 21.29 21.65 22.67
N SER G 95 21.72 21.56 23.93
CA SER G 95 22.85 20.73 24.26
C SER G 95 22.67 20.17 25.63
N ILE G 96 23.19 18.98 25.82
CA ILE G 96 23.10 18.23 27.06
C ILE G 96 24.52 17.75 27.31
N SER G 97 25.04 18.00 28.52
CA SER G 97 26.46 17.78 28.82
C SER G 97 26.61 17.17 30.19
N SER G 98 27.56 16.25 30.34
CA SER G 98 27.97 15.85 31.68
C SER G 98 29.31 16.52 32.04
N GLN G 99 29.72 16.34 33.28
CA GLN G 99 30.89 17.06 33.81
C GLN G 99 32.18 16.29 33.50
N SER G 100 33.23 17.03 33.15
CA SER G 100 34.44 16.38 32.67
C SER G 100 35.08 15.54 33.76
N ASN G 101 34.72 15.80 35.01
CA ASN G 101 35.26 15.05 36.15
C ASN G 101 34.40 13.87 36.62
N ASP G 102 33.20 13.70 36.07
CA ASP G 102 32.38 12.55 36.51
C ASP G 102 32.53 11.34 35.56
N SER G 103 31.90 10.24 35.98
CA SER G 103 31.98 8.99 35.27
C SER G 103 30.79 8.83 34.34
N VAL G 104 30.20 9.94 33.91
CA VAL G 104 29.00 9.90 33.10
C VAL G 104 29.32 10.19 31.63
N ASN G 105 29.04 9.21 30.76
CA ASN G 105 29.24 9.37 29.31
C ASN G 105 27.94 9.46 28.54
N VAL G 106 27.98 10.15 27.41
CA VAL G 106 26.89 10.10 26.46
C VAL G 106 27.15 9.01 25.40
N VAL G 107 26.38 7.94 25.45
CA VAL G 107 26.61 6.80 24.57
C VAL G 107 25.76 6.78 23.30
N ASP G 108 24.57 7.35 23.36
CA ASP G 108 23.67 7.34 22.21
C ASP G 108 22.73 8.55 22.26
N TYR G 109 22.04 8.80 21.16
CA TYR G 109 21.18 9.95 21.06
C TYR G 109 20.39 9.95 19.79
N ALA G 110 19.34 10.78 19.74
CA ALA G 110 18.50 10.88 18.55
C ALA G 110 17.92 12.29 18.51
N PRO G 111 17.74 12.86 17.31
CA PRO G 111 18.09 12.31 16.00
C PRO G 111 19.59 12.41 15.64
N LYS G 112 20.02 11.54 14.74
CA LYS G 112 21.37 11.59 14.18
C LYS G 112 21.35 12.24 12.82
N ASN G 113 22.52 12.67 12.36
CA ASN G 113 22.64 13.35 11.08
C ASN G 113 22.13 12.42 9.98
N GLN G 114 21.49 12.98 8.96
CA GLN G 114 20.90 12.19 7.91
C GLN G 114 21.80 12.13 6.66
N ASN G 115 22.09 10.90 6.22
CA ASN G 115 22.58 10.66 4.89
C ASN G 115 21.35 10.69 3.96
N GLU G 116 21.04 11.87 3.43
CA GLU G 116 19.79 12.10 2.73
C GLU G 116 19.68 11.28 1.45
N GLU G 117 18.43 10.96 1.09
CA GLU G 117 18.11 10.18 -0.10
C GLU G 117 17.17 10.95 -1.00
N PHE G 118 17.23 10.64 -2.30
CA PHE G 118 16.23 11.13 -3.23
C PHE G 118 15.98 10.11 -4.33
N GLN G 119 14.86 10.27 -5.03
CA GLN G 119 14.50 9.37 -6.12
C GLN G 119 14.83 10.00 -7.44
N VAL G 120 15.23 9.19 -8.40
CA VAL G 120 15.61 9.66 -9.72
C VAL G 120 14.88 8.91 -10.82
N GLN G 121 14.45 9.63 -11.84
CA GLN G 121 13.95 9.00 -13.02
C GLN G 121 14.58 9.63 -14.25
N ASN G 122 15.43 8.87 -14.96
CA ASN G 122 16.01 9.30 -16.25
C ASN G 122 15.22 8.71 -17.42
N THR G 123 14.97 9.52 -18.45
CA THR G 123 14.25 9.04 -19.61
C THR G 123 14.90 9.51 -20.88
N LEU G 124 14.94 8.60 -21.85
CA LEU G 124 15.57 8.81 -23.14
C LEU G 124 14.57 8.41 -24.22
N GLY G 125 14.24 9.34 -25.10
CA GLY G 125 13.13 9.16 -26.04
C GLY G 125 13.43 9.56 -27.47
N TYR G 126 12.98 8.76 -28.42
CA TYR G 126 13.25 8.99 -29.83
C TYR G 126 11.94 9.11 -30.59
N THR G 127 11.91 9.98 -31.59
CA THR G 127 10.73 10.11 -32.40
C THR G 127 11.07 10.56 -33.82
N THR G 146 14.77 13.37 -30.65
CA THR G 146 15.54 12.87 -29.51
C THR G 146 15.31 13.68 -28.24
N ALA G 147 14.90 13.02 -27.16
CA ALA G 147 14.53 13.72 -25.92
C ALA G 147 15.19 13.11 -24.69
N PHE G 148 15.63 13.98 -23.79
CA PHE G 148 16.20 13.57 -22.51
C PHE G 148 15.41 14.23 -21.39
N SER G 149 15.18 13.50 -20.31
CA SER G 149 14.78 14.20 -19.10
C SER G 149 15.23 13.47 -17.83
N GLU G 150 15.39 14.24 -16.78
CA GLU G 150 15.67 13.68 -15.47
C GLU G 150 14.77 14.32 -14.43
N THR G 151 14.04 13.48 -13.71
CA THR G 151 13.22 13.95 -12.60
C THR G 151 13.85 13.50 -11.28
N ILE G 152 13.96 14.40 -10.31
CA ILE G 152 14.33 13.99 -8.95
C ILE G 152 13.23 14.33 -7.94
N ASN G 153 13.03 13.43 -6.98
CA ASN G 153 11.99 13.60 -5.97
C ASN G 153 12.63 13.53 -4.60
N TYR G 154 12.36 14.53 -3.77
CA TYR G 154 12.95 14.55 -2.45
C TYR G 154 12.04 15.31 -1.47
N LYS G 155 12.31 15.13 -0.18
CA LYS G 155 11.64 15.83 0.90
C LYS G 155 12.33 17.12 1.20
N GLN G 156 11.53 18.13 1.53
CA GLN G 156 12.03 19.47 1.79
C GLN G 156 11.50 20.01 3.13
N GLU G 157 12.44 20.32 4.02
CA GLU G 157 12.16 20.77 5.37
C GLU G 157 12.39 22.28 5.43
N SER G 158 11.55 22.98 6.15
CA SER G 158 11.75 24.42 6.29
C SER G 158 12.85 24.65 7.31
N TYR G 159 12.98 23.73 8.27
CA TYR G 159 14.08 23.73 9.24
C TYR G 159 14.75 22.37 9.27
N ARG G 160 16.09 22.35 9.35
CA ARG G 160 16.85 21.09 9.35
C ARG G 160 17.58 20.92 10.65
N THR G 161 17.56 19.70 11.16
CA THR G 161 18.27 19.38 12.38
C THR G 161 19.60 18.69 12.07
N THR G 162 20.70 19.18 12.64
CA THR G 162 22.00 18.47 12.58
C THR G 162 22.74 18.61 13.88
N LEU G 163 23.61 17.63 14.13
CA LEU G 163 24.42 17.60 15.32
C LEU G 163 25.38 18.75 15.41
N SER G 164 25.56 19.23 16.62
CA SER G 164 26.55 20.23 16.88
C SER G 164 27.96 19.60 16.70
N ARG G 165 28.88 20.37 16.14
CA ARG G 165 30.25 19.93 15.98
C ARG G 165 31.05 19.79 17.32
N ASN G 166 30.46 20.24 18.43
CA ASN G 166 30.98 20.03 19.77
C ASN G 166 30.53 18.73 20.39
N THR G 167 29.84 17.91 19.63
CA THR G 167 29.41 16.63 20.14
C THR G 167 30.63 15.74 20.49
N ASN G 168 30.64 15.16 21.68
CA ASN G 168 31.69 14.28 22.10
C ASN G 168 31.19 13.35 23.16
N TYR G 169 32.11 12.66 23.81
CA TYR G 169 31.70 11.59 24.70
C TYR G 169 31.00 12.10 25.95
N LYS G 170 31.06 13.40 26.20
CA LYS G 170 30.37 13.97 27.38
C LYS G 170 29.37 15.11 27.04
N ASN G 171 29.09 15.30 25.77
CA ASN G 171 28.22 16.35 25.39
C ASN G 171 27.51 16.02 24.08
N VAL G 172 26.19 16.19 24.03
CA VAL G 172 25.54 16.14 22.72
C VAL G 172 24.72 17.40 22.48
N GLY G 173 24.75 17.86 21.25
CA GLY G 173 24.08 19.08 20.93
C GLY G 173 23.51 19.02 19.53
N TRP G 174 22.47 19.81 19.31
CA TRP G 174 21.80 19.86 18.02
C TRP G 174 21.53 21.29 17.69
N GLY G 175 21.45 21.54 16.39
CA GLY G 175 21.06 22.82 15.84
C GLY G 175 19.92 22.58 14.85
N VAL G 176 18.84 23.35 15.04
CA VAL G 176 17.63 23.28 14.24
C VAL G 176 17.57 24.60 13.50
N GLU G 177 17.97 24.56 12.25
CA GLU G 177 18.33 25.76 11.54
C GLU G 177 17.42 25.96 10.37
N ALA G 178 17.04 27.22 10.15
CA ALA G 178 16.22 27.60 9.01
C ALA G 178 16.90 27.03 7.74
N HIS G 179 16.12 26.41 6.88
CA HIS G 179 16.65 25.62 5.79
C HIS G 179 16.11 26.02 4.42
N LYS G 180 14.97 25.48 4.01
CA LYS G 180 14.38 25.80 2.71
C LYS G 180 13.02 26.44 2.92
N ILE G 181 12.95 27.76 2.81
CA ILE G 181 11.72 28.48 3.07
C ILE G 181 11.16 29.06 1.77
N MET G 182 9.88 28.78 1.51
CA MET G 182 9.19 29.33 0.35
C MET G 182 8.54 30.66 0.68
N ASN G 183 8.72 31.63 -0.21
CA ASN G 183 8.17 32.97 0.00
C ASN G 183 6.67 32.87 -0.17
N ASN G 184 6.23 32.84 -1.44
CA ASN G 184 4.90 32.36 -1.77
C ASN G 184 5.11 31.00 -2.40
N GLY G 185 5.23 30.98 -3.72
CA GLY G 185 5.58 29.77 -4.45
C GLY G 185 6.98 29.91 -5.03
N TRP G 186 7.67 30.98 -4.64
CA TRP G 186 9.05 31.20 -5.05
C TRP G 186 10.05 30.77 -3.98
N GLY G 187 11.29 30.55 -4.43
CA GLY G 187 12.34 30.04 -3.57
C GLY G 187 12.68 28.61 -3.96
N PRO G 188 13.28 27.85 -3.03
CA PRO G 188 13.42 28.22 -1.63
C PRO G 188 14.52 29.24 -1.32
N TYR G 189 14.34 29.93 -0.20
CA TYR G 189 15.30 30.87 0.34
C TYR G 189 15.72 30.42 1.72
N GLY G 190 16.75 31.10 2.23
CA GLY G 190 17.30 30.80 3.53
C GLY G 190 17.98 31.98 4.16
N ARG G 191 18.81 31.69 5.15
CA ARG G 191 19.52 32.73 5.89
C ARG G 191 20.58 33.46 5.06
N ASP G 192 21.10 32.82 4.02
CA ASP G 192 22.17 33.40 3.19
C ASP G 192 21.80 33.45 1.72
N SER G 193 20.51 33.51 1.39
CA SER G 193 20.10 33.60 0.00
C SER G 193 20.64 34.90 -0.57
N PHE G 194 21.14 34.84 -1.78
CA PHE G 194 21.78 35.99 -2.40
C PHE G 194 21.42 36.13 -3.88
N HIS G 195 20.70 37.20 -4.20
CA HIS G 195 20.47 37.63 -5.57
C HIS G 195 21.28 38.92 -5.77
N PRO G 196 22.07 39.00 -6.87
CA PRO G 196 23.03 40.10 -7.07
C PRO G 196 22.41 41.51 -6.95
N THR G 197 21.14 41.63 -7.31
CA THR G 197 20.42 42.90 -7.28
C THR G 197 19.57 43.07 -6.02
N TYR G 198 18.66 42.12 -5.78
CA TYR G 198 17.68 42.26 -4.72
C TYR G 198 18.16 41.74 -3.36
N GLY G 199 19.31 41.08 -3.36
CA GLY G 199 19.92 40.60 -2.13
C GLY G 199 19.23 39.33 -1.68
N ASN G 200 18.77 39.33 -0.44
CA ASN G 200 18.08 38.20 0.14
C ASN G 200 16.58 38.49 0.21
N GLU G 201 15.81 37.85 -0.68
CA GLU G 201 14.38 38.13 -0.81
C GLU G 201 13.54 37.21 0.07
N LEU G 202 14.10 36.83 1.21
CA LEU G 202 13.52 35.81 2.07
C LEU G 202 12.09 36.14 2.50
N PHE G 203 11.90 37.30 3.10
CA PHE G 203 10.58 37.72 3.52
C PHE G 203 10.08 38.98 2.79
N LEU G 204 10.65 39.25 1.62
CA LEU G 204 10.29 40.43 0.85
C LEU G 204 9.04 40.17 0.01
N ALA G 205 8.07 41.08 0.08
CA ALA G 205 6.74 40.86 -0.54
C ALA G 205 6.72 41.10 -2.06
N GLY G 206 7.37 42.17 -2.50
CA GLY G 206 7.53 42.45 -3.91
C GLY G 206 8.79 43.28 -4.13
N ARG G 207 9.30 43.22 -5.35
CA ARG G 207 10.46 44.01 -5.73
C ARG G 207 10.09 45.46 -6.07
N GLN G 208 9.02 45.63 -6.84
CA GLN G 208 8.61 46.93 -7.36
C GLN G 208 7.37 47.42 -6.61
N SER G 209 7.33 47.21 -5.31
CA SER G 209 6.12 47.48 -4.55
C SER G 209 5.98 48.94 -4.19
N SER G 210 4.78 49.45 -4.41
CA SER G 210 4.42 50.80 -3.97
C SER G 210 3.73 50.66 -2.63
N ALA G 211 4.51 50.75 -1.55
CA ALA G 211 3.97 50.63 -0.21
C ALA G 211 5.06 50.99 0.78
N TYR G 212 4.67 51.24 2.03
CA TYR G 212 5.66 51.50 3.08
C TYR G 212 6.52 50.25 3.32
N ALA G 213 7.81 50.47 3.56
CA ALA G 213 8.67 49.43 4.10
C ALA G 213 8.05 49.10 5.45
N GLY G 214 7.91 47.83 5.79
CA GLY G 214 7.25 47.50 7.04
C GLY G 214 5.81 47.16 6.76
N GLN G 215 5.44 47.36 5.51
CA GLN G 215 4.21 46.81 4.96
C GLN G 215 4.59 46.14 3.67
N ASN G 216 5.90 45.95 3.46
CA ASN G 216 6.38 45.23 2.28
C ASN G 216 7.11 43.92 2.59
N PHE G 217 6.96 43.42 3.82
CA PHE G 217 7.33 42.05 4.14
C PHE G 217 6.14 41.16 3.82
N ILE G 218 6.37 39.86 3.71
CA ILE G 218 5.26 38.94 3.48
C ILE G 218 4.40 38.85 4.74
N ALA G 219 3.17 38.41 4.55
CA ALA G 219 2.24 38.28 5.67
C ALA G 219 2.84 37.36 6.72
N GLN G 220 2.55 37.62 7.97
CA GLN G 220 3.09 36.82 9.07
C GLN G 220 2.73 35.36 8.90
N HIS G 221 1.50 35.09 8.48
CA HIS G 221 1.05 33.69 8.36
C HIS G 221 1.74 32.93 7.22
N GLN G 222 2.44 33.66 6.34
CA GLN G 222 3.18 33.06 5.21
C GLN G 222 4.61 32.70 5.63
N MET G 223 4.97 33.03 6.86
CA MET G 223 6.27 32.67 7.38
C MET G 223 6.23 31.29 8.01
N PRO G 224 7.36 30.58 8.02
CA PRO G 224 7.37 29.28 8.71
C PRO G 224 7.03 29.41 10.19
N LEU G 225 6.38 28.39 10.71
CA LEU G 225 5.98 28.33 12.11
C LEU G 225 7.12 28.64 13.09
N LEU G 226 8.30 28.02 12.87
CA LEU G 226 9.42 28.20 13.79
C LEU G 226 10.03 29.59 13.67
N SER G 227 9.75 30.28 12.59
CA SER G 227 10.39 31.59 12.45
C SER G 227 9.68 32.66 13.27
N ARG G 228 8.41 32.42 13.64
CA ARG G 228 7.54 33.43 14.25
C ARG G 228 6.84 32.95 15.53
N SER G 229 6.98 31.68 15.88
CA SER G 229 6.19 31.12 16.97
C SER G 229 7.09 30.47 18.00
N ASN G 230 6.83 29.21 18.29
CA ASN G 230 7.59 28.48 19.26
C ASN G 230 8.13 27.16 18.72
N PHE G 231 9.35 26.84 19.12
CA PHE G 231 9.96 25.57 18.76
C PHE G 231 9.75 24.63 19.93
N ASN G 232 9.16 23.44 19.69
CA ASN G 232 9.00 22.45 20.76
C ASN G 232 9.99 21.28 20.60
N PRO G 233 11.19 21.40 21.16
CA PRO G 233 12.23 20.39 20.92
C PRO G 233 11.83 19.00 21.36
N GLU G 234 12.36 17.99 20.68
CA GLU G 234 12.26 16.59 21.16
C GLU G 234 13.60 15.91 20.85
N PHE G 235 14.41 15.69 21.88
CA PHE G 235 15.75 15.15 21.68
C PHE G 235 15.91 14.06 22.70
N LEU G 236 16.61 13.01 22.30
CA LEU G 236 16.89 11.87 23.16
C LEU G 236 18.41 11.72 23.35
N SER G 237 18.81 11.43 24.58
CA SER G 237 20.18 11.08 24.89
C SER G 237 20.19 9.90 25.84
N VAL G 238 21.15 9.02 25.63
CA VAL G 238 21.38 7.93 26.55
C VAL G 238 22.75 8.17 27.26
N LEU G 239 22.75 8.06 28.57
CA LEU G 239 23.95 8.30 29.33
C LEU G 239 24.28 7.08 30.13
N SER G 240 25.59 6.76 30.24
CA SER G 240 26.06 5.69 31.12
C SER G 240 26.73 6.31 32.34
N HIS G 241 26.59 5.66 33.49
CA HIS G 241 27.20 6.10 34.73
C HIS G 241 27.84 4.89 35.41
N ARG G 242 29.11 5.02 35.78
CA ARG G 242 29.85 3.93 36.44
C ARG G 242 29.33 3.63 37.83
N GLN G 243 29.22 2.36 38.20
CA GLN G 243 28.62 2.00 39.47
C GLN G 243 29.56 2.16 40.66
N ASP G 244 30.85 2.29 40.37
CA ASP G 244 31.84 2.52 41.41
C ASP G 244 32.14 4.01 41.44
N GLY G 245 31.22 4.80 40.87
CA GLY G 245 31.37 6.24 40.81
C GLY G 245 30.72 6.93 42.00
N ALA G 246 30.58 8.24 41.87
CA ALA G 246 29.81 9.01 42.82
C ALA G 246 28.32 8.68 42.63
N LYS G 247 27.56 8.75 43.71
CA LYS G 247 26.12 8.48 43.68
C LYS G 247 25.37 9.63 42.99
N LYS G 248 25.91 10.84 43.07
CA LYS G 248 25.29 12.02 42.49
C LYS G 248 26.16 12.62 41.40
N SER G 249 25.55 13.19 40.36
CA SER G 249 26.37 13.82 39.32
C SER G 249 25.58 14.95 38.80
N LYS G 250 26.17 15.74 37.90
CA LYS G 250 25.51 16.92 37.38
C LYS G 250 25.38 16.91 35.88
N ILE G 251 24.19 17.25 35.40
CA ILE G 251 23.96 17.47 33.97
C ILE G 251 23.52 18.92 33.67
N THR G 252 23.97 19.44 32.54
CA THR G 252 23.73 20.79 32.16
C THR G 252 23.00 20.77 30.85
N VAL G 253 21.83 21.41 30.79
CA VAL G 253 21.02 21.43 29.57
C VAL G 253 20.84 22.87 29.17
N THR G 254 21.15 23.16 27.91
CA THR G 254 21.13 24.52 27.44
C THR G 254 20.17 24.61 26.29
N TYR G 255 19.22 25.53 26.34
CA TYR G 255 18.34 25.78 25.20
C TYR G 255 18.61 27.20 24.77
N GLN G 256 18.62 27.44 23.45
CA GLN G 256 19.07 28.72 22.95
C GLN G 256 18.44 29.07 21.64
N ARG G 257 18.25 30.36 21.39
CA ARG G 257 17.78 30.80 20.06
C ARG G 257 18.74 31.82 19.49
N GLU G 258 18.90 31.72 18.17
CA GLU G 258 19.58 32.72 17.37
C GLU G 258 18.53 33.46 16.59
N MET G 259 18.44 34.76 16.84
CA MET G 259 17.52 35.62 16.12
C MET G 259 18.26 36.34 15.01
N ASP G 260 17.74 36.21 13.81
CA ASP G 260 18.27 36.95 12.68
C ASP G 260 17.54 38.28 12.51
N LEU G 261 18.30 39.25 12.00
CA LEU G 261 17.78 40.55 11.68
C LEU G 261 17.60 40.62 10.18
N TYR G 262 16.36 40.76 9.72
CA TYR G 262 16.10 40.84 8.29
C TYR G 262 15.58 42.22 8.04
N GLN G 263 16.13 42.89 7.03
CA GLN G 263 15.71 44.24 6.70
C GLN G 263 15.60 44.45 5.21
N ILE G 264 14.72 45.38 4.85
CA ILE G 264 14.54 45.74 3.45
C ILE G 264 14.67 47.24 3.27
N ARG G 265 15.05 47.62 2.05
CA ARG G 265 15.28 49.01 1.73
C ARG G 265 14.82 49.32 0.30
N TRP G 266 14.33 50.54 0.14
CA TRP G 266 13.99 51.10 -1.16
C TRP G 266 15.09 52.09 -1.53
N ASN G 267 15.61 51.97 -2.76
CA ASN G 267 16.73 52.79 -3.21
C ASN G 267 16.31 53.90 -4.20
N GLY G 268 15.05 53.87 -4.63
CA GLY G 268 14.57 54.78 -5.66
C GLY G 268 14.18 54.08 -6.94
N PHE G 269 14.58 52.82 -7.07
CA PHE G 269 14.26 52.02 -8.26
C PHE G 269 13.61 50.70 -7.91
N TYR G 270 14.07 50.08 -6.82
CA TYR G 270 13.53 48.80 -6.38
C TYR G 270 13.76 48.53 -4.90
N TRP G 271 13.07 47.52 -4.40
CA TRP G 271 13.29 47.02 -3.04
C TRP G 271 14.38 45.96 -3.03
N ALA G 272 15.11 45.90 -1.93
CA ALA G 272 16.09 44.84 -1.75
C ALA G 272 16.20 44.50 -0.28
N GLY G 273 16.58 43.26 0.01
CA GLY G 273 16.62 42.80 1.38
C GLY G 273 17.96 42.23 1.78
N ALA G 274 18.24 42.29 3.07
CA ALA G 274 19.45 41.71 3.62
C ALA G 274 19.11 41.00 4.93
N ASN G 275 19.71 39.82 5.15
CA ASN G 275 19.58 39.07 6.41
C ASN G 275 20.90 38.96 7.15
N TYR G 276 20.90 39.33 8.42
CA TYR G 276 22.09 39.24 9.27
C TYR G 276 21.83 38.19 10.35
N LYS G 277 22.70 37.18 10.37
CA LYS G 277 22.53 35.99 11.17
C LYS G 277 22.90 36.20 12.62
N ASN G 278 22.02 35.76 13.50
CA ASN G 278 22.35 35.75 14.91
C ASN G 278 22.74 37.14 15.39
N PHE G 279 21.89 38.11 15.08
CA PHE G 279 22.05 39.47 15.53
C PHE G 279 21.68 39.62 16.99
N LYS G 280 20.86 38.69 17.47
CA LYS G 280 20.58 38.57 18.90
C LYS G 280 20.53 37.10 19.31
N THR G 281 21.01 36.82 20.52
CA THR G 281 21.06 35.47 21.00
C THR G 281 20.46 35.46 22.37
N ARG G 282 19.62 34.45 22.63
CA ARG G 282 19.05 34.28 23.98
C ARG G 282 19.25 32.88 24.43
N THR G 283 19.72 32.73 25.67
CA THR G 283 20.24 31.43 26.14
C THR G 283 19.85 31.13 27.55
N PHE G 284 19.36 29.91 27.71
CA PHE G 284 18.90 29.45 28.99
C PHE G 284 19.58 28.14 29.32
N LYS G 285 20.24 28.11 30.45
CA LYS G 285 21.02 26.95 30.83
C LYS G 285 20.56 26.54 32.17
N SER G 286 20.40 25.24 32.35
CA SER G 286 20.00 24.74 33.65
C SER G 286 20.90 23.61 33.99
N THR G 287 21.18 23.46 35.28
CA THR G 287 21.94 22.31 35.70
C THR G 287 21.18 21.49 36.72
N TYR G 288 21.17 20.17 36.55
CA TYR G 288 20.42 19.27 37.37
C TYR G 288 21.38 18.34 38.06
N GLU G 289 20.98 17.88 39.23
CA GLU G 289 21.72 16.90 39.97
C GLU G 289 20.99 15.60 39.85
N ILE G 290 21.68 14.59 39.35
CA ILE G 290 21.13 13.27 39.17
C ILE G 290 21.58 12.47 40.35
N ASP G 291 20.62 11.90 41.08
CA ASP G 291 20.91 10.95 42.14
C ASP G 291 20.72 9.56 41.57
N TRP G 292 21.86 8.93 41.21
CA TRP G 292 21.88 7.67 40.50
C TRP G 292 21.43 6.56 41.42
N GLU G 293 21.69 6.72 42.71
CA GLU G 293 21.31 5.69 43.65
C GLU G 293 19.77 5.59 43.84
N ASN G 294 19.10 6.72 44.07
CA ASN G 294 17.66 6.76 44.35
C ASN G 294 16.80 7.28 43.17
N HIS G 295 17.42 7.49 42.02
CA HIS G 295 16.65 7.79 40.80
C HIS G 295 15.85 9.07 40.93
N LYS G 296 16.44 10.05 41.59
CA LYS G 296 15.83 11.36 41.72
C LYS G 296 16.66 12.38 40.97
N VAL G 297 16.01 13.46 40.56
CA VAL G 297 16.67 14.57 39.89
C VAL G 297 16.23 15.88 40.55
N LYS G 298 17.13 16.83 40.60
CA LYS G 298 16.88 18.04 41.34
C LYS G 298 17.52 19.15 40.57
N LEU G 299 16.75 20.20 40.31
CA LEU G 299 17.26 21.38 39.64
C LEU G 299 18.15 22.12 40.65
N LEU G 300 19.37 22.50 40.26
CA LEU G 300 20.30 23.17 41.16
C LEU G 300 20.46 24.65 40.87
N ASP G 301 20.34 25.03 39.61
CA ASP G 301 20.65 26.38 39.18
C ASP G 301 20.21 26.62 37.76
N THR G 302 19.91 27.88 37.44
CA THR G 302 19.61 28.26 36.07
C THR G 302 20.36 29.52 35.73
N LYS G 303 20.56 29.81 34.45
CA LYS G 303 21.19 31.05 34.07
C LYS G 303 20.68 31.50 32.72
N GLU G 304 20.45 32.80 32.62
CA GLU G 304 19.98 33.43 31.38
C GLU G 304 21.14 34.29 30.90
N THR G 305 21.42 34.23 29.61
CA THR G 305 22.51 35.01 29.02
C THR G 305 21.98 35.46 27.68
N GLU G 306 22.47 36.60 27.22
CA GLU G 306 22.11 37.11 25.90
C GLU G 306 23.27 37.76 25.20
N ASN G 307 23.16 37.90 23.89
CA ASN G 307 24.11 38.69 23.13
C ASN G 307 23.37 39.51 22.07
N ASN G 308 23.86 40.73 21.88
CA ASN G 308 23.26 41.67 20.95
C ASN G 308 24.38 42.24 20.12
N LYS G 309 24.26 42.13 18.80
CA LYS G 309 25.21 42.75 17.89
C LYS G 309 24.67 44.08 17.33
N ASP H 22 3.62 -1.23 37.91
CA ASP H 22 2.24 -1.30 37.44
C ASP H 22 1.50 0.05 37.61
N ILE H 23 0.39 0.18 36.88
CA ILE H 23 -0.30 1.45 36.70
C ILE H 23 -1.76 1.40 37.15
N GLU H 24 -2.09 2.20 38.17
CA GLU H 24 -3.48 2.36 38.57
C GLU H 24 -3.99 3.74 38.09
N ILE H 25 -5.13 3.75 37.41
CA ILE H 25 -5.76 4.99 36.97
C ILE H 25 -7.02 5.28 37.81
N ILE H 26 -7.16 6.51 38.26
CA ILE H 26 -8.41 6.94 38.87
C ILE H 26 -9.00 7.99 37.95
N LYS H 27 -10.23 7.74 37.51
CA LYS H 27 -10.84 8.61 36.51
C LYS H 27 -11.93 9.55 37.11
N ARG H 28 -11.92 10.82 36.69
CA ARG H 28 -12.96 11.79 37.06
C ARG H 28 -13.37 12.63 35.85
N THR H 29 -14.60 13.14 35.87
CA THR H 29 -15.05 14.00 34.78
C THR H 29 -15.83 15.20 35.28
N GLU H 30 -15.70 16.29 34.52
CA GLU H 30 -16.58 17.44 34.68
C GLU H 30 -17.05 17.96 33.34
N ASP H 31 -18.32 18.37 33.27
CA ASP H 31 -18.87 18.98 32.05
C ASP H 31 -19.56 20.27 32.39
N LYS H 32 -19.00 21.38 31.94
CA LYS H 32 -19.52 22.70 32.26
C LYS H 32 -19.88 23.43 30.99
N THR H 33 -21.08 23.99 30.93
CA THR H 33 -21.53 24.77 29.79
C THR H 33 -21.73 26.24 30.17
N SER H 34 -21.49 27.14 29.22
CA SER H 34 -21.82 28.56 29.44
C SER H 34 -22.65 29.01 28.29
N ASN H 35 -23.83 29.53 28.60
CA ASN H 35 -24.74 30.04 27.61
C ASN H 35 -24.23 31.37 27.07
N LYS H 36 -23.68 32.21 27.94
CA LYS H 36 -23.09 33.45 27.47
C LYS H 36 -22.05 33.19 26.36
N TRP H 37 -21.11 32.28 26.64
CA TRP H 37 -19.98 32.11 25.75
C TRP H 37 -20.24 31.09 24.65
N GLY H 38 -21.26 30.25 24.77
CA GLY H 38 -21.52 29.22 23.78
C GLY H 38 -20.39 28.21 23.74
N VAL H 39 -20.11 27.60 24.90
CA VAL H 39 -18.96 26.72 25.05
C VAL H 39 -19.36 25.69 26.02
N THR H 40 -19.05 24.42 25.71
CA THR H 40 -19.13 23.34 26.69
C THR H 40 -17.72 22.77 26.82
N GLN H 41 -17.31 22.58 28.07
CA GLN H 41 -16.04 21.98 28.41
C GLN H 41 -16.31 20.60 28.97
N ASN H 42 -15.78 19.58 28.27
CA ASN H 42 -15.89 18.19 28.69
C ASN H 42 -14.48 17.79 29.11
N ILE H 43 -14.27 17.66 30.42
CA ILE H 43 -12.93 17.52 30.93
C ILE H 43 -12.84 16.17 31.55
N GLN H 44 -11.78 15.43 31.22
CA GLN H 44 -11.49 14.18 31.93
C GLN H 44 -10.14 14.26 32.64
N PHE H 45 -10.14 13.81 33.89
CA PHE H 45 -9.01 13.88 34.81
C PHE H 45 -8.64 12.48 35.15
N ASP H 46 -7.49 12.06 34.67
CA ASP H 46 -6.93 10.75 34.97
C ASP H 46 -5.74 10.83 35.90
N PHE H 47 -5.96 10.47 37.15
CA PHE H 47 -4.86 10.42 38.11
C PHE H 47 -4.13 9.12 37.83
N VAL H 48 -2.82 9.26 37.57
CA VAL H 48 -1.98 8.13 37.22
C VAL H 48 -1.13 7.72 38.42
N LYS H 49 -1.31 6.49 38.87
CA LYS H 49 -0.49 5.96 39.96
C LYS H 49 0.45 4.92 39.35
N ASP H 50 1.62 5.39 38.90
CA ASP H 50 2.64 4.55 38.26
C ASP H 50 3.66 4.28 39.34
N LYS H 51 3.83 3.03 39.75
CA LYS H 51 4.79 2.69 40.80
C LYS H 51 6.27 2.91 40.40
N LYS H 52 6.51 3.09 39.10
CA LYS H 52 7.86 3.34 38.64
C LYS H 52 8.17 4.84 38.62
N TYR H 53 7.14 5.67 38.78
CA TYR H 53 7.31 7.13 38.78
C TYR H 53 7.20 7.74 40.19
N ASN H 54 8.07 8.68 40.53
CA ASN H 54 8.16 9.15 41.92
C ASN H 54 7.46 10.50 42.19
N LYS H 55 6.65 10.98 41.26
CA LYS H 55 5.77 12.11 41.56
C LYS H 55 4.30 11.69 41.43
N ASP H 56 3.39 12.55 41.85
CA ASP H 56 1.99 12.37 41.47
C ASP H 56 1.90 12.78 40.01
N ALA H 57 0.98 12.19 39.29
CA ALA H 57 0.75 12.52 37.91
C ALA H 57 -0.74 12.62 37.60
N LEU H 58 -1.07 13.59 36.76
CA LEU H 58 -2.45 13.80 36.37
C LEU H 58 -2.49 14.09 34.88
N ILE H 59 -3.36 13.39 34.13
CA ILE H 59 -3.59 13.69 32.71
C ILE H 59 -4.95 14.35 32.54
N LEU H 60 -4.93 15.47 31.84
CA LEU H 60 -6.11 16.24 31.57
C LEU H 60 -6.45 16.12 30.11
N LYS H 61 -7.59 15.48 29.86
CA LYS H 61 -8.14 15.36 28.54
C LYS H 61 -9.15 16.47 28.34
N MET H 62 -8.82 17.38 27.42
CA MET H 62 -9.66 18.55 27.21
C MET H 62 -10.47 18.46 25.92
N GLN H 63 -11.78 18.21 26.07
CA GLN H 63 -12.71 18.08 24.94
C GLN H 63 -13.91 18.95 25.18
N GLY H 64 -14.90 18.84 24.32
CA GLY H 64 -16.14 19.59 24.48
C GLY H 64 -16.47 20.23 23.17
N PHE H 65 -17.06 21.41 23.23
CA PHE H 65 -17.59 22.02 22.03
C PHE H 65 -17.55 23.55 22.17
N ILE H 66 -16.93 24.22 21.21
CA ILE H 66 -16.99 25.65 21.14
C ILE H 66 -17.81 26.04 19.92
N SER H 67 -18.95 26.66 20.15
CA SER H 67 -19.79 26.95 19.01
C SER H 67 -19.18 28.12 18.25
N SER H 68 -19.40 28.16 16.95
CA SER H 68 -18.76 29.15 16.13
C SER H 68 -19.30 30.56 16.40
N ARG H 69 -20.58 30.65 16.83
CA ARG H 69 -21.29 31.92 17.05
C ARG H 69 -21.21 32.76 15.80
N THR H 70 -21.13 32.12 14.66
CA THR H 70 -21.16 32.86 13.42
C THR H 70 -22.48 33.59 13.28
N THR H 71 -22.47 34.89 12.97
CA THR H 71 -23.72 35.66 12.88
C THR H 71 -23.70 36.69 11.76
N TYR H 72 -24.88 36.94 11.16
CA TYR H 72 -25.04 37.84 10.00
C TYR H 72 -25.91 39.04 10.36
N TYR H 73 -25.56 40.22 9.85
CA TYR H 73 -26.36 41.41 10.13
C TYR H 73 -26.16 42.52 9.11
N ASN H 74 -27.16 43.41 9.02
CA ASN H 74 -27.05 44.64 8.23
C ASN H 74 -26.15 45.65 8.91
N TYR H 75 -25.18 46.17 8.16
CA TYR H 75 -24.19 47.09 8.72
C TYR H 75 -24.81 48.47 8.94
N LYS H 76 -24.81 48.91 10.20
CA LYS H 76 -25.40 50.16 10.61
C LYS H 76 -26.78 50.38 9.97
N LYS H 77 -26.93 51.43 9.16
CA LYS H 77 -28.21 51.77 8.59
C LYS H 77 -28.14 51.80 7.07
N THR H 78 -27.09 51.22 6.52
CA THR H 78 -26.94 51.16 5.08
C THR H 78 -27.91 50.11 4.48
N ASN H 79 -27.95 50.04 3.16
CA ASN H 79 -28.83 49.14 2.45
C ASN H 79 -28.01 48.20 1.55
N HIS H 80 -26.74 48.55 1.37
CA HIS H 80 -25.89 47.91 0.37
C HIS H 80 -24.62 47.29 1.00
N VAL H 81 -24.58 47.24 2.34
CA VAL H 81 -23.43 46.72 3.06
C VAL H 81 -23.92 45.82 4.18
N LYS H 82 -23.53 44.55 4.14
CA LYS H 82 -23.93 43.61 5.20
C LYS H 82 -22.71 42.89 5.79
N ALA H 83 -22.89 42.24 6.92
CA ALA H 83 -21.76 41.79 7.69
C ALA H 83 -21.93 40.35 8.16
N MET H 84 -20.81 39.64 8.16
CA MET H 84 -20.70 38.29 8.69
C MET H 84 -19.59 38.23 9.72
N ARG H 85 -19.96 37.92 10.97
CA ARG H 85 -19.00 37.78 12.05
C ARG H 85 -18.74 36.30 12.29
N TRP H 86 -17.46 35.93 12.27
CA TRP H 86 -17.07 34.51 12.26
C TRP H 86 -15.73 34.21 12.95
N PRO H 87 -15.56 32.97 13.46
CA PRO H 87 -14.42 32.56 14.27
C PRO H 87 -13.18 32.29 13.46
N PHE H 88 -12.25 33.23 13.58
CA PHE H 88 -11.00 33.15 12.85
C PHE H 88 -10.08 32.19 13.60
N GLN H 89 -10.24 32.12 14.92
CA GLN H 89 -9.34 31.34 15.73
C GLN H 89 -10.05 30.78 16.94
N TYR H 90 -9.76 29.55 17.32
CA TYR H 90 -10.25 29.04 18.57
C TYR H 90 -9.13 29.04 19.55
N ASN H 91 -9.44 29.33 20.82
CA ASN H 91 -8.44 29.41 21.86
C ASN H 91 -8.59 28.29 22.86
N ILE H 92 -7.49 27.65 23.19
CA ILE H 92 -7.58 26.60 24.20
C ILE H 92 -6.37 26.74 25.09
N GLY H 93 -6.57 26.91 26.39
CA GLY H 93 -5.44 27.18 27.24
C GLY H 93 -5.59 26.52 28.58
N LEU H 94 -4.47 26.18 29.19
CA LEU H 94 -4.48 25.53 30.49
C LEU H 94 -3.42 26.16 31.36
N LYS H 95 -3.79 26.49 32.58
CA LYS H 95 -2.78 26.99 33.49
C LYS H 95 -3.06 26.60 34.88
N THR H 96 -1.99 26.46 35.66
CA THR H 96 -2.09 26.17 37.09
C THR H 96 -1.40 27.29 37.89
N ASN H 97 -1.83 27.49 39.15
CA ASN H 97 -1.09 28.38 40.04
C ASN H 97 -0.34 27.65 41.17
N ASP H 98 -0.39 26.31 41.17
CA ASP H 98 0.27 25.57 42.23
C ASP H 98 1.76 25.37 41.90
N LYS H 99 2.62 25.88 42.77
CA LYS H 99 4.05 25.86 42.51
C LYS H 99 4.59 24.41 42.56
N TYR H 100 3.83 23.50 43.15
CA TYR H 100 4.25 22.12 43.23
C TYR H 100 3.81 21.32 42.00
N VAL H 101 3.22 21.98 41.01
CA VAL H 101 2.78 21.31 39.82
C VAL H 101 3.58 21.72 38.61
N SER H 102 3.90 20.76 37.76
CA SER H 102 4.65 21.06 36.54
C SER H 102 3.99 20.39 35.34
N LEU H 103 3.90 21.15 34.26
CA LEU H 103 3.60 20.59 32.97
C LEU H 103 4.80 19.80 32.45
N ILE H 104 4.56 18.52 32.16
CA ILE H 104 5.56 17.59 31.67
C ILE H 104 5.23 17.02 30.27
N ASN H 105 3.97 17.08 29.85
CA ASN H 105 3.68 16.72 28.44
C ASN H 105 2.40 17.37 27.94
N TYR H 106 2.26 17.51 26.64
CA TYR H 106 1.05 18.07 26.07
C TYR H 106 0.98 17.70 24.60
N LEU H 107 -0.23 17.57 24.08
CA LEU H 107 -0.43 17.42 22.64
C LEU H 107 -1.62 18.19 22.19
N PRO H 108 -1.56 18.76 20.97
CA PRO H 108 -0.44 18.70 20.00
C PRO H 108 0.71 19.69 20.26
N LYS H 109 1.81 19.49 19.53
CA LYS H 109 3.02 20.28 19.64
C LYS H 109 3.26 20.88 18.28
N ASN H 110 4.07 21.93 18.22
CA ASN H 110 4.43 22.52 16.94
C ASN H 110 5.40 21.62 16.18
N LYS H 111 5.15 21.52 14.89
CA LYS H 111 5.93 20.66 14.01
C LYS H 111 6.61 21.49 12.94
N ILE H 112 7.71 20.98 12.41
CA ILE H 112 8.38 21.63 11.28
C ILE H 112 7.58 21.32 10.01
N GLU H 113 7.43 22.31 9.14
CA GLU H 113 6.74 22.10 7.86
C GLU H 113 7.61 21.30 6.89
N SER H 114 7.06 20.18 6.45
CA SER H 114 7.72 19.27 5.54
C SER H 114 6.84 19.09 4.28
N THR H 115 7.46 19.20 3.11
CA THR H 115 6.75 19.16 1.84
C THR H 115 7.48 18.25 0.86
N ASN H 116 6.75 17.76 -0.13
CA ASN H 116 7.31 16.88 -1.16
C ASN H 116 7.61 17.62 -2.44
N VAL H 117 8.84 17.49 -2.94
CA VAL H 117 9.27 18.22 -4.12
C VAL H 117 9.64 17.28 -5.27
N SER H 118 9.26 17.67 -6.47
CA SER H 118 9.61 16.95 -7.70
C SER H 118 10.14 17.97 -8.70
N GLN H 119 11.37 17.77 -9.18
CA GLN H 119 11.98 18.70 -10.11
C GLN H 119 12.41 17.96 -11.38
N THR H 120 12.17 18.56 -12.54
CA THR H 120 12.46 17.93 -13.83
C THR H 120 13.18 18.88 -14.75
N LEU H 121 14.18 18.35 -15.46
CA LEU H 121 14.94 19.07 -16.49
C LEU H 121 14.95 18.28 -17.78
N GLY H 122 14.65 18.93 -18.89
CA GLY H 122 14.55 18.21 -20.14
C GLY H 122 15.23 18.93 -21.28
N TYR H 123 15.72 18.15 -22.24
CA TYR H 123 16.29 18.64 -23.50
C TYR H 123 15.54 18.03 -24.68
N ASN H 124 15.15 18.86 -25.65
CA ASN H 124 14.59 18.39 -26.92
C ASN H 124 15.40 18.85 -28.12
N ILE H 125 16.17 17.96 -28.72
CA ILE H 125 16.95 18.27 -29.91
C ILE H 125 16.09 18.13 -31.17
N SER H 140 15.72 22.25 -27.79
CA SER H 140 15.02 23.01 -26.75
C SER H 140 15.30 22.51 -25.31
N PHE H 141 14.70 23.20 -24.34
CA PHE H 141 14.97 22.97 -22.92
C PHE H 141 13.70 23.19 -22.07
N ASN H 142 13.48 22.33 -21.08
CA ASN H 142 12.33 22.50 -20.17
C ASN H 142 12.68 22.26 -18.70
N TYR H 143 11.98 22.97 -17.83
CA TYR H 143 12.23 22.87 -16.41
C TYR H 143 10.91 22.90 -15.69
N SER H 144 10.77 22.02 -14.71
CA SER H 144 9.55 21.96 -13.94
C SER H 144 9.85 21.68 -12.49
N LYS H 145 9.16 22.38 -11.61
CA LYS H 145 9.25 22.07 -10.19
C LYS H 145 7.86 22.04 -9.62
N SER H 146 7.51 20.94 -8.96
CA SER H 146 6.22 20.85 -8.28
C SER H 146 6.40 20.50 -6.79
N ILE H 147 5.60 21.15 -5.97
CA ILE H 147 5.63 20.97 -4.53
C ILE H 147 4.28 20.43 -4.16
N SER H 148 4.25 19.51 -3.21
CA SER H 148 2.96 18.97 -2.81
C SER H 148 2.90 18.77 -1.27
N TYR H 149 1.71 18.95 -0.73
CA TYR H 149 1.48 18.98 0.74
C TYR H 149 -0.03 18.88 1.01
N THR H 150 -0.38 18.72 2.28
CA THR H 150 -1.79 18.67 2.68
C THR H 150 -2.14 19.90 3.51
N GLN H 151 -3.33 20.44 3.27
CA GLN H 151 -3.82 21.60 3.99
C GLN H 151 -4.92 21.18 4.94
N GLN H 152 -4.96 21.82 6.11
CA GLN H 152 -6.10 21.75 7.01
C GLN H 152 -6.87 23.05 6.98
N ASN H 153 -8.18 23.00 7.21
CA ASN H 153 -8.96 24.24 7.29
C ASN H 153 -8.41 25.18 8.35
N TYR H 154 -8.15 24.61 9.54
CA TYR H 154 -7.58 25.27 10.70
C TYR H 154 -6.30 24.55 11.18
N VAL H 155 -5.25 25.31 11.55
CA VAL H 155 -4.04 24.71 12.08
C VAL H 155 -3.93 24.97 13.57
N SER H 156 -3.43 24.00 14.34
CA SER H 156 -3.23 24.16 15.78
C SER H 156 -1.77 24.52 16.10
N GLU H 157 -1.55 25.70 16.69
CA GLU H 157 -0.22 26.15 17.06
C GLU H 157 -0.11 26.31 18.55
N VAL H 158 1.02 25.88 19.09
CA VAL H 158 1.33 26.15 20.49
C VAL H 158 1.76 27.61 20.55
N GLU H 159 1.06 28.41 21.33
CA GLU H 159 1.32 29.85 21.36
C GLU H 159 2.11 30.25 22.57
N GLN H 160 1.94 29.51 23.65
CA GLN H 160 2.93 29.69 24.70
C GLN H 160 2.93 28.48 25.59
N GLN H 161 4.08 28.19 26.19
CA GLN H 161 4.15 27.03 27.05
C GLN H 161 5.25 27.19 28.08
N ASN H 162 4.94 26.91 29.34
CA ASN H 162 5.97 26.79 30.36
C ASN H 162 5.53 25.79 31.40
N SER H 163 6.26 25.70 32.49
CA SER H 163 5.99 24.64 33.47
C SER H 163 4.63 24.80 34.13
N LYS H 164 3.98 25.93 33.88
CA LYS H 164 2.75 26.22 34.60
C LYS H 164 1.62 26.40 33.64
N SER H 165 1.88 26.25 32.35
CA SER H 165 0.77 26.61 31.46
C SER H 165 1.09 26.35 30.03
N VAL H 166 0.04 26.13 29.22
CA VAL H 166 0.21 26.02 27.78
C VAL H 166 -1.02 26.62 27.11
N LEU H 167 -0.82 27.32 26.01
CA LEU H 167 -1.88 28.00 25.28
C LEU H 167 -1.74 27.66 23.80
N TRP H 168 -2.84 27.14 23.24
CA TRP H 168 -2.96 26.85 21.82
C TRP H 168 -3.91 27.81 21.13
N GLY H 169 -3.59 28.11 19.88
CA GLY H 169 -4.50 28.75 18.96
C GLY H 169 -4.74 27.86 17.72
N VAL H 170 -6.01 27.58 17.43
CA VAL H 170 -6.43 26.83 16.23
C VAL H 170 -6.93 27.85 15.21
N LYS H 171 -6.18 28.05 14.12
CA LYS H 171 -6.38 29.25 13.31
C LYS H 171 -6.80 28.90 11.92
N ALA H 172 -7.72 29.70 11.39
CA ALA H 172 -8.17 29.51 10.02
C ALA H 172 -6.98 29.64 9.11
N ASN H 173 -6.93 28.76 8.11
CA ASN H 173 -5.73 28.59 7.28
C ASN H 173 -6.09 28.59 5.79
N SER H 174 -6.70 27.53 5.31
CA SER H 174 -7.01 27.40 3.89
C SER H 174 -8.25 26.59 3.65
N PHE H 175 -8.99 26.92 2.59
CA PHE H 175 -10.29 26.29 2.34
C PHE H 175 -10.40 25.92 0.89
N ALA H 176 -10.98 24.74 0.64
CA ALA H 176 -11.14 24.25 -0.73
C ALA H 176 -12.47 24.76 -1.30
N THR H 177 -12.41 25.55 -2.37
CA THR H 177 -13.61 26.09 -3.03
C THR H 177 -13.60 25.72 -4.51
N GLU H 178 -14.72 25.92 -5.20
CA GLU H 178 -14.80 25.54 -6.60
C GLU H 178 -13.80 26.30 -7.44
N SER H 179 -13.37 27.46 -6.96
CA SER H 179 -12.41 28.29 -7.69
C SER H 179 -10.95 28.01 -7.28
N GLY H 180 -10.74 26.88 -6.61
CA GLY H 180 -9.42 26.54 -6.10
C GLY H 180 -9.32 26.76 -4.59
N GLN H 181 -8.10 26.69 -4.06
CA GLN H 181 -7.93 26.83 -2.63
C GLN H 181 -7.92 28.30 -2.35
N LYS H 182 -8.52 28.69 -1.22
CA LYS H 182 -8.63 30.08 -0.85
C LYS H 182 -8.06 30.28 0.53
N SER H 183 -7.26 31.34 0.66
CA SER H 183 -6.58 31.67 1.91
C SER H 183 -7.52 32.29 2.92
N ALA H 184 -7.29 31.99 4.19
CA ALA H 184 -8.11 32.52 5.25
C ALA H 184 -7.97 34.05 5.38
N PHE H 185 -6.97 34.62 4.71
CA PHE H 185 -6.75 36.07 4.73
C PHE H 185 -7.28 36.84 3.49
N ASP H 186 -7.93 36.14 2.57
CA ASP H 186 -8.65 36.80 1.45
C ASP H 186 -9.83 37.57 1.93
N SER H 187 -9.84 38.86 1.61
CA SER H 187 -10.92 39.73 2.04
C SER H 187 -12.25 39.32 1.39
N ASP H 188 -12.18 38.53 0.32
CA ASP H 188 -13.37 38.04 -0.36
C ASP H 188 -13.86 36.69 0.14
N LEU H 189 -13.20 36.16 1.16
CA LEU H 189 -13.58 34.88 1.69
C LEU H 189 -15.01 34.92 2.29
N PHE H 190 -15.83 33.96 1.84
CA PHE H 190 -17.21 33.80 2.26
C PHE H 190 -18.16 34.81 1.65
N VAL H 191 -17.66 35.71 0.81
CA VAL H 191 -18.53 36.68 0.18
C VAL H 191 -19.46 36.00 -0.82
N GLY H 192 -20.75 36.37 -0.75
CA GLY H 192 -21.83 35.64 -1.36
C GLY H 192 -22.22 36.04 -2.78
N TYR H 193 -23.49 35.77 -3.12
CA TYR H 193 -23.96 35.70 -4.53
C TYR H 193 -25.25 36.44 -4.81
N LYS H 194 -25.95 36.90 -3.77
CA LYS H 194 -27.31 37.45 -3.91
C LYS H 194 -27.41 38.90 -3.49
N PRO H 195 -26.81 39.81 -4.29
CA PRO H 195 -27.07 41.23 -4.10
C PRO H 195 -28.32 41.64 -4.92
N HIS H 196 -29.28 42.32 -4.34
CA HIS H 196 -29.35 42.61 -2.92
C HIS H 196 -30.66 41.94 -2.57
N SER H 197 -30.71 41.35 -1.39
CA SER H 197 -31.87 40.59 -0.99
C SER H 197 -32.38 41.04 0.37
N LYS H 198 -31.76 42.08 0.93
CA LYS H 198 -32.17 42.62 2.24
C LYS H 198 -31.77 41.70 3.39
N ASP H 199 -31.70 40.39 3.11
CA ASP H 199 -31.32 39.39 4.09
C ASP H 199 -29.78 39.35 4.12
N PRO H 200 -29.16 39.80 5.23
CA PRO H 200 -27.69 39.81 5.30
C PRO H 200 -27.09 38.44 5.05
N ARG H 201 -27.83 37.39 5.43
CA ARG H 201 -27.39 36.02 5.23
C ARG H 201 -27.10 35.74 3.75
N ASP H 202 -27.87 36.37 2.86
CA ASP H 202 -27.68 36.13 1.44
C ASP H 202 -26.49 36.89 0.84
N TYR H 203 -25.88 37.81 1.61
CA TYR H 203 -24.67 38.48 1.11
C TYR H 203 -23.45 37.58 1.21
N PHE H 204 -23.67 36.41 1.80
CA PHE H 204 -22.57 35.51 2.06
C PHE H 204 -22.87 34.12 1.56
N VAL H 205 -21.77 33.45 1.29
CA VAL H 205 -21.76 32.06 0.90
C VAL H 205 -22.73 31.19 1.75
N PRO H 206 -23.41 30.23 1.12
CA PRO H 206 -24.31 29.37 1.89
C PRO H 206 -23.60 28.30 2.73
N ASP H 207 -24.33 27.71 3.68
CA ASP H 207 -23.74 26.78 4.64
C ASP H 207 -22.88 25.68 4.00
N SER H 208 -23.32 25.16 2.85
CA SER H 208 -22.61 24.06 2.22
C SER H 208 -21.25 24.49 1.72
N GLU H 209 -21.02 25.80 1.60
CA GLU H 209 -19.70 26.29 1.21
C GLU H 209 -18.91 26.81 2.38
N LEU H 210 -19.45 26.59 3.59
CA LEU H 210 -18.78 26.95 4.84
C LEU H 210 -18.18 25.71 5.47
N PRO H 211 -16.96 25.84 5.99
CA PRO H 211 -16.38 24.69 6.68
C PRO H 211 -17.12 24.45 8.00
N PRO H 212 -17.18 23.20 8.48
CA PRO H 212 -17.83 22.85 9.76
C PRO H 212 -17.43 23.74 10.97
N LEU H 213 -16.16 24.10 11.04
CA LEU H 213 -15.68 24.93 12.15
C LEU H 213 -16.22 26.38 12.07
N VAL H 214 -16.71 26.79 10.90
CA VAL H 214 -17.39 28.07 10.78
C VAL H 214 -18.92 27.93 10.85
N GLN H 215 -19.47 26.87 10.27
CA GLN H 215 -20.91 26.69 10.24
C GLN H 215 -21.46 26.24 11.59
N SER H 216 -20.71 25.38 12.27
CA SER H 216 -21.16 24.76 13.53
C SER H 216 -20.25 25.11 14.74
N GLY H 217 -18.96 24.83 14.60
CA GLY H 217 -18.01 25.09 15.67
C GLY H 217 -16.93 24.05 15.77
N PHE H 218 -16.18 24.09 16.86
CA PHE H 218 -14.99 23.29 17.06
C PHE H 218 -15.18 22.32 18.25
N ASN H 219 -14.78 21.07 18.04
CA ASN H 219 -14.75 20.05 19.09
C ASN H 219 -13.31 19.81 19.47
N PRO H 220 -12.80 20.56 20.44
CA PRO H 220 -11.40 20.44 20.80
C PRO H 220 -11.02 19.05 21.30
N SER H 221 -9.76 18.69 21.11
CA SER H 221 -9.18 17.50 21.67
C SER H 221 -7.70 17.77 21.99
N PHE H 222 -7.42 18.01 23.26
CA PHE H 222 -6.11 18.50 23.66
C PHE H 222 -5.75 17.69 24.84
N ILE H 223 -4.48 17.52 25.07
CA ILE H 223 -4.14 16.72 26.22
C ILE H 223 -2.95 17.32 26.92
N ALA H 224 -2.96 17.20 28.25
CA ALA H 224 -1.83 17.72 29.01
C ALA H 224 -1.56 16.85 30.19
N THR H 225 -0.31 16.68 30.53
CA THR H 225 0.05 15.81 31.65
C THR H 225 0.89 16.64 32.60
N VAL H 226 0.51 16.59 33.88
CA VAL H 226 1.24 17.35 34.89
C VAL H 226 1.72 16.47 36.03
N SER H 227 2.87 16.86 36.59
CA SER H 227 3.40 16.24 37.81
C SER H 227 3.02 17.07 39.00
N HIS H 228 2.92 16.38 40.13
CA HIS H 228 2.81 17.04 41.40
C HIS H 228 3.77 16.45 42.44
N GLU H 229 4.51 17.31 43.14
CA GLU H 229 5.43 16.87 44.20
C GLU H 229 4.68 16.18 45.35
N LYS H 230 5.02 14.94 45.65
CA LYS H 230 4.30 14.14 46.64
C LYS H 230 4.36 14.68 48.08
N GLY H 231 3.23 14.62 48.77
CA GLY H 231 3.18 15.08 50.16
C GLY H 231 3.37 16.59 50.32
N SER H 232 3.16 17.35 49.26
CA SER H 232 3.18 18.81 49.36
C SER H 232 1.72 19.35 49.47
N SER H 233 1.30 20.22 48.55
CA SER H 233 -0.05 20.78 48.57
C SER H 233 -1.08 19.66 48.51
N ASP H 234 -2.11 19.75 49.33
CA ASP H 234 -3.19 18.76 49.33
C ASP H 234 -3.99 18.88 48.03
N THR H 235 -4.10 20.11 47.55
CA THR H 235 -4.95 20.40 46.42
C THR H 235 -4.23 21.31 45.43
N SER H 236 -4.67 21.28 44.17
CA SER H 236 -4.13 22.19 43.16
C SER H 236 -5.27 22.74 42.33
N GLU H 237 -5.11 23.95 41.83
CA GLU H 237 -6.10 24.56 40.96
C GLU H 237 -5.63 24.60 39.54
N PHE H 238 -6.55 24.29 38.63
CA PHE H 238 -6.28 24.41 37.20
C PHE H 238 -7.34 25.27 36.59
N GLU H 239 -6.92 26.16 35.73
CA GLU H 239 -7.86 26.97 35.02
C GLU H 239 -7.79 26.66 33.52
N ILE H 240 -8.96 26.32 32.97
CA ILE H 240 -9.06 25.94 31.56
C ILE H 240 -9.93 26.90 30.82
N THR H 241 -9.42 27.32 29.67
CA THR H 241 -9.97 28.41 28.89
C THR H 241 -10.28 27.94 27.46
N TYR H 242 -11.52 28.13 27.03
CA TYR H 242 -11.97 27.83 25.69
C TYR H 242 -12.62 29.04 25.14
N GLY H 243 -12.34 29.41 23.91
CA GLY H 243 -12.99 30.58 23.33
C GLY H 243 -12.62 30.78 21.87
N ARG H 244 -12.98 31.96 21.35
CA ARG H 244 -12.85 32.35 19.95
C ARG H 244 -12.25 33.75 19.84
N ASN H 245 -11.57 33.99 18.72
CA ASN H 245 -11.31 35.33 18.24
C ASN H 245 -12.15 35.43 16.98
N MET H 246 -12.82 36.58 16.78
CA MET H 246 -13.76 36.74 15.66
C MET H 246 -13.24 37.74 14.65
N ASP H 247 -13.41 37.40 13.39
CA ASP H 247 -13.22 38.35 12.33
C ASP H 247 -14.60 38.83 11.91
N VAL H 248 -14.61 39.97 11.22
CA VAL H 248 -15.81 40.40 10.53
C VAL H 248 -15.50 40.56 9.04
N THR H 249 -16.43 40.11 8.22
CA THR H 249 -16.36 40.35 6.78
C THR H 249 -17.57 41.18 6.37
N HIS H 250 -17.28 42.37 5.84
CA HIS H 250 -18.31 43.26 5.28
C HIS H 250 -18.40 42.96 3.81
N ALA H 251 -19.62 42.75 3.36
CA ALA H 251 -19.89 42.54 1.95
C ALA H 251 -20.62 43.79 1.42
N ILE H 252 -20.05 44.37 0.37
CA ILE H 252 -20.53 45.63 -0.17
C ILE H 252 -20.99 45.45 -1.61
N LYS H 253 -22.18 45.97 -1.88
CA LYS H 253 -22.76 45.92 -3.23
C LYS H 253 -22.16 47.02 -4.11
N ARG H 254 -21.91 46.67 -5.37
CA ARG H 254 -21.31 47.56 -6.35
C ARG H 254 -21.87 47.24 -7.73
N SER H 255 -21.57 48.08 -8.74
CA SER H 255 -22.13 47.90 -10.09
C SER H 255 -21.25 48.51 -11.16
N GLY H 259 -28.48 47.06 -12.43
CA GLY H 259 -28.31 46.19 -13.58
C GLY H 259 -27.42 45.00 -13.26
N ASN H 260 -26.13 45.15 -13.53
CA ASN H 260 -25.13 44.16 -13.16
C ASN H 260 -24.48 44.52 -11.81
N SER H 261 -25.11 44.07 -10.73
CA SER H 261 -24.65 44.37 -9.38
C SER H 261 -23.78 43.26 -8.82
N TYR H 262 -22.69 43.68 -8.18
CA TYR H 262 -21.57 42.84 -7.82
C TYR H 262 -21.24 43.00 -6.33
N LEU H 263 -20.67 41.97 -5.72
CA LEU H 263 -20.48 41.97 -4.26
C LEU H 263 -19.02 41.82 -3.90
N ASP H 264 -18.41 42.83 -3.28
CA ASP H 264 -16.99 42.72 -2.91
C ASP H 264 -16.78 42.85 -1.40
N GLY H 265 -15.67 42.27 -0.94
CA GLY H 265 -15.48 42.00 0.47
C GLY H 265 -14.42 42.85 1.10
N HIS H 266 -14.69 43.22 2.35
CA HIS H 266 -13.74 43.96 3.15
C HIS H 266 -13.66 43.30 4.54
N ARG H 267 -12.44 43.10 5.02
CA ARG H 267 -12.24 42.30 6.22
C ARG H 267 -11.77 43.15 7.36
N VAL H 268 -12.35 42.90 8.52
CA VAL H 268 -11.82 43.40 9.79
C VAL H 268 -11.25 42.23 10.58
N HIS H 269 -9.93 42.16 10.60
CA HIS H 269 -9.25 41.06 11.23
C HIS H 269 -9.12 41.29 12.72
N ASN H 270 -9.33 40.24 13.50
CA ASN H 270 -9.30 40.36 14.95
C ASN H 270 -10.26 41.45 15.42
N ALA H 271 -11.47 41.48 14.85
CA ALA H 271 -12.50 42.39 15.33
C ALA H 271 -12.78 42.18 16.83
N PHE H 272 -12.87 40.92 17.26
CA PHE H 272 -13.12 40.57 18.66
C PHE H 272 -12.18 39.47 19.12
N VAL H 273 -11.56 39.64 20.26
CA VAL H 273 -10.43 38.82 20.63
C VAL H 273 -10.61 38.25 22.03
N ASN H 274 -10.20 37.01 22.21
CA ASN H 274 -10.27 36.34 23.49
C ASN H 274 -11.67 36.40 24.09
N ARG H 275 -12.65 36.12 23.23
CA ARG H 275 -14.01 35.86 23.64
C ARG H 275 -13.96 34.47 24.20
N ASN H 276 -13.63 34.39 25.49
CA ASN H 276 -13.23 33.15 26.13
C ASN H 276 -14.02 32.81 27.37
N TYR H 277 -14.25 31.51 27.54
CA TYR H 277 -14.85 30.94 28.70
C TYR H 277 -13.81 30.21 29.53
N THR H 278 -13.70 30.63 30.78
CA THR H 278 -12.72 30.13 31.70
C THR H 278 -13.35 29.47 32.92
N VAL H 279 -12.91 28.25 33.24
CA VAL H 279 -13.46 27.50 34.35
C VAL H 279 -12.33 27.06 35.23
N LYS H 280 -12.56 27.07 36.54
CA LYS H 280 -11.50 26.82 37.49
C LYS H 280 -11.82 25.57 38.25
N TYR H 281 -10.94 24.56 38.16
CA TYR H 281 -11.16 23.29 38.78
C TYR H 281 -10.13 23.20 39.85
N GLU H 282 -10.41 22.43 40.89
CA GLU H 282 -9.47 22.19 41.94
C GLU H 282 -9.38 20.71 42.16
N VAL H 283 -8.18 20.13 42.13
CA VAL H 283 -8.06 18.69 42.38
C VAL H 283 -7.46 18.41 43.74
N ASN H 284 -7.97 17.36 44.37
CA ASN H 284 -7.40 16.82 45.58
C ASN H 284 -6.51 15.64 45.25
N TRP H 285 -5.21 15.74 45.58
CA TRP H 285 -4.28 14.68 45.22
C TRP H 285 -4.41 13.42 46.07
N LYS H 286 -4.98 13.51 47.26
CA LYS H 286 -5.14 12.36 48.13
C LYS H 286 -6.51 11.69 48.00
N THR H 287 -7.57 12.48 47.91
CA THR H 287 -8.94 11.92 47.83
C THR H 287 -9.46 11.81 46.38
N HIS H 288 -8.78 12.46 45.43
CA HIS H 288 -9.24 12.48 44.04
C HIS H 288 -10.61 13.16 43.89
N GLU H 289 -10.90 14.08 44.79
CA GLU H 289 -12.04 14.94 44.64
C GLU H 289 -11.73 16.02 43.61
N ILE H 290 -12.69 16.27 42.74
CA ILE H 290 -12.65 17.42 41.84
C ILE H 290 -13.71 18.41 42.31
N LYS H 291 -13.38 19.69 42.24
CA LYS H 291 -14.33 20.76 42.59
C LYS H 291 -14.26 21.83 41.53
N VAL H 292 -15.39 22.38 41.18
CA VAL H 292 -15.42 23.54 40.32
C VAL H 292 -15.50 24.71 41.24
N LYS H 293 -14.49 25.59 41.15
CA LYS H 293 -14.32 26.68 42.09
C LYS H 293 -14.79 28.00 41.48
N GLY H 294 -14.94 28.06 40.17
CA GLY H 294 -15.32 29.30 39.55
C GLY H 294 -15.42 29.28 38.06
N GLN H 295 -16.04 30.32 37.51
CA GLN H 295 -16.16 30.47 36.08
C GLN H 295 -16.51 31.88 35.66
N ASN H 296 -16.07 32.15 34.45
CA ASN H 296 -15.97 33.42 33.77
C ASN H 296 -17.25 34.27 33.69
#